data_5X1W
#
_entry.id   5X1W
#
_cell.length_a   80.823
_cell.length_b   153.486
_cell.length_c   94.207
_cell.angle_alpha   90.00
_cell.angle_beta   103.52
_cell.angle_gamma   90.00
#
_symmetry.space_group_name_H-M   'P 1 21 1'
#
loop_
_entity.id
_entity.type
_entity.pdbx_description
1 polymer 'Pyruvate kinase PKM'
2 non-polymer 1,6-di-O-phosphono-beta-D-fructofuranose
3 non-polymer 4-[2,3-bis(chloranyl)phenyl]carbonyl-N-[2-[[4-[2,3-bis(chloranyl)phenyl]carbonyl-1-methyl-pyrrol-2-yl]carbonylamino]ethyl]-1-methyl-pyrrole-2-carboxamide
4 water water
#
_entity_poly.entity_id   1
_entity_poly.type   'polypeptide(L)'
_entity_poly.pdbx_seq_one_letter_code
;MGSSHHHHHHSSGLVPRGSMSKPHSEAGTAFIQTQQLHAAMADTFLEHMCRLDIDSPPITARNTGIICTIGPASRSVETL
KEMIKSGMNVARLNFSHGTHEYHAETIKNVRTATESFASDPILYRPVAVALDTKGPEIRTGLIKGSGTAEVELKKGATLK
ITLDNAYMEKCDENILWLDYKNICKVVEVGSKIYVDDGLISLQVKQKGADFLVTEVENGGSLGSKKGVNLPGAAVDLPAV
SEKDIQDLKFGVEQDVDMVFASFIRKASDVHEVRKVLGEKGKNIKIISKIENHEGVRRFDEILEASDGIMVARGDLGIEI
PAEKVFLAQKMMIGRCNRAGKPVICATQMLESMIKKPRPTRAEGSDVANAVLDGADCIMLSGETAKGDYPLEAVRMQHLI
AREAEAAIYHLQLFEELRRLAPITSDPTEATAVGAVEASFKCCSGAIIVLTKSGRSAHQVARYRPRAPIIAVTRNPQTAR
QAHLYRGIFPVLCKDPVQEAWAEDVDLRVNFAMNVGKARGFFKKGDVVIVLTGWRPGSGFTNTMRVVPVP
;
_entity_poly.pdbx_strand_id   A,B,C,D
#
loop_
_chem_comp.id
_chem_comp.type
_chem_comp.name
_chem_comp.formula
7Y0 non-polymer 4-[2,3-bis(chloranyl)phenyl]carbonyl-N-[2-[[4-[2,3-bis(chloranyl)phenyl]carbonyl-1-methyl-pyrrol-2-yl]carbonylamino]ethyl]-1-methyl-pyrrole-2-carboxamide 'C28 H22 Cl4 N4 O4'
FBP D-saccharide, beta linking 1,6-di-O-phosphono-beta-D-fructofuranose 'C6 H14 O12 P2'
#
# COMPACT_ATOMS: atom_id res chain seq x y z
N GLN A 33 20.53 -15.33 3.05
CA GLN A 33 21.30 -15.19 4.33
C GLN A 33 20.46 -15.67 5.52
N THR A 34 20.54 -14.97 6.67
CA THR A 34 19.87 -15.40 7.90
C THR A 34 18.50 -14.73 8.09
N GLN A 35 17.77 -15.21 9.10
CA GLN A 35 16.56 -14.59 9.70
C GLN A 35 15.32 -14.35 8.80
N GLN A 36 15.29 -15.02 7.64
CA GLN A 36 14.40 -14.71 6.51
C GLN A 36 14.40 -13.24 6.07
N LEU A 37 15.61 -12.66 5.98
CA LEU A 37 15.80 -11.25 5.66
C LEU A 37 15.55 -10.91 4.21
N HIS A 38 15.72 -11.90 3.32
CA HIS A 38 15.36 -11.75 1.91
C HIS A 38 13.85 -11.69 1.73
N ALA A 39 13.14 -12.47 2.55
CA ALA A 39 11.67 -12.39 2.62
C ALA A 39 11.14 -11.09 3.22
N ALA A 40 11.91 -10.49 4.13
CA ALA A 40 11.57 -9.20 4.74
C ALA A 40 11.63 -7.99 3.77
N MET A 41 12.43 -8.11 2.70
CA MET A 41 12.56 -7.07 1.66
C MET A 41 11.48 -7.11 0.57
N ALA A 42 10.51 -8.01 0.66
CA ALA A 42 9.48 -8.19 -0.37
C ALA A 42 8.45 -7.05 -0.39
N ASP A 43 8.08 -6.63 -1.59
CA ASP A 43 7.14 -5.52 -1.79
C ASP A 43 5.70 -5.93 -1.48
N THR A 44 5.40 -7.20 -1.73
CA THR A 44 4.05 -7.75 -1.60
C THR A 44 4.08 -8.94 -0.60
N PHE A 45 2.92 -9.22 0.02
CA PHE A 45 2.71 -10.36 0.96
C PHE A 45 2.95 -11.73 0.31
N LEU A 46 2.51 -11.88 -0.93
CA LEU A 46 2.68 -13.11 -1.70
C LEU A 46 4.14 -13.40 -1.98
N GLU A 47 4.91 -12.36 -2.34
CA GLU A 47 6.37 -12.45 -2.52
C GLU A 47 7.14 -12.73 -1.22
N HIS A 48 6.62 -12.27 -0.07
CA HIS A 48 7.16 -12.62 1.26
C HIS A 48 7.07 -14.12 1.53
N MET A 49 5.90 -14.68 1.19
CA MET A 49 5.65 -16.12 1.25
C MET A 49 6.53 -16.89 0.29
N CYS A 50 6.65 -16.39 -0.94
CA CYS A 50 7.52 -16.97 -2.00
C CYS A 50 9.01 -17.02 -1.67
N ARG A 51 9.49 -16.02 -0.94
CA ARG A 51 10.90 -15.94 -0.54
C ARG A 51 11.23 -16.60 0.82
N LEU A 52 10.29 -17.35 1.40
CA LEU A 52 10.54 -18.11 2.63
C LEU A 52 11.45 -19.30 2.37
N ASP A 53 12.67 -19.19 2.89
CA ASP A 53 13.79 -20.08 2.60
C ASP A 53 13.98 -21.01 3.80
N ILE A 54 14.02 -22.32 3.55
CA ILE A 54 14.32 -23.30 4.61
C ILE A 54 15.82 -23.32 4.98
N ASP A 55 16.69 -22.86 4.07
CA ASP A 55 18.13 -22.77 4.31
C ASP A 55 18.56 -21.46 5.00
N SER A 56 17.59 -20.62 5.38
CA SER A 56 17.83 -19.41 6.14
C SER A 56 17.66 -19.67 7.64
N PRO A 57 18.78 -19.72 8.43
CA PRO A 57 18.63 -19.98 9.86
C PRO A 57 18.17 -18.74 10.66
N PRO A 58 17.37 -18.96 11.71
CA PRO A 58 16.99 -17.83 12.57
C PRO A 58 18.08 -17.46 13.59
N ILE A 59 17.94 -16.27 14.19
CA ILE A 59 18.71 -15.87 15.40
C ILE A 59 18.34 -16.71 16.63
N THR A 60 19.22 -16.70 17.63
CA THR A 60 19.11 -17.53 18.85
C THR A 60 17.87 -17.25 19.75
N ALA A 61 17.37 -16.01 19.72
CA ALA A 61 16.24 -15.59 20.56
C ALA A 61 14.88 -16.10 20.06
N ARG A 62 14.10 -16.64 21.00
CA ARG A 62 12.72 -17.11 20.78
C ARG A 62 11.75 -16.18 21.53
N ASN A 63 10.98 -15.39 20.77
CA ASN A 63 10.12 -14.32 21.32
C ASN A 63 8.78 -14.69 21.99
N THR A 64 8.12 -15.73 21.51
CA THR A 64 6.80 -16.18 22.02
C THR A 64 6.97 -16.91 23.35
N GLY A 65 6.07 -16.68 24.30
CA GLY A 65 6.10 -17.40 25.58
C GLY A 65 5.61 -18.84 25.45
N ILE A 66 6.27 -19.77 26.15
CA ILE A 66 5.75 -21.13 26.25
C ILE A 66 5.15 -21.35 27.65
N ILE A 67 3.84 -21.60 27.67
CA ILE A 67 3.13 -21.96 28.89
C ILE A 67 3.03 -23.49 28.90
N CYS A 68 3.30 -24.10 30.07
CA CYS A 68 3.18 -25.54 30.24
C CYS A 68 2.28 -25.88 31.41
N THR A 69 1.34 -26.80 31.18
CA THR A 69 0.56 -27.38 32.26
C THR A 69 1.46 -28.38 33.00
N ILE A 70 1.53 -28.27 34.32
CA ILE A 70 2.32 -29.20 35.12
C ILE A 70 1.36 -30.24 35.71
N GLY A 71 1.71 -31.52 35.57
CA GLY A 71 0.88 -32.61 36.06
C GLY A 71 1.79 -33.73 36.56
N PRO A 72 1.31 -35.00 36.54
CA PRO A 72 2.07 -36.19 36.95
C PRO A 72 3.42 -36.44 36.24
N ALA A 73 3.49 -36.11 34.95
CA ALA A 73 4.67 -36.38 34.15
C ALA A 73 5.78 -35.34 34.21
N SER A 74 5.57 -34.26 34.97
CA SER A 74 6.55 -33.17 35.00
C SER A 74 6.67 -32.38 36.29
N ARG A 75 6.16 -32.87 37.42
CA ARG A 75 6.17 -32.05 38.64
C ARG A 75 7.37 -32.20 39.57
N SER A 76 8.30 -33.08 39.23
CA SER A 76 9.55 -33.20 39.99
C SER A 76 10.48 -32.03 39.67
N VAL A 77 11.35 -31.71 40.63
CA VAL A 77 12.34 -30.61 40.55
C VAL A 77 13.33 -30.84 39.40
N GLU A 78 13.77 -32.10 39.27
CA GLU A 78 14.60 -32.65 38.17
C GLU A 78 14.05 -32.39 36.77
N THR A 79 12.77 -32.72 36.55
CA THR A 79 12.10 -32.53 35.27
C THR A 79 11.85 -31.04 35.02
N LEU A 80 11.39 -30.32 36.04
CA LEU A 80 11.18 -28.85 35.99
C LEU A 80 12.44 -28.02 35.72
N LYS A 81 13.61 -28.51 36.14
CA LYS A 81 14.90 -27.94 35.74
C LYS A 81 15.15 -28.10 34.23
N GLU A 82 14.83 -29.28 33.71
CA GLU A 82 14.98 -29.58 32.29
C GLU A 82 13.88 -28.93 31.41
N MET A 83 12.74 -28.57 32.00
CA MET A 83 11.69 -27.82 31.28
C MET A 83 12.09 -26.36 31.00
N ILE A 84 12.70 -25.74 32.02
CA ILE A 84 13.26 -24.39 31.96
C ILE A 84 14.40 -24.30 30.93
N LYS A 85 15.29 -25.31 30.95
CA LYS A 85 16.36 -25.48 29.95
C LYS A 85 15.87 -25.70 28.52
N SER A 86 14.77 -26.45 28.38
CA SER A 86 14.09 -26.61 27.09
C SER A 86 13.32 -25.36 26.62
N GLY A 87 12.96 -24.47 27.55
CA GLY A 87 12.39 -23.17 27.21
C GLY A 87 11.03 -22.80 27.79
N MET A 88 10.65 -23.41 28.92
CA MET A 88 9.39 -23.09 29.62
C MET A 88 9.49 -21.71 30.27
N ASN A 89 8.49 -20.89 29.98
CA ASN A 89 8.39 -19.56 30.52
C ASN A 89 7.34 -19.42 31.64
N VAL A 90 6.21 -20.11 31.52
CA VAL A 90 5.08 -20.04 32.48
C VAL A 90 4.69 -21.47 32.88
N ALA A 91 4.53 -21.73 34.18
CA ALA A 91 3.93 -22.98 34.68
C ALA A 91 2.44 -22.76 34.97
N ARG A 92 1.58 -23.42 34.22
CA ARG A 92 0.12 -23.39 34.40
C ARG A 92 -0.28 -24.52 35.33
N LEU A 93 -1.21 -24.26 36.25
CA LEU A 93 -1.82 -25.32 37.05
C LEU A 93 -3.32 -25.33 36.75
N ASN A 94 -3.82 -26.50 36.36
CA ASN A 94 -5.22 -26.72 36.05
C ASN A 94 -5.91 -27.13 37.35
N PHE A 95 -6.80 -26.27 37.85
CA PHE A 95 -7.54 -26.52 39.11
C PHE A 95 -8.88 -27.25 38.88
N SER A 96 -9.08 -27.81 37.68
CA SER A 96 -10.17 -28.75 37.40
C SER A 96 -10.04 -30.04 38.21
N HIS A 97 -8.80 -30.50 38.42
CA HIS A 97 -8.48 -31.65 39.27
C HIS A 97 -7.38 -31.27 40.25
N GLY A 98 -7.11 -32.15 41.21
CA GLY A 98 -6.06 -31.97 42.20
C GLY A 98 -6.49 -31.15 43.41
N THR A 99 -5.96 -31.51 44.57
CA THR A 99 -6.24 -30.79 45.81
C THR A 99 -5.29 -29.62 45.96
N HIS A 100 -5.49 -28.84 47.03
CA HIS A 100 -4.64 -27.69 47.35
C HIS A 100 -3.22 -28.07 47.80
N GLU A 101 -3.04 -29.26 48.38
CA GLU A 101 -1.72 -29.78 48.73
C GLU A 101 -0.90 -30.17 47.50
N TYR A 102 -1.56 -30.75 46.50
CA TYR A 102 -0.95 -31.17 45.22
C TYR A 102 -0.43 -29.96 44.45
N HIS A 103 -1.22 -28.90 44.40
CA HIS A 103 -0.84 -27.67 43.72
C HIS A 103 0.21 -26.85 44.47
N ALA A 104 0.18 -26.87 45.81
CA ALA A 104 1.18 -26.18 46.64
C ALA A 104 2.57 -26.82 46.54
N GLU A 105 2.60 -28.15 46.51
CA GLU A 105 3.84 -28.91 46.36
C GLU A 105 4.41 -28.81 44.93
N THR A 106 3.53 -28.64 43.94
CA THR A 106 3.93 -28.35 42.55
C THR A 106 4.59 -26.95 42.44
N ILE A 107 3.91 -25.93 43.00
CA ILE A 107 4.38 -24.53 43.14
C ILE A 107 5.75 -24.42 43.84
N LYS A 108 5.90 -25.18 44.93
CA LYS A 108 7.17 -25.32 45.67
C LYS A 108 8.28 -25.95 44.81
N ASN A 109 7.92 -26.98 44.04
CA ASN A 109 8.87 -27.64 43.13
C ASN A 109 9.28 -26.83 41.90
N VAL A 110 8.36 -25.99 41.42
CA VAL A 110 8.63 -25.02 40.33
C VAL A 110 9.72 -24.03 40.80
N ARG A 111 9.50 -23.45 41.98
CA ARG A 111 10.40 -22.47 42.58
C ARG A 111 11.75 -23.05 43.04
N THR A 112 11.77 -24.34 43.39
CA THR A 112 13.02 -25.05 43.71
C THR A 112 13.88 -25.18 42.46
N ALA A 113 13.24 -25.52 41.34
CA ALA A 113 13.92 -25.62 40.05
C ALA A 113 14.26 -24.26 39.43
N THR A 114 13.42 -23.24 39.67
CA THR A 114 13.66 -21.88 39.17
C THR A 114 14.82 -21.20 39.91
N GLU A 115 14.81 -21.26 41.24
CA GLU A 115 15.87 -20.63 42.05
C GLU A 115 17.19 -21.43 42.12
N SER A 116 17.24 -22.63 41.55
CA SER A 116 18.49 -23.38 41.36
C SER A 116 19.44 -22.75 40.32
N PHE A 117 18.91 -21.95 39.39
CA PHE A 117 19.71 -21.17 38.44
C PHE A 117 20.02 -19.74 38.91
N ALA A 118 19.58 -19.37 40.11
CA ALA A 118 19.68 -17.97 40.56
C ALA A 118 21.05 -17.51 41.08
N SER A 119 22.02 -18.42 41.19
CA SER A 119 23.36 -18.11 41.72
C SER A 119 24.22 -17.25 40.78
N ASP A 120 24.05 -17.47 39.48
CA ASP A 120 24.52 -16.53 38.47
C ASP A 120 23.29 -15.85 37.86
N PRO A 121 23.08 -14.55 38.17
CA PRO A 121 21.90 -13.80 37.70
C PRO A 121 21.86 -13.47 36.20
N ILE A 122 23.02 -13.57 35.54
CA ILE A 122 23.13 -13.40 34.08
C ILE A 122 22.46 -14.59 33.33
N LEU A 123 22.51 -15.79 33.92
CA LEU A 123 21.82 -16.97 33.34
C LEU A 123 20.49 -17.39 34.01
N TYR A 124 20.02 -16.62 34.99
CA TYR A 124 18.72 -16.87 35.62
C TYR A 124 17.53 -16.41 34.75
N ARG A 125 16.73 -17.37 34.28
CA ARG A 125 15.46 -17.08 33.58
C ARG A 125 14.29 -17.08 34.59
N PRO A 126 13.49 -16.00 34.65
CA PRO A 126 12.28 -15.97 35.48
C PRO A 126 11.19 -16.86 34.92
N VAL A 127 10.48 -17.57 35.81
CA VAL A 127 9.40 -18.50 35.44
C VAL A 127 8.13 -18.11 36.18
N ALA A 128 7.09 -17.77 35.43
CA ALA A 128 5.80 -17.41 36.01
C ALA A 128 5.05 -18.63 36.49
N VAL A 129 4.15 -18.42 37.45
CA VAL A 129 3.24 -19.44 37.97
C VAL A 129 1.83 -18.94 37.64
N ALA A 130 1.05 -19.80 36.97
CA ALA A 130 -0.30 -19.46 36.51
C ALA A 130 -1.34 -20.40 37.12
N LEU A 131 -2.43 -19.80 37.62
CA LEU A 131 -3.59 -20.54 38.09
C LEU A 131 -4.63 -20.52 36.99
N ASP A 132 -5.23 -21.68 36.70
CA ASP A 132 -6.30 -21.81 35.72
C ASP A 132 -7.48 -22.36 36.51
N THR A 133 -8.57 -21.59 36.56
CA THR A 133 -9.75 -21.95 37.36
C THR A 133 -10.54 -23.12 36.76
N LYS A 134 -11.32 -23.80 37.61
CA LYS A 134 -12.22 -24.86 37.18
C LYS A 134 -13.38 -24.21 36.44
N GLY A 135 -14.00 -23.20 37.06
CA GLY A 135 -15.06 -22.44 36.42
C GLY A 135 -16.39 -23.18 36.44
N PRO A 136 -17.37 -22.69 35.64
CA PRO A 136 -18.62 -23.44 35.52
C PRO A 136 -18.49 -24.67 34.62
N GLU A 137 -18.02 -25.77 35.21
CA GLU A 137 -17.86 -27.05 34.52
C GLU A 137 -18.97 -28.02 34.90
N ILE A 138 -19.51 -28.71 33.90
CA ILE A 138 -20.39 -29.85 34.09
C ILE A 138 -19.52 -31.08 33.85
N ARG A 139 -19.55 -32.04 34.78
CA ARG A 139 -18.64 -33.19 34.74
C ARG A 139 -19.32 -34.49 35.22
N THR A 140 -18.87 -35.63 34.69
CA THR A 140 -19.46 -36.95 35.00
C THR A 140 -18.91 -37.59 36.28
N GLY A 141 -19.59 -38.65 36.73
CA GLY A 141 -19.14 -39.44 37.90
C GLY A 141 -18.16 -40.55 37.55
N LEU A 142 -17.93 -41.45 38.50
CA LEU A 142 -16.96 -42.56 38.34
C LEU A 142 -17.60 -43.82 37.74
N ILE A 143 -17.00 -44.30 36.65
CA ILE A 143 -17.42 -45.53 35.97
C ILE A 143 -16.98 -46.75 36.79
N LYS A 144 -17.96 -47.58 37.19
CA LYS A 144 -17.79 -48.87 37.91
C LYS A 144 -17.05 -48.83 39.27
N GLY A 145 -17.14 -47.69 39.95
CA GLY A 145 -16.40 -47.47 41.21
C GLY A 145 -14.91 -47.23 41.00
N SER A 146 -14.54 -46.74 39.83
CA SER A 146 -13.14 -46.53 39.48
C SER A 146 -12.93 -45.26 38.65
N GLY A 147 -11.71 -44.71 38.69
CA GLY A 147 -11.34 -43.54 37.90
C GLY A 147 -10.83 -43.90 36.51
N THR A 148 -10.38 -45.14 36.35
CA THR A 148 -9.75 -45.59 35.09
C THR A 148 -10.58 -46.63 34.30
N ALA A 149 -11.73 -47.03 34.83
CA ALA A 149 -12.61 -47.99 34.13
C ALA A 149 -13.37 -47.33 32.99
N GLU A 150 -13.62 -48.11 31.92
CA GLU A 150 -14.24 -47.60 30.70
C GLU A 150 -15.34 -48.51 30.18
N VAL A 151 -16.57 -48.00 30.10
CA VAL A 151 -17.65 -48.67 29.38
C VAL A 151 -17.60 -48.30 27.90
N GLU A 152 -18.23 -49.12 27.06
CA GLU A 152 -18.19 -48.95 25.61
C GLU A 152 -19.59 -48.61 25.08
N LEU A 153 -19.85 -47.32 24.90
CA LEU A 153 -21.13 -46.85 24.34
C LEU A 153 -21.19 -47.13 22.83
N LYS A 154 -22.06 -48.06 22.43
CA LYS A 154 -22.25 -48.44 21.02
C LYS A 154 -23.42 -47.67 20.43
N LYS A 155 -23.33 -47.40 19.12
CA LYS A 155 -24.06 -46.28 18.46
C LYS A 155 -25.56 -46.53 18.29
N GLY A 156 -26.37 -45.49 18.54
CA GLY A 156 -27.83 -45.59 18.48
C GLY A 156 -28.55 -46.01 19.76
N ALA A 157 -27.80 -46.48 20.76
CA ALA A 157 -28.38 -47.00 22.01
C ALA A 157 -28.87 -45.92 22.97
N THR A 158 -29.68 -46.33 23.95
CA THR A 158 -30.20 -45.45 24.99
C THR A 158 -29.23 -45.31 26.15
N LEU A 159 -29.31 -44.17 26.84
CA LEU A 159 -28.57 -43.93 28.08
C LEU A 159 -29.37 -42.98 28.98
N LYS A 160 -29.55 -43.40 30.23
CA LYS A 160 -30.24 -42.60 31.24
C LYS A 160 -29.21 -41.71 31.95
N ILE A 161 -29.28 -40.40 31.67
CA ILE A 161 -28.57 -39.41 32.48
C ILE A 161 -29.38 -39.31 33.77
N THR A 162 -28.70 -39.28 34.93
CA THR A 162 -29.35 -39.05 36.22
C THR A 162 -28.61 -38.02 37.07
N LEU A 163 -29.32 -37.44 38.04
CA LEU A 163 -28.72 -36.57 39.05
C LEU A 163 -28.78 -37.21 40.43
N ASP A 164 -29.18 -38.48 40.49
CA ASP A 164 -29.37 -39.21 41.74
C ASP A 164 -28.02 -39.63 42.31
N ASN A 165 -27.77 -39.21 43.54
CA ASN A 165 -26.45 -39.34 44.19
C ASN A 165 -26.11 -40.77 44.68
N ALA A 166 -27.10 -41.68 44.64
CA ALA A 166 -26.86 -43.11 44.77
C ALA A 166 -26.06 -43.68 43.58
N TYR A 167 -26.30 -43.12 42.38
CA TYR A 167 -25.61 -43.54 41.15
C TYR A 167 -24.34 -42.72 40.81
N MET A 168 -23.75 -42.07 41.81
CA MET A 168 -22.64 -41.12 41.65
C MET A 168 -21.34 -41.79 41.25
N GLU A 169 -20.99 -42.85 41.96
CA GLU A 169 -19.82 -43.65 41.63
C GLU A 169 -20.19 -45.02 41.04
N LYS A 170 -21.48 -45.24 40.81
CA LYS A 170 -21.97 -46.46 40.16
C LYS A 170 -22.42 -46.19 38.71
N CYS A 171 -21.60 -45.45 37.95
CA CYS A 171 -21.90 -45.17 36.53
C CYS A 171 -21.61 -46.40 35.67
N ASP A 172 -22.59 -46.80 34.87
CA ASP A 172 -22.55 -48.04 34.10
C ASP A 172 -22.63 -47.76 32.59
N GLU A 173 -22.98 -48.79 31.81
CA GLU A 173 -23.32 -48.64 30.41
C GLU A 173 -24.67 -47.92 30.28
N ASN A 174 -25.61 -48.30 31.16
CA ASN A 174 -26.99 -47.79 31.13
C ASN A 174 -27.23 -46.46 31.85
N ILE A 175 -26.46 -46.20 32.91
CA ILE A 175 -26.66 -45.01 33.77
C ILE A 175 -25.48 -44.02 33.67
N LEU A 176 -25.75 -42.75 33.93
CA LEU A 176 -24.73 -41.70 33.96
C LEU A 176 -25.07 -40.58 34.94
N TRP A 177 -24.23 -40.37 35.95
CA TRP A 177 -24.40 -39.23 36.86
C TRP A 177 -23.63 -38.01 36.34
N LEU A 178 -24.20 -36.82 36.52
CA LEU A 178 -23.44 -35.57 36.37
C LEU A 178 -23.76 -34.53 37.46
N ASP A 179 -22.90 -33.52 37.59
CA ASP A 179 -22.91 -32.60 38.75
C ASP A 179 -23.73 -31.30 38.62
N TYR A 180 -24.14 -30.93 37.40
CA TYR A 180 -25.00 -29.75 37.20
C TYR A 180 -26.44 -30.14 37.55
N LYS A 181 -26.92 -29.57 38.66
CA LYS A 181 -28.23 -29.95 39.23
C LYS A 181 -29.43 -29.27 38.57
N ASN A 182 -29.18 -28.18 37.82
CA ASN A 182 -30.23 -27.50 37.05
C ASN A 182 -30.27 -27.90 35.56
N ILE A 183 -29.80 -29.10 35.24
CA ILE A 183 -29.65 -29.56 33.86
C ILE A 183 -30.98 -29.91 33.16
N CYS A 184 -31.98 -30.34 33.94
CA CYS A 184 -33.31 -30.66 33.40
C CYS A 184 -34.15 -29.41 33.10
N LYS A 185 -33.83 -28.28 33.75
CA LYS A 185 -34.52 -27.02 33.52
C LYS A 185 -34.10 -26.35 32.20
N VAL A 186 -32.80 -26.27 31.95
CA VAL A 186 -32.25 -25.45 30.85
C VAL A 186 -32.04 -26.14 29.49
N VAL A 187 -32.31 -27.45 29.40
CA VAL A 187 -32.28 -28.16 28.10
C VAL A 187 -33.68 -28.26 27.47
N GLU A 188 -33.70 -28.42 26.14
CA GLU A 188 -34.92 -28.56 25.36
C GLU A 188 -35.17 -30.07 25.21
N VAL A 189 -36.32 -30.45 24.62
CA VAL A 189 -36.68 -31.87 24.41
C VAL A 189 -36.11 -32.46 23.09
N GLY A 190 -35.23 -31.72 22.41
CA GLY A 190 -34.44 -32.24 21.30
C GLY A 190 -33.01 -31.69 21.28
N SER A 191 -32.47 -31.40 22.47
CA SER A 191 -31.12 -30.86 22.64
C SER A 191 -30.05 -31.90 22.39
N LYS A 192 -28.84 -31.43 22.08
CA LYS A 192 -27.65 -32.27 21.96
C LYS A 192 -26.71 -32.09 23.16
N ILE A 193 -26.21 -33.21 23.67
CA ILE A 193 -25.35 -33.26 24.86
C ILE A 193 -24.02 -33.91 24.46
N TYR A 194 -22.93 -33.19 24.64
CA TYR A 194 -21.59 -33.65 24.27
C TYR A 194 -20.77 -33.99 25.50
N VAL A 195 -20.14 -35.17 25.52
CA VAL A 195 -19.36 -35.70 26.67
C VAL A 195 -17.94 -36.05 26.19
N ASP A 196 -16.93 -35.80 27.04
CA ASP A 196 -15.48 -36.16 26.87
C ASP A 196 -14.84 -35.44 25.68
N ASP A 197 -14.74 -34.12 25.82
CA ASP A 197 -14.19 -33.19 24.82
C ASP A 197 -14.88 -33.27 23.44
N GLY A 198 -16.20 -33.40 23.47
CA GLY A 198 -17.02 -33.45 22.25
C GLY A 198 -17.11 -34.79 21.52
N LEU A 199 -16.42 -35.81 22.02
CA LEU A 199 -16.25 -37.08 21.29
C LEU A 199 -17.49 -37.98 21.35
N ILE A 200 -18.10 -38.09 22.52
CA ILE A 200 -19.40 -38.75 22.68
C ILE A 200 -20.46 -37.68 22.44
N SER A 201 -21.46 -38.01 21.62
CA SER A 201 -22.60 -37.12 21.33
C SER A 201 -23.92 -37.81 21.68
N LEU A 202 -24.83 -37.06 22.30
CA LEU A 202 -26.15 -37.57 22.73
C LEU A 202 -27.27 -36.70 22.17
N GLN A 203 -28.50 -37.19 22.26
CA GLN A 203 -29.71 -36.41 21.93
C GLN A 203 -30.86 -36.75 22.90
N VAL A 204 -31.41 -35.70 23.53
CA VAL A 204 -32.50 -35.80 24.52
C VAL A 204 -33.80 -36.22 23.84
N LYS A 205 -34.37 -37.35 24.29
CA LYS A 205 -35.63 -37.87 23.76
C LYS A 205 -36.78 -37.67 24.75
N GLN A 206 -36.57 -38.09 26.00
CA GLN A 206 -37.53 -37.87 27.09
C GLN A 206 -36.88 -37.08 28.22
N LYS A 207 -37.63 -36.12 28.78
CA LYS A 207 -37.15 -35.27 29.88
C LYS A 207 -37.87 -35.57 31.20
N GLY A 208 -37.10 -35.93 32.22
CA GLY A 208 -37.64 -36.35 33.52
C GLY A 208 -37.51 -35.32 34.62
N ALA A 209 -37.73 -35.77 35.85
CA ALA A 209 -37.65 -34.93 37.05
C ALA A 209 -36.19 -34.65 37.40
N ASP A 210 -35.45 -35.72 37.71
CA ASP A 210 -33.99 -35.67 37.87
C ASP A 210 -33.27 -36.34 36.69
N PHE A 211 -34.03 -37.04 35.83
CA PHE A 211 -33.44 -37.82 34.75
C PHE A 211 -33.55 -37.20 33.35
N LEU A 212 -32.82 -37.79 32.40
CA LEU A 212 -32.79 -37.37 31.02
C LEU A 212 -32.45 -38.59 30.16
N VAL A 213 -33.47 -39.20 29.55
CA VAL A 213 -33.28 -40.38 28.71
C VAL A 213 -32.76 -39.93 27.35
N THR A 214 -31.57 -40.40 26.98
CA THR A 214 -30.88 -39.95 25.79
C THR A 214 -30.85 -41.02 24.70
N GLU A 215 -30.23 -40.67 23.57
CA GLU A 215 -30.00 -41.58 22.45
C GLU A 215 -28.65 -41.22 21.85
N VAL A 216 -27.74 -42.20 21.77
CA VAL A 216 -26.34 -41.90 21.42
C VAL A 216 -26.14 -41.70 19.89
N GLU A 217 -25.66 -40.50 19.54
CA GLU A 217 -25.42 -40.15 18.13
C GLU A 217 -24.04 -40.64 17.71
N ASN A 218 -23.01 -40.16 18.38
CA ASN A 218 -21.65 -40.69 18.26
C ASN A 218 -21.28 -41.38 19.56
N GLY A 219 -20.98 -42.67 19.47
CA GLY A 219 -20.54 -43.45 20.64
C GLY A 219 -19.05 -43.40 20.86
N GLY A 220 -18.55 -44.38 21.62
CA GLY A 220 -17.13 -44.48 21.95
C GLY A 220 -16.90 -44.80 23.43
N SER A 221 -15.65 -44.71 23.84
CA SER A 221 -15.24 -45.06 25.20
C SER A 221 -15.61 -43.98 26.22
N LEU A 222 -16.56 -44.29 27.10
CA LEU A 222 -16.91 -43.42 28.21
C LEU A 222 -16.12 -43.81 29.46
N GLY A 223 -15.24 -42.91 29.90
CA GLY A 223 -14.49 -43.09 31.14
C GLY A 223 -15.03 -42.22 32.26
N SER A 224 -14.24 -42.07 33.32
CA SER A 224 -14.65 -41.33 34.53
C SER A 224 -14.21 -39.87 34.52
N LYS A 225 -15.07 -39.01 35.07
CA LYS A 225 -14.82 -37.56 35.31
C LYS A 225 -14.56 -36.73 34.03
N LYS A 226 -15.45 -36.89 33.07
CA LYS A 226 -15.33 -36.27 31.74
C LYS A 226 -16.22 -35.04 31.64
N GLY A 227 -15.73 -34.01 30.95
CA GLY A 227 -16.42 -32.73 30.86
C GLY A 227 -17.59 -32.75 29.89
N VAL A 228 -18.73 -32.24 30.36
CA VAL A 228 -19.97 -32.23 29.58
C VAL A 228 -20.23 -30.81 29.07
N ASN A 229 -20.62 -30.71 27.79
CA ASN A 229 -20.99 -29.43 27.16
C ASN A 229 -22.45 -29.43 26.70
N LEU A 230 -23.11 -28.28 26.88
CA LEU A 230 -24.46 -28.05 26.35
C LEU A 230 -24.45 -26.79 25.47
N PRO A 231 -24.08 -26.93 24.17
CA PRO A 231 -23.87 -25.77 23.27
C PRO A 231 -25.09 -24.91 22.93
N GLY A 232 -26.29 -25.48 23.01
CA GLY A 232 -27.51 -24.71 22.78
C GLY A 232 -28.09 -24.00 24.00
N ALA A 233 -27.61 -24.37 25.19
CA ALA A 233 -28.28 -24.02 26.45
C ALA A 233 -27.75 -22.76 27.14
N ALA A 234 -28.68 -21.99 27.72
CA ALA A 234 -28.33 -20.88 28.63
C ALA A 234 -28.14 -21.45 30.03
N VAL A 235 -26.91 -21.92 30.27
CA VAL A 235 -26.50 -22.55 31.54
C VAL A 235 -26.40 -21.50 32.65
N ASP A 236 -27.20 -21.65 33.71
CA ASP A 236 -27.31 -20.65 34.80
C ASP A 236 -26.39 -20.91 36.01
N LEU A 237 -25.22 -21.47 35.73
CA LEU A 237 -24.21 -21.83 36.73
C LEU A 237 -23.47 -20.52 37.10
N PRO A 238 -22.99 -20.39 38.37
CA PRO A 238 -22.23 -19.21 38.85
C PRO A 238 -21.02 -18.77 38.04
N ALA A 239 -20.78 -17.45 38.07
CA ALA A 239 -19.66 -16.82 37.39
C ALA A 239 -18.36 -17.19 38.09
N VAL A 240 -18.32 -16.94 39.40
CA VAL A 240 -17.25 -17.39 40.29
C VAL A 240 -17.88 -18.34 41.33
N SER A 241 -17.74 -19.65 41.10
CA SER A 241 -18.35 -20.70 41.94
C SER A 241 -17.66 -20.91 43.29
N GLU A 242 -18.29 -21.74 44.15
CA GLU A 242 -17.80 -22.12 45.51
C GLU A 242 -16.36 -22.62 45.57
N LYS A 243 -16.02 -23.47 44.60
CA LYS A 243 -14.67 -23.99 44.43
C LYS A 243 -13.72 -22.90 43.94
N ASP A 244 -14.18 -22.06 43.00
CA ASP A 244 -13.38 -20.94 42.45
C ASP A 244 -12.98 -19.88 43.49
N ILE A 245 -13.84 -19.62 44.47
CA ILE A 245 -13.59 -18.71 45.60
C ILE A 245 -12.43 -19.21 46.47
N GLN A 246 -12.46 -20.51 46.76
CA GLN A 246 -11.40 -21.21 47.48
C GLN A 246 -10.08 -21.27 46.70
N ASP A 247 -10.17 -21.44 45.38
CA ASP A 247 -9.00 -21.52 44.50
C ASP A 247 -8.27 -20.20 44.32
N LEU A 248 -9.02 -19.11 44.21
CA LEU A 248 -8.45 -17.76 44.02
C LEU A 248 -7.78 -17.21 45.28
N LYS A 249 -8.31 -17.58 46.45
CA LYS A 249 -7.73 -17.30 47.77
C LYS A 249 -6.37 -17.98 47.92
N PHE A 250 -6.31 -19.24 47.47
CA PHE A 250 -5.08 -20.02 47.36
C PHE A 250 -4.07 -19.43 46.36
N GLY A 251 -4.55 -18.82 45.28
CA GLY A 251 -3.70 -18.11 44.33
C GLY A 251 -3.03 -16.87 44.89
N VAL A 252 -3.75 -16.15 45.75
CA VAL A 252 -3.26 -14.96 46.43
C VAL A 252 -2.21 -15.32 47.49
N GLU A 253 -2.52 -16.32 48.32
CA GLU A 253 -1.63 -16.83 49.38
C GLU A 253 -0.32 -17.45 48.86
N GLN A 254 -0.41 -18.25 47.79
CA GLN A 254 0.77 -18.84 47.14
C GLN A 254 1.55 -17.89 46.22
N ASP A 255 0.98 -16.71 45.96
CA ASP A 255 1.59 -15.59 45.20
C ASP A 255 1.80 -15.98 43.73
N VAL A 256 0.69 -16.32 43.06
CA VAL A 256 0.70 -16.58 41.62
C VAL A 256 0.83 -15.27 40.85
N ASP A 257 1.21 -15.36 39.59
CA ASP A 257 1.44 -14.19 38.76
C ASP A 257 0.23 -13.82 37.91
N MET A 258 -0.55 -14.84 37.54
CA MET A 258 -1.71 -14.65 36.69
C MET A 258 -2.80 -15.68 36.94
N VAL A 259 -4.04 -15.26 36.68
CA VAL A 259 -5.20 -16.14 36.74
C VAL A 259 -5.71 -16.34 35.32
N PHE A 260 -5.81 -17.61 34.89
CA PHE A 260 -6.47 -17.96 33.64
C PHE A 260 -7.94 -18.25 33.96
N ALA A 261 -8.78 -17.22 33.89
CA ALA A 261 -10.19 -17.32 34.34
C ALA A 261 -11.10 -18.03 33.33
N SER A 262 -11.57 -19.22 33.70
CA SER A 262 -12.35 -20.10 32.81
C SER A 262 -13.78 -19.62 32.57
N PHE A 263 -14.26 -19.82 31.34
CA PHE A 263 -15.63 -19.54 30.84
C PHE A 263 -16.15 -18.13 31.08
N ILE A 264 -15.36 -17.15 30.68
CA ILE A 264 -15.73 -15.74 30.80
C ILE A 264 -16.76 -15.48 29.70
N ARG A 265 -17.95 -15.03 30.10
CA ARG A 265 -19.08 -14.80 29.20
C ARG A 265 -19.35 -13.31 28.92
N LYS A 266 -18.93 -12.44 29.84
CA LYS A 266 -19.15 -10.98 29.76
C LYS A 266 -18.14 -10.22 30.62
N ALA A 267 -18.21 -8.89 30.59
CA ALA A 267 -17.30 -8.00 31.32
C ALA A 267 -17.51 -8.00 32.82
N SER A 268 -18.76 -8.24 33.24
CA SER A 268 -19.10 -8.33 34.67
C SER A 268 -18.57 -9.62 35.33
N ASP A 269 -18.34 -10.67 34.53
CA ASP A 269 -17.60 -11.86 34.97
C ASP A 269 -16.13 -11.55 35.27
N VAL A 270 -15.50 -10.67 34.47
CA VAL A 270 -14.09 -10.27 34.66
C VAL A 270 -13.96 -9.38 35.90
N HIS A 271 -14.92 -8.49 36.07
CA HIS A 271 -14.98 -7.58 37.22
C HIS A 271 -15.23 -8.29 38.54
N GLU A 272 -16.02 -9.37 38.49
CA GLU A 272 -16.27 -10.22 39.66
C GLU A 272 -15.01 -10.99 40.08
N VAL A 273 -14.21 -11.48 39.13
CA VAL A 273 -12.87 -12.08 39.40
C VAL A 273 -11.89 -11.03 40.00
N ARG A 274 -11.91 -9.82 39.44
CA ARG A 274 -11.18 -8.64 39.97
C ARG A 274 -11.57 -8.23 41.39
N LYS A 275 -12.87 -8.29 41.66
CA LYS A 275 -13.39 -7.98 42.98
C LYS A 275 -13.17 -9.10 44.02
N VAL A 276 -13.20 -10.37 43.58
CA VAL A 276 -12.93 -11.56 44.45
C VAL A 276 -11.47 -11.61 44.91
N LEU A 277 -10.55 -11.36 43.97
CA LEU A 277 -9.12 -11.20 44.26
C LEU A 277 -8.85 -9.99 45.15
N GLY A 278 -9.51 -8.87 44.84
CA GLY A 278 -9.54 -7.70 45.72
C GLY A 278 -8.25 -6.90 45.77
N GLU A 279 -7.96 -6.37 46.96
CA GLU A 279 -6.78 -5.52 47.23
C GLU A 279 -5.43 -6.25 47.16
N LYS A 280 -5.38 -7.41 47.82
CA LYS A 280 -4.17 -8.24 47.88
C LYS A 280 -3.81 -8.87 46.52
N GLY A 281 -4.83 -9.22 45.74
CA GLY A 281 -4.63 -9.74 44.39
C GLY A 281 -4.75 -8.72 43.26
N LYS A 282 -4.42 -7.45 43.54
CA LYS A 282 -4.57 -6.38 42.55
C LYS A 282 -3.48 -6.42 41.47
N ASN A 283 -2.30 -6.95 41.82
CA ASN A 283 -1.18 -7.05 40.87
C ASN A 283 -1.20 -8.34 40.04
N ILE A 284 -2.04 -9.30 40.45
CA ILE A 284 -2.24 -10.55 39.71
C ILE A 284 -3.03 -10.26 38.43
N LYS A 285 -2.49 -10.67 37.28
CA LYS A 285 -3.04 -10.38 35.95
C LYS A 285 -4.19 -11.33 35.56
N ILE A 286 -5.36 -10.78 35.27
CA ILE A 286 -6.51 -11.59 34.88
C ILE A 286 -6.50 -11.84 33.37
N ILE A 287 -6.46 -13.12 33.00
CA ILE A 287 -6.51 -13.55 31.60
C ILE A 287 -7.84 -14.29 31.36
N SER A 288 -8.73 -13.66 30.60
CA SER A 288 -10.05 -14.23 30.34
C SER A 288 -10.03 -15.33 29.27
N LYS A 289 -10.45 -16.54 29.63
CA LYS A 289 -10.52 -17.64 28.67
C LYS A 289 -11.84 -17.60 27.90
N ILE A 290 -11.77 -17.39 26.59
CA ILE A 290 -12.96 -17.35 25.75
C ILE A 290 -13.23 -18.77 25.25
N GLU A 291 -14.30 -19.38 25.78
CA GLU A 291 -14.53 -20.82 25.65
C GLU A 291 -15.89 -21.17 25.02
N ASN A 292 -16.63 -20.17 24.60
CA ASN A 292 -18.06 -20.29 24.31
C ASN A 292 -18.56 -19.15 23.43
N HIS A 293 -19.79 -19.28 22.93
CA HIS A 293 -20.37 -18.35 21.95
C HIS A 293 -20.60 -16.93 22.48
N GLU A 294 -20.99 -16.83 23.75
CA GLU A 294 -21.28 -15.55 24.39
C GLU A 294 -20.01 -14.75 24.68
N GLY A 295 -18.90 -15.46 24.95
CA GLY A 295 -17.58 -14.86 25.07
C GLY A 295 -17.02 -14.27 23.77
N VAL A 296 -17.32 -14.94 22.65
CA VAL A 296 -16.95 -14.48 21.31
C VAL A 296 -17.78 -13.26 20.93
N ARG A 297 -19.10 -13.33 21.19
CA ARG A 297 -20.07 -12.27 20.87
C ARG A 297 -19.83 -10.98 21.64
N ARG A 298 -19.52 -11.11 22.93
CA ARG A 298 -19.29 -9.97 23.81
C ARG A 298 -17.79 -9.77 24.10
N PHE A 299 -16.95 -9.90 23.07
CA PHE A 299 -15.49 -9.94 23.23
C PHE A 299 -14.85 -8.60 23.62
N ASP A 300 -15.35 -7.51 23.04
CA ASP A 300 -14.78 -6.18 23.21
C ASP A 300 -14.89 -5.63 24.63
N GLU A 301 -16.02 -5.90 25.29
CA GLU A 301 -16.21 -5.54 26.69
C GLU A 301 -15.34 -6.38 27.64
N ILE A 302 -15.11 -7.64 27.28
CA ILE A 302 -14.24 -8.58 28.00
C ILE A 302 -12.78 -8.14 27.91
N LEU A 303 -12.33 -7.85 26.69
CA LEU A 303 -10.96 -7.37 26.40
C LEU A 303 -10.59 -6.04 27.10
N GLU A 304 -11.53 -5.09 27.09
CA GLU A 304 -11.38 -3.80 27.78
C GLU A 304 -11.32 -3.96 29.32
N ALA A 305 -12.08 -4.94 29.85
CA ALA A 305 -11.99 -5.32 31.26
C ALA A 305 -10.72 -6.14 31.63
N SER A 306 -10.31 -7.07 30.76
CA SER A 306 -9.23 -8.00 31.09
C SER A 306 -7.82 -7.43 30.88
N ASP A 307 -6.84 -8.10 31.47
CA ASP A 307 -5.42 -7.81 31.21
C ASP A 307 -4.90 -8.58 30.00
N GLY A 308 -5.59 -9.68 29.65
CA GLY A 308 -5.24 -10.48 28.47
C GLY A 308 -6.30 -11.52 28.18
N ILE A 309 -6.11 -12.27 27.09
CA ILE A 309 -7.09 -13.26 26.58
C ILE A 309 -6.38 -14.63 26.39
N MET A 310 -7.08 -15.73 26.68
CA MET A 310 -6.68 -17.03 26.16
C MET A 310 -7.74 -17.46 25.15
N VAL A 311 -7.30 -17.76 23.92
CA VAL A 311 -8.16 -18.43 22.94
C VAL A 311 -8.19 -19.90 23.38
N ALA A 312 -9.19 -20.24 24.18
CA ALA A 312 -9.28 -21.56 24.78
C ALA A 312 -10.02 -22.45 23.81
N ARG A 313 -9.26 -23.08 22.92
CA ARG A 313 -9.81 -23.68 21.71
C ARG A 313 -10.54 -25.01 21.89
N GLY A 314 -10.24 -25.72 22.99
CA GLY A 314 -10.86 -27.00 23.31
C GLY A 314 -12.34 -26.93 23.55
N ASP A 315 -12.71 -26.18 24.59
CA ASP A 315 -14.12 -25.91 24.90
C ASP A 315 -14.86 -25.10 23.83
N LEU A 316 -14.14 -24.20 23.14
CA LEU A 316 -14.69 -23.40 22.03
C LEU A 316 -15.09 -24.25 20.82
N GLY A 317 -14.27 -25.25 20.50
CA GLY A 317 -14.58 -26.19 19.40
C GLY A 317 -15.71 -27.18 19.61
N ILE A 318 -16.18 -27.29 20.86
CA ILE A 318 -17.40 -28.03 21.20
C ILE A 318 -18.61 -27.08 21.27
N GLU A 319 -18.42 -25.89 21.85
CA GLU A 319 -19.50 -24.90 22.02
C GLU A 319 -19.97 -24.27 20.70
N ILE A 320 -19.03 -23.75 19.92
CA ILE A 320 -19.28 -23.30 18.53
C ILE A 320 -18.86 -24.47 17.62
N PRO A 321 -19.31 -24.49 16.33
CA PRO A 321 -18.79 -25.54 15.42
C PRO A 321 -17.29 -25.46 15.14
N ALA A 322 -16.65 -26.63 15.00
CA ALA A 322 -15.18 -26.78 14.94
C ALA A 322 -14.52 -26.12 13.72
N GLU A 323 -15.27 -26.06 12.62
CA GLU A 323 -14.90 -25.29 11.44
C GLU A 323 -14.85 -23.76 11.59
N LYS A 324 -15.43 -23.21 12.67
CA LYS A 324 -15.44 -21.76 12.90
C LYS A 324 -14.39 -21.25 13.92
N VAL A 325 -13.52 -22.13 14.42
CA VAL A 325 -12.62 -21.85 15.56
C VAL A 325 -11.45 -20.96 15.17
N PHE A 326 -10.93 -21.18 13.94
CA PHE A 326 -9.90 -20.32 13.34
C PHE A 326 -10.34 -18.86 13.09
N LEU A 327 -11.63 -18.65 12.87
CA LEU A 327 -12.20 -17.33 12.66
C LEU A 327 -12.19 -16.61 13.97
N ALA A 328 -12.64 -17.33 15.01
CA ALA A 328 -12.65 -16.88 16.39
C ALA A 328 -11.24 -16.58 16.90
N GLN A 329 -10.30 -17.48 16.59
CA GLN A 329 -8.86 -17.35 16.90
C GLN A 329 -8.21 -16.10 16.33
N LYS A 330 -8.34 -15.91 15.03
CA LYS A 330 -7.72 -14.81 14.31
C LYS A 330 -8.41 -13.46 14.55
N MET A 331 -9.69 -13.50 14.93
CA MET A 331 -10.37 -12.32 15.50
C MET A 331 -9.73 -11.92 16.80
N MET A 332 -9.72 -12.86 17.75
CA MET A 332 -9.27 -12.64 19.12
C MET A 332 -7.83 -12.19 19.21
N ILE A 333 -6.95 -12.87 18.48
CA ILE A 333 -5.53 -12.55 18.40
C ILE A 333 -5.30 -11.16 17.75
N GLY A 334 -5.97 -10.92 16.63
CA GLY A 334 -5.88 -9.66 15.88
C GLY A 334 -6.38 -8.44 16.62
N ARG A 335 -7.49 -8.61 17.35
CA ARG A 335 -8.05 -7.52 18.19
C ARG A 335 -7.21 -7.24 19.42
N CYS A 336 -6.58 -8.29 19.97
CA CYS A 336 -5.63 -8.14 21.07
C CYS A 336 -4.34 -7.49 20.62
N ASN A 337 -3.93 -7.78 19.39
CA ASN A 337 -2.79 -7.11 18.75
C ASN A 337 -3.07 -5.63 18.50
N ARG A 338 -4.32 -5.35 18.08
CA ARG A 338 -4.86 -3.99 17.89
C ARG A 338 -4.95 -3.24 19.23
N ALA A 339 -5.58 -3.86 20.23
CA ALA A 339 -5.67 -3.28 21.59
C ALA A 339 -4.38 -3.34 22.41
N GLY A 340 -3.41 -4.15 21.96
CA GLY A 340 -2.08 -4.17 22.54
C GLY A 340 -1.95 -4.99 23.82
N LYS A 341 -2.93 -5.87 24.05
CA LYS A 341 -2.99 -6.72 25.25
C LYS A 341 -2.56 -8.14 24.88
N PRO A 342 -2.02 -8.93 25.86
CA PRO A 342 -1.67 -10.35 25.66
C PRO A 342 -2.74 -11.29 25.12
N VAL A 343 -2.31 -12.22 24.28
CA VAL A 343 -3.16 -13.29 23.79
C VAL A 343 -2.39 -14.63 23.79
N ILE A 344 -3.04 -15.68 24.28
CA ILE A 344 -2.47 -17.02 24.37
C ILE A 344 -3.29 -17.95 23.48
N CYS A 345 -2.62 -18.64 22.56
CA CYS A 345 -3.22 -19.76 21.84
C CYS A 345 -3.08 -21.01 22.70
N ALA A 346 -4.11 -21.88 22.67
CA ALA A 346 -4.19 -23.02 23.59
C ALA A 346 -4.88 -24.23 22.99
N THR A 347 -4.69 -25.38 23.67
CA THR A 347 -5.30 -26.70 23.40
C THR A 347 -4.87 -27.42 22.12
N GLN A 348 -4.32 -28.63 22.32
CA GLN A 348 -4.10 -29.67 21.29
C GLN A 348 -3.08 -29.33 20.22
N MET A 349 -2.19 -28.38 20.53
CA MET A 349 -1.25 -27.78 19.59
C MET A 349 -0.16 -28.76 19.15
N LEU A 350 0.25 -29.65 20.05
CA LEU A 350 1.10 -30.79 19.73
C LEU A 350 0.55 -32.09 20.34
N GLU A 351 -0.74 -32.37 20.11
CA GLU A 351 -1.54 -33.40 20.82
C GLU A 351 -1.03 -34.86 20.77
N SER A 352 -0.52 -35.26 19.62
CA SER A 352 0.08 -36.59 19.41
C SER A 352 1.38 -36.85 20.20
N MET A 353 2.07 -35.79 20.61
CA MET A 353 3.26 -35.91 21.48
C MET A 353 3.04 -36.29 22.95
N ILE A 354 1.77 -36.48 23.34
CA ILE A 354 1.37 -37.22 24.55
C ILE A 354 1.90 -38.66 24.46
N LYS A 355 1.76 -39.27 23.27
CA LYS A 355 2.19 -40.64 23.02
C LYS A 355 3.45 -40.81 22.14
N LYS A 356 3.78 -39.81 21.30
CA LYS A 356 4.82 -39.96 20.26
C LYS A 356 6.03 -39.03 20.46
N PRO A 357 7.23 -39.38 19.92
CA PRO A 357 8.37 -38.44 20.14
C PRO A 357 8.40 -37.16 19.27
N ARG A 358 7.50 -37.05 18.29
CA ARG A 358 7.49 -35.96 17.32
C ARG A 358 6.06 -35.69 16.88
N PRO A 359 5.74 -34.43 16.51
CA PRO A 359 4.34 -34.15 16.22
C PRO A 359 3.95 -34.49 14.80
N THR A 360 2.66 -34.37 14.50
CA THR A 360 2.15 -34.48 13.14
C THR A 360 2.41 -33.18 12.39
N ARG A 361 2.16 -33.20 11.08
CA ARG A 361 2.35 -32.04 10.22
C ARG A 361 1.28 -30.96 10.38
N ALA A 362 0.11 -31.36 10.88
CA ALA A 362 -0.91 -30.41 11.33
C ALA A 362 -0.46 -29.63 12.55
N GLU A 363 0.12 -30.36 13.48
CA GLU A 363 0.57 -29.83 14.77
C GLU A 363 1.74 -28.86 14.65
N GLY A 364 2.65 -29.13 13.73
CA GLY A 364 3.74 -28.21 13.38
C GLY A 364 3.27 -26.95 12.68
N SER A 365 2.31 -27.10 11.77
CA SER A 365 1.67 -25.97 11.10
C SER A 365 0.84 -25.06 12.01
N ASP A 366 0.17 -25.66 12.99
CA ASP A 366 -0.70 -24.93 13.93
C ASP A 366 0.04 -23.99 14.85
N VAL A 367 1.16 -24.48 15.40
CA VAL A 367 2.07 -23.73 16.29
C VAL A 367 2.69 -22.56 15.51
N ALA A 368 3.11 -22.85 14.28
CA ALA A 368 3.64 -21.86 13.33
C ALA A 368 2.68 -20.76 12.96
N ASN A 369 1.45 -21.13 12.63
CA ASN A 369 0.41 -20.17 12.25
C ASN A 369 -0.10 -19.31 13.39
N ALA A 370 -0.20 -19.88 14.59
CA ALA A 370 -0.58 -19.13 15.80
C ALA A 370 0.45 -18.07 16.18
N VAL A 371 1.75 -18.41 16.03
CA VAL A 371 2.86 -17.45 16.21
C VAL A 371 2.82 -16.37 15.10
N LEU A 372 2.50 -16.80 13.87
CA LEU A 372 2.35 -15.91 12.72
C LEU A 372 1.21 -14.91 12.88
N ASP A 373 0.01 -15.39 13.23
CA ASP A 373 -1.20 -14.58 13.57
C ASP A 373 -0.98 -13.45 14.61
N GLY A 374 -0.16 -13.73 15.62
CA GLY A 374 0.28 -12.76 16.61
C GLY A 374 0.03 -13.14 18.06
N ALA A 375 -0.02 -14.45 18.34
CA ALA A 375 -0.19 -14.94 19.71
C ALA A 375 1.08 -14.69 20.48
N ASP A 376 0.96 -13.94 21.57
CA ASP A 376 2.08 -13.60 22.44
C ASP A 376 2.64 -14.81 23.19
N CYS A 377 1.76 -15.76 23.52
CA CYS A 377 2.11 -17.03 24.13
C CYS A 377 1.47 -18.22 23.42
N ILE A 378 2.14 -19.37 23.51
CA ILE A 378 1.60 -20.66 23.06
C ILE A 378 1.62 -21.60 24.28
N MET A 379 0.70 -22.57 24.30
CA MET A 379 0.41 -23.37 25.50
C MET A 379 0.47 -24.87 25.22
N LEU A 380 0.89 -25.64 26.23
CA LEU A 380 0.84 -27.11 26.20
C LEU A 380 0.03 -27.60 27.39
N SER A 381 -0.92 -28.52 27.14
CA SER A 381 -1.83 -29.05 28.16
C SER A 381 -1.42 -30.46 28.57
N GLY A 382 -2.03 -31.48 27.97
CA GLY A 382 -1.71 -32.88 28.28
C GLY A 382 -0.33 -33.39 27.86
N GLU A 383 0.29 -32.67 26.92
CA GLU A 383 1.66 -32.90 26.42
C GLU A 383 2.73 -32.76 27.51
N THR A 384 2.55 -31.76 28.38
CA THR A 384 3.44 -31.52 29.51
C THR A 384 2.88 -31.99 30.86
N ALA A 385 1.56 -32.14 30.98
CA ALA A 385 0.95 -32.65 32.22
C ALA A 385 1.11 -34.17 32.39
N LYS A 386 0.72 -34.92 31.36
CA LYS A 386 0.70 -36.40 31.42
C LYS A 386 1.33 -37.11 30.21
N GLY A 387 2.09 -36.37 29.39
CA GLY A 387 2.69 -36.93 28.17
C GLY A 387 3.92 -37.75 28.47
N ASP A 388 4.25 -38.69 27.57
CA ASP A 388 5.47 -39.50 27.70
C ASP A 388 6.73 -38.74 27.27
N TYR A 389 6.55 -37.70 26.47
CA TYR A 389 7.67 -36.89 25.98
C TYR A 389 7.40 -35.41 26.26
N PRO A 390 7.49 -34.98 27.55
CA PRO A 390 7.15 -33.58 27.81
C PRO A 390 8.25 -32.57 27.47
N LEU A 391 9.52 -32.99 27.54
CA LEU A 391 10.67 -32.13 27.19
C LEU A 391 10.78 -31.88 25.70
N GLU A 392 10.39 -32.87 24.90
CA GLU A 392 10.45 -32.80 23.45
C GLU A 392 9.43 -31.83 22.89
N ALA A 393 8.23 -31.84 23.47
CA ALA A 393 7.15 -30.89 23.14
C ALA A 393 7.41 -29.42 23.51
N VAL A 394 8.22 -29.19 24.55
CA VAL A 394 8.65 -27.82 24.90
C VAL A 394 9.69 -27.36 23.88
N ARG A 395 10.65 -28.25 23.60
CA ARG A 395 11.67 -28.05 22.56
C ARG A 395 11.11 -27.86 21.15
N MET A 396 10.05 -28.59 20.81
CA MET A 396 9.38 -28.49 19.52
C MET A 396 8.65 -27.17 19.35
N GLN A 397 7.96 -26.73 20.40
CA GLN A 397 7.31 -25.41 20.41
C GLN A 397 8.29 -24.23 20.42
N HIS A 398 9.49 -24.43 20.98
CA HIS A 398 10.60 -23.47 20.89
C HIS A 398 11.12 -23.33 19.46
N LEU A 399 11.37 -24.46 18.81
CA LEU A 399 11.94 -24.51 17.45
C LEU A 399 10.99 -24.01 16.36
N ILE A 400 9.70 -24.31 16.48
CA ILE A 400 8.66 -23.86 15.52
C ILE A 400 8.39 -22.34 15.64
N ALA A 401 8.30 -21.83 16.88
CA ALA A 401 8.04 -20.40 17.14
C ALA A 401 9.11 -19.48 16.61
N ARG A 402 10.37 -19.85 16.88
CA ARG A 402 11.56 -19.11 16.47
C ARG A 402 11.74 -19.02 14.95
N GLU A 403 11.35 -20.09 14.24
CA GLU A 403 11.28 -20.08 12.76
C GLU A 403 10.13 -19.22 12.26
N ALA A 404 9.00 -19.24 12.96
CA ALA A 404 7.83 -18.45 12.59
C ALA A 404 7.95 -16.98 12.90
N GLU A 405 8.75 -16.63 13.91
CA GLU A 405 9.06 -15.25 14.25
C GLU A 405 9.92 -14.56 13.18
N ALA A 406 10.86 -15.32 12.60
CA ALA A 406 11.63 -14.90 11.42
C ALA A 406 10.76 -14.78 10.16
N ALA A 407 9.71 -15.63 10.08
CA ALA A 407 8.76 -15.66 8.94
C ALA A 407 7.68 -14.56 8.92
N ILE A 408 7.69 -13.65 9.89
CA ILE A 408 6.74 -12.56 9.97
C ILE A 408 7.10 -11.50 8.93
N TYR A 409 6.09 -11.07 8.16
CA TYR A 409 6.21 -9.92 7.27
C TYR A 409 6.08 -8.65 8.09
N HIS A 410 7.21 -8.24 8.69
CA HIS A 410 7.33 -7.10 9.60
C HIS A 410 7.06 -5.77 8.94
N LEU A 411 7.44 -5.67 7.67
CA LEU A 411 7.26 -4.50 6.79
C LEU A 411 5.80 -4.04 6.72
N GLN A 412 4.89 -4.99 6.53
CA GLN A 412 3.46 -4.70 6.50
C GLN A 412 2.92 -4.49 7.90
N LEU A 413 3.27 -5.41 8.82
CA LEU A 413 2.75 -5.45 10.19
C LEU A 413 3.04 -4.20 11.00
N PHE A 414 4.27 -3.70 10.92
CA PHE A 414 4.66 -2.47 11.61
C PHE A 414 4.01 -1.23 10.98
N GLU A 415 3.87 -1.23 9.65
CA GLU A 415 3.15 -0.15 8.92
C GLU A 415 1.64 -0.11 9.22
N GLU A 416 1.05 -1.27 9.48
CA GLU A 416 -0.37 -1.34 9.87
C GLU A 416 -0.64 -1.08 11.34
N LEU A 417 0.29 -1.46 12.22
CA LEU A 417 0.20 -1.16 13.66
C LEU A 417 0.45 0.32 13.98
N ARG A 418 1.28 0.97 13.15
CA ARG A 418 1.50 2.43 13.23
C ARG A 418 0.30 3.31 12.89
N ARG A 419 -0.62 2.79 12.06
CA ARG A 419 -1.79 3.55 11.59
C ARG A 419 -3.03 3.54 12.52
N LEU A 420 -2.95 2.83 13.66
CA LEU A 420 -4.12 2.64 14.55
C LEU A 420 -4.50 3.85 15.37
N ALA A 421 -3.55 4.34 16.18
CA ALA A 421 -3.69 5.64 16.85
C ALA A 421 -2.44 6.47 16.55
N PRO A 422 -2.33 7.01 15.31
CA PRO A 422 -1.07 7.64 14.86
C PRO A 422 -0.74 9.03 15.42
N ILE A 423 -1.70 9.66 16.13
CA ILE A 423 -1.44 10.82 16.98
C ILE A 423 -1.81 10.46 18.43
N THR A 424 -0.86 10.62 19.36
CA THR A 424 -1.14 10.64 20.80
C THR A 424 -0.25 11.66 21.52
N SER A 425 -0.76 12.25 22.60
CA SER A 425 -0.01 13.27 23.36
C SER A 425 0.88 12.66 24.46
N ASP A 426 0.78 11.35 24.66
CA ASP A 426 1.61 10.60 25.62
C ASP A 426 3.05 10.49 25.09
N PRO A 427 4.04 11.07 25.82
CA PRO A 427 5.45 11.09 25.38
C PRO A 427 6.17 9.74 25.37
N THR A 428 5.70 8.80 26.18
CA THR A 428 6.33 7.50 26.37
C THR A 428 6.08 6.55 25.20
N GLU A 429 4.89 6.67 24.58
CA GLU A 429 4.53 5.90 23.39
C GLU A 429 5.35 6.27 22.15
N ALA A 430 5.69 7.56 22.04
CA ALA A 430 6.53 8.10 20.95
C ALA A 430 7.94 7.55 20.99
N THR A 431 8.49 7.41 22.20
CA THR A 431 9.80 6.81 22.42
C THR A 431 9.81 5.31 22.13
N ALA A 432 8.68 4.66 22.44
CA ALA A 432 8.50 3.24 22.20
C ALA A 432 8.45 2.88 20.71
N VAL A 433 7.71 3.65 19.91
CA VAL A 433 7.63 3.43 18.46
C VAL A 433 8.93 3.85 17.74
N GLY A 434 9.62 4.86 18.28
CA GLY A 434 10.85 5.39 17.73
C GLY A 434 12.01 4.44 17.92
N ALA A 435 11.98 3.72 19.04
CA ALA A 435 12.90 2.61 19.33
C ALA A 435 12.75 1.43 18.36
N VAL A 436 11.50 1.10 18.02
CA VAL A 436 11.18 -0.03 17.14
C VAL A 436 11.59 0.27 15.69
N GLU A 437 11.33 1.50 15.25
CA GLU A 437 11.80 2.04 13.96
C GLU A 437 13.34 2.01 13.83
N ALA A 438 14.00 2.42 14.91
CA ALA A 438 15.46 2.37 15.03
C ALA A 438 16.02 0.94 15.01
N SER A 439 15.30 0.00 15.65
CA SER A 439 15.70 -1.40 15.73
C SER A 439 15.63 -2.13 14.39
N PHE A 440 14.68 -1.74 13.55
CA PHE A 440 14.59 -2.27 12.19
C PHE A 440 15.70 -1.74 11.28
N LYS A 441 16.08 -0.47 11.47
CA LYS A 441 17.05 0.22 10.60
C LYS A 441 18.47 -0.33 10.73
N CYS A 442 18.89 -0.60 11.96
CA CYS A 442 20.19 -1.23 12.18
C CYS A 442 20.15 -2.76 12.25
N CYS A 443 18.93 -3.33 12.22
CA CYS A 443 18.62 -4.77 12.36
C CYS A 443 19.21 -5.31 13.66
N SER A 444 18.73 -4.75 14.78
CA SER A 444 19.47 -4.75 16.05
C SER A 444 19.48 -6.09 16.76
N GLY A 445 20.53 -6.29 17.57
CA GLY A 445 20.65 -7.43 18.43
C GLY A 445 19.58 -7.46 19.50
N ALA A 446 19.26 -6.30 20.07
CA ALA A 446 18.17 -6.15 21.05
C ALA A 446 17.59 -4.74 21.18
N ILE A 447 16.46 -4.68 21.89
CA ILE A 447 15.94 -3.45 22.50
C ILE A 447 15.98 -3.60 24.02
N ILE A 448 17.01 -3.02 24.65
CA ILE A 448 17.17 -3.03 26.11
C ILE A 448 16.22 -1.98 26.71
N VAL A 449 15.34 -2.40 27.64
CA VAL A 449 14.39 -1.49 28.32
C VAL A 449 14.56 -1.62 29.83
N LEU A 450 14.73 -0.50 30.53
CA LEU A 450 14.57 -0.50 31.98
C LEU A 450 13.10 -0.24 32.27
N THR A 451 12.50 -1.08 33.12
CA THR A 451 11.10 -0.91 33.52
C THR A 451 10.83 -1.36 34.96
N LYS A 452 9.91 -0.67 35.65
CA LYS A 452 9.54 -1.05 37.02
C LYS A 452 8.35 -1.97 37.01
N SER A 453 7.29 -1.54 36.31
CA SER A 453 6.00 -2.25 36.26
C SER A 453 5.85 -3.20 35.07
N GLY A 454 6.71 -3.03 34.07
CA GLY A 454 6.56 -3.75 32.80
C GLY A 454 6.17 -2.81 31.67
N ARG A 455 5.43 -1.75 32.00
CA ARG A 455 4.71 -0.86 31.06
C ARG A 455 5.52 -0.27 29.90
N SER A 456 6.79 0.08 30.14
CA SER A 456 7.69 0.58 29.06
C SER A 456 8.10 -0.52 28.09
N ALA A 457 8.36 -1.71 28.62
CA ALA A 457 8.66 -2.87 27.78
C ALA A 457 7.40 -3.43 27.12
N HIS A 458 6.23 -3.24 27.76
CA HIS A 458 4.94 -3.64 27.19
C HIS A 458 4.59 -2.79 25.97
N GLN A 459 4.94 -1.51 26.03
CA GLN A 459 4.77 -0.56 24.92
C GLN A 459 5.61 -0.86 23.67
N VAL A 460 6.78 -1.45 23.86
CA VAL A 460 7.68 -1.85 22.76
C VAL A 460 7.15 -3.10 22.06
N ALA A 461 6.70 -4.07 22.87
CA ALA A 461 6.02 -5.33 22.44
C ALA A 461 4.83 -5.20 21.52
N ARG A 462 4.05 -4.13 21.70
CA ARG A 462 2.85 -3.83 20.90
C ARG A 462 3.11 -3.48 19.42
N TYR A 463 4.31 -2.97 19.12
CA TYR A 463 4.70 -2.65 17.74
C TYR A 463 5.37 -3.78 16.98
N ARG A 464 5.51 -4.93 17.64
CA ARG A 464 6.11 -6.17 17.11
C ARG A 464 7.49 -6.03 16.43
N PRO A 465 8.55 -5.75 17.21
CA PRO A 465 9.86 -5.68 16.56
C PRO A 465 10.43 -7.08 16.27
N ARG A 466 11.36 -7.14 15.32
CA ARG A 466 12.11 -8.36 15.03
C ARG A 466 13.07 -8.66 16.17
N ALA A 467 13.70 -7.61 16.69
CA ALA A 467 14.66 -7.68 17.79
C ALA A 467 14.03 -8.13 19.10
N PRO A 468 14.73 -8.98 19.88
CA PRO A 468 14.24 -9.37 21.20
C PRO A 468 14.33 -8.22 22.19
N ILE A 469 13.27 -8.04 22.97
CA ILE A 469 13.22 -7.00 23.99
C ILE A 469 13.87 -7.58 25.24
N ILE A 470 14.91 -6.91 25.76
CA ILE A 470 15.49 -7.27 27.07
C ILE A 470 15.00 -6.30 28.15
N ALA A 471 13.96 -6.73 28.89
CA ALA A 471 13.38 -5.93 29.97
C ALA A 471 14.12 -6.10 31.30
N VAL A 472 14.84 -5.05 31.71
CA VAL A 472 15.57 -5.04 32.98
C VAL A 472 14.68 -4.50 34.10
N THR A 473 14.59 -5.26 35.19
CA THR A 473 13.74 -4.92 36.31
C THR A 473 14.34 -5.41 37.63
N ARG A 474 14.02 -4.72 38.72
CA ARG A 474 14.32 -5.21 40.07
C ARG A 474 13.08 -5.80 40.74
N ASN A 475 11.90 -5.46 40.22
CA ASN A 475 10.62 -6.04 40.63
C ASN A 475 10.55 -7.47 40.07
N PRO A 476 10.50 -8.50 40.94
CA PRO A 476 10.41 -9.88 40.43
C PRO A 476 9.03 -10.29 39.91
N GLN A 477 7.97 -9.57 40.30
CA GLN A 477 6.63 -9.84 39.79
C GLN A 477 6.50 -9.30 38.38
N THR A 478 7.22 -8.21 38.08
CA THR A 478 7.37 -7.67 36.73
C THR A 478 8.14 -8.64 35.83
N ALA A 479 9.21 -9.24 36.35
CA ALA A 479 9.99 -10.28 35.65
C ALA A 479 9.19 -11.53 35.27
N ARG A 480 8.34 -12.01 36.17
CA ARG A 480 7.50 -13.16 35.86
C ARG A 480 6.35 -12.83 34.89
N GLN A 481 5.69 -11.69 35.10
CA GLN A 481 4.56 -11.26 34.25
C GLN A 481 4.92 -10.77 32.85
N ALA A 482 6.18 -10.39 32.63
CA ALA A 482 6.66 -9.93 31.32
C ALA A 482 6.71 -11.00 30.21
N HIS A 483 6.69 -12.28 30.60
CA HIS A 483 6.50 -13.42 29.69
C HIS A 483 5.18 -13.45 28.90
N LEU A 484 4.16 -12.75 29.37
CA LEU A 484 2.87 -12.59 28.67
C LEU A 484 2.87 -11.84 27.33
N TYR A 485 3.97 -11.18 26.98
CA TYR A 485 4.04 -10.31 25.80
C TYR A 485 5.05 -10.91 24.83
N ARG A 486 4.80 -10.76 23.53
CA ARG A 486 5.72 -11.22 22.49
C ARG A 486 6.96 -10.32 22.47
N GLY A 487 8.15 -10.94 22.45
CA GLY A 487 9.39 -10.20 22.30
C GLY A 487 10.23 -10.17 23.56
N ILE A 488 9.56 -10.11 24.70
CA ILE A 488 10.20 -9.75 25.96
C ILE A 488 11.01 -10.90 26.60
N PHE A 489 12.31 -10.67 26.78
CA PHE A 489 13.16 -11.46 27.65
C PHE A 489 13.37 -10.70 28.95
N PRO A 490 12.65 -11.10 30.02
CA PRO A 490 12.80 -10.42 31.31
C PRO A 490 14.07 -10.85 32.04
N VAL A 491 14.77 -9.88 32.63
CA VAL A 491 15.95 -10.17 33.46
C VAL A 491 15.79 -9.54 34.85
N LEU A 492 16.04 -10.35 35.88
CA LEU A 492 15.92 -9.91 37.26
C LEU A 492 17.29 -9.46 37.75
N CYS A 493 17.38 -8.17 38.06
CA CYS A 493 18.63 -7.54 38.48
C CYS A 493 18.70 -7.60 40.00
N LYS A 494 19.58 -8.45 40.52
CA LYS A 494 19.73 -8.68 41.96
C LYS A 494 20.77 -7.77 42.64
N ASP A 495 21.33 -6.83 41.87
CA ASP A 495 22.37 -5.90 42.35
C ASP A 495 21.79 -4.84 43.29
N PRO A 496 22.58 -4.38 44.29
CA PRO A 496 22.11 -3.29 45.16
C PRO A 496 22.03 -1.94 44.44
N VAL A 497 21.18 -1.06 44.95
CA VAL A 497 20.96 0.26 44.37
C VAL A 497 22.18 1.13 44.67
N GLN A 498 22.85 1.55 43.60
CA GLN A 498 24.02 2.43 43.70
C GLN A 498 23.56 3.83 44.09
N GLU A 499 24.42 4.53 44.83
CA GLU A 499 24.16 5.83 45.47
C GLU A 499 23.79 6.99 44.53
N ALA A 500 24.39 7.02 43.35
CA ALA A 500 24.03 7.96 42.29
C ALA A 500 23.05 7.24 41.37
N TRP A 501 22.02 7.96 40.91
CA TRP A 501 20.97 7.36 40.08
C TRP A 501 21.44 7.07 38.64
N ALA A 502 22.26 7.96 38.10
CA ALA A 502 22.82 7.85 36.74
C ALA A 502 23.77 6.67 36.59
N GLU A 503 24.57 6.42 37.63
CA GLU A 503 25.43 5.22 37.69
C GLU A 503 24.65 3.92 37.91
N ASP A 504 23.52 4.02 38.63
CA ASP A 504 22.59 2.89 38.85
C ASP A 504 21.86 2.49 37.55
N VAL A 505 21.57 3.49 36.71
CA VAL A 505 21.01 3.30 35.36
C VAL A 505 21.98 2.53 34.45
N ASP A 506 23.24 2.95 34.40
CA ASP A 506 24.29 2.29 33.59
C ASP A 506 24.70 0.88 34.03
N LEU A 507 24.52 0.58 35.32
CA LEU A 507 24.75 -0.74 35.89
C LEU A 507 23.73 -1.75 35.37
N ARG A 508 22.46 -1.32 35.32
CA ARG A 508 21.35 -2.13 34.79
C ARG A 508 21.42 -2.33 33.27
N VAL A 509 21.98 -1.34 32.57
CA VAL A 509 22.20 -1.40 31.11
C VAL A 509 23.32 -2.40 30.79
N ASN A 510 24.41 -2.35 31.56
CA ASN A 510 25.55 -3.28 31.45
C ASN A 510 25.21 -4.75 31.80
N PHE A 511 24.24 -4.92 32.71
CA PHE A 511 23.66 -6.22 33.08
C PHE A 511 22.99 -6.93 31.90
N ALA A 512 22.15 -6.20 31.17
CA ALA A 512 21.48 -6.68 29.95
C ALA A 512 22.43 -6.94 28.80
N MET A 513 23.46 -6.12 28.73
CA MET A 513 24.58 -6.27 27.81
C MET A 513 25.36 -7.56 28.07
N ASN A 514 25.53 -7.91 29.35
CA ASN A 514 26.13 -9.18 29.75
C ASN A 514 25.24 -10.39 29.49
N VAL A 515 23.93 -10.19 29.58
CA VAL A 515 22.92 -11.25 29.35
C VAL A 515 22.92 -11.74 27.90
N GLY A 516 22.86 -10.80 26.96
CA GLY A 516 22.77 -11.10 25.54
C GLY A 516 24.03 -11.70 24.95
N LYS A 517 25.17 -11.29 25.50
CA LYS A 517 26.47 -11.91 25.20
C LYS A 517 26.57 -13.34 25.74
N ALA A 518 25.98 -13.58 26.91
CA ALA A 518 25.93 -14.93 27.48
C ALA A 518 24.96 -15.85 26.75
N ARG A 519 23.83 -15.30 26.28
CA ARG A 519 22.83 -16.06 25.50
C ARG A 519 23.11 -16.16 23.99
N GLY A 520 24.05 -15.36 23.49
CA GLY A 520 24.34 -15.29 22.06
C GLY A 520 23.29 -14.54 21.27
N PHE A 521 22.79 -13.44 21.85
CA PHE A 521 21.84 -12.54 21.19
C PHE A 521 22.66 -11.56 20.36
N PHE A 522 23.79 -11.12 20.91
CA PHE A 522 24.72 -10.20 20.26
C PHE A 522 26.14 -10.40 20.79
N LYS A 523 27.15 -10.08 19.96
CA LYS A 523 28.55 -10.06 20.38
C LYS A 523 29.00 -8.61 20.59
N LYS A 524 30.30 -8.41 20.88
CA LYS A 524 30.93 -7.09 20.98
C LYS A 524 30.92 -6.36 19.63
N GLY A 525 30.52 -5.09 19.64
CA GLY A 525 30.49 -4.30 18.41
C GLY A 525 29.22 -4.40 17.58
N ASP A 526 28.23 -5.17 18.07
CA ASP A 526 26.88 -5.16 17.51
C ASP A 526 26.14 -3.92 18.01
N VAL A 527 25.00 -3.62 17.38
CA VAL A 527 24.22 -2.44 17.73
C VAL A 527 22.97 -2.85 18.50
N VAL A 528 22.67 -2.14 19.59
CA VAL A 528 21.44 -2.34 20.38
C VAL A 528 20.73 -1.01 20.67
N ILE A 529 19.43 -1.09 20.97
CA ILE A 529 18.61 0.08 21.33
C ILE A 529 18.45 0.07 22.86
N VAL A 530 18.76 1.18 23.52
CA VAL A 530 18.61 1.27 24.98
C VAL A 530 17.56 2.32 25.37
N LEU A 531 16.50 1.84 26.03
CA LEU A 531 15.42 2.68 26.49
C LEU A 531 15.54 3.02 27.96
N THR A 532 15.46 4.31 28.26
CA THR A 532 15.60 4.83 29.60
C THR A 532 14.68 6.03 29.76
N GLY A 533 14.66 6.60 30.96
CA GLY A 533 13.95 7.84 31.21
C GLY A 533 14.80 8.87 31.89
N TRP A 534 14.18 10.02 32.18
CA TRP A 534 14.87 11.21 32.66
C TRP A 534 14.94 11.36 34.19
N ARG A 535 14.14 10.59 34.92
CA ARG A 535 14.08 10.65 36.40
C ARG A 535 13.64 9.27 36.96
N PRO A 536 13.81 8.99 38.29
CA PRO A 536 13.38 7.66 38.74
C PRO A 536 11.87 7.57 39.00
N GLY A 537 11.36 6.35 39.06
CA GLY A 537 9.92 6.09 39.22
C GLY A 537 9.30 5.81 37.88
N SER A 538 8.09 5.23 37.88
CA SER A 538 7.41 4.81 36.65
C SER A 538 6.83 5.96 35.83
N GLY A 539 6.73 5.74 34.51
CA GLY A 539 6.03 6.66 33.60
C GLY A 539 6.84 7.76 32.95
N PHE A 540 8.16 7.76 33.17
CA PHE A 540 9.03 8.81 32.63
C PHE A 540 10.00 8.38 31.52
N THR A 541 9.77 7.19 30.93
CA THR A 541 10.58 6.66 29.82
C THR A 541 10.47 7.54 28.57
N ASN A 542 11.55 8.28 28.31
CA ASN A 542 11.60 9.24 27.22
C ASN A 542 12.91 9.26 26.44
N THR A 543 13.90 8.49 26.88
CA THR A 543 15.24 8.49 26.29
C THR A 543 15.53 7.19 25.53
N MET A 544 15.68 7.32 24.21
CA MET A 544 16.09 6.21 23.33
C MET A 544 17.56 6.44 22.93
N ARG A 545 18.39 5.39 23.06
CA ARG A 545 19.81 5.45 22.71
C ARG A 545 20.29 4.28 21.85
N VAL A 546 21.06 4.60 20.81
CA VAL A 546 21.61 3.61 19.88
C VAL A 546 23.11 3.38 20.21
N VAL A 547 23.39 2.38 21.04
CA VAL A 547 24.75 2.15 21.57
C VAL A 547 25.48 0.93 20.98
N PRO A 548 26.82 0.98 20.83
CA PRO A 548 27.50 -0.26 20.46
C PRO A 548 27.72 -1.14 21.69
N VAL A 549 27.75 -2.45 21.49
CA VAL A 549 27.96 -3.40 22.59
C VAL A 549 29.45 -3.45 22.95
N PRO A 550 29.82 -3.06 24.20
CA PRO A 550 31.20 -3.05 24.64
C PRO A 550 31.71 -4.45 24.98
N GLN B 33 -25.22 -10.14 7.89
CA GLN B 33 -24.20 -10.06 6.81
C GLN B 33 -23.48 -11.40 6.64
N THR B 34 -23.32 -11.83 5.38
CA THR B 34 -22.82 -13.17 5.04
C THR B 34 -21.43 -13.12 4.37
N GLN B 35 -20.82 -14.31 4.17
CA GLN B 35 -19.57 -14.55 3.41
C GLN B 35 -18.28 -13.85 3.87
N GLN B 36 -18.25 -13.44 5.15
CA GLN B 36 -17.28 -12.47 5.72
C GLN B 36 -17.12 -11.15 4.92
N LEU B 37 -18.23 -10.59 4.45
CA LEU B 37 -18.19 -9.41 3.57
C LEU B 37 -17.88 -8.11 4.30
N HIS B 38 -18.16 -8.06 5.60
CA HIS B 38 -17.74 -6.94 6.46
C HIS B 38 -16.23 -6.93 6.62
N ALA B 39 -15.64 -8.12 6.75
CA ALA B 39 -14.18 -8.30 6.77
C ALA B 39 -13.49 -8.05 5.41
N ALA B 40 -14.24 -8.23 4.32
CA ALA B 40 -13.76 -7.93 2.97
C ALA B 40 -13.56 -6.43 2.69
N MET B 41 -14.29 -5.58 3.41
CA MET B 41 -14.20 -4.12 3.25
C MET B 41 -13.07 -3.45 4.04
N ALA B 42 -12.29 -4.22 4.80
CA ALA B 42 -11.24 -3.66 5.66
C ALA B 42 -10.03 -3.18 4.87
N ASP B 43 -9.46 -2.05 5.29
CA ASP B 43 -8.37 -1.40 4.59
C ASP B 43 -6.99 -1.98 4.89
N THR B 44 -6.89 -2.81 5.94
CA THR B 44 -5.64 -3.42 6.39
C THR B 44 -5.85 -4.91 6.65
N PHE B 45 -4.77 -5.69 6.62
CA PHE B 45 -4.75 -7.15 6.93
C PHE B 45 -5.13 -7.44 8.38
N LEU B 46 -4.70 -6.56 9.29
CA LEU B 46 -5.00 -6.63 10.71
C LEU B 46 -6.50 -6.45 11.00
N GLU B 47 -7.12 -5.43 10.39
CA GLU B 47 -8.56 -5.14 10.55
C GLU B 47 -9.43 -6.21 9.91
N HIS B 48 -8.97 -6.77 8.80
CA HIS B 48 -9.59 -7.95 8.15
C HIS B 48 -9.66 -9.15 9.08
N MET B 49 -8.54 -9.40 9.76
CA MET B 49 -8.45 -10.41 10.82
C MET B 49 -9.36 -10.09 12.00
N CYS B 50 -9.37 -8.82 12.44
CA CYS B 50 -10.25 -8.31 13.53
C CYS B 50 -11.75 -8.45 13.30
N ARG B 51 -12.17 -8.37 12.04
CA ARG B 51 -13.58 -8.42 11.65
C ARG B 51 -14.08 -9.82 11.26
N LEU B 52 -13.26 -10.87 11.43
CA LEU B 52 -13.66 -12.25 11.11
C LEU B 52 -14.70 -12.75 12.10
N ASP B 53 -15.80 -13.25 11.56
CA ASP B 53 -17.06 -13.38 12.28
C ASP B 53 -17.53 -14.83 12.21
N ILE B 54 -17.78 -15.42 13.39
CA ILE B 54 -18.34 -16.78 13.47
C ILE B 54 -19.84 -16.81 13.15
N ASP B 55 -20.51 -15.66 13.32
CA ASP B 55 -21.95 -15.51 13.03
C ASP B 55 -22.28 -15.15 11.58
N SER B 56 -21.25 -14.88 10.77
CA SER B 56 -21.42 -14.62 9.35
C SER B 56 -21.40 -15.97 8.62
N PRO B 57 -22.56 -16.41 8.07
CA PRO B 57 -22.53 -17.73 7.41
C PRO B 57 -21.98 -17.66 5.98
N PRO B 58 -21.27 -18.71 5.53
CA PRO B 58 -20.75 -18.67 4.16
C PRO B 58 -21.80 -19.04 3.10
N ILE B 59 -21.45 -18.83 1.83
CA ILE B 59 -22.21 -19.40 0.69
C ILE B 59 -22.07 -20.91 0.62
N THR B 60 -23.00 -21.57 -0.08
CA THR B 60 -22.96 -23.04 -0.27
C THR B 60 -21.85 -23.60 -1.17
N ALA B 61 -21.23 -22.75 -2.00
CA ALA B 61 -20.08 -23.13 -2.83
C ALA B 61 -18.81 -23.39 -2.00
N ARG B 62 -18.22 -24.57 -2.21
CA ARG B 62 -16.92 -24.94 -1.65
C ARG B 62 -15.97 -25.18 -2.83
N ASN B 63 -14.86 -24.44 -2.83
CA ASN B 63 -14.01 -24.22 -3.99
C ASN B 63 -12.71 -25.04 -4.06
N THR B 64 -12.13 -25.32 -2.90
CA THR B 64 -10.94 -26.16 -2.75
C THR B 64 -11.31 -27.61 -3.09
N GLY B 65 -10.43 -28.30 -3.82
CA GLY B 65 -10.60 -29.71 -4.11
C GLY B 65 -10.34 -30.54 -2.87
N ILE B 66 -11.05 -31.65 -2.72
CA ILE B 66 -10.76 -32.60 -1.66
C ILE B 66 -10.31 -33.88 -2.35
N ILE B 67 -9.08 -34.29 -2.07
CA ILE B 67 -8.49 -35.52 -2.60
C ILE B 67 -8.51 -36.55 -1.49
N CYS B 68 -9.19 -37.67 -1.72
CA CYS B 68 -9.28 -38.73 -0.71
C CYS B 68 -8.52 -39.95 -1.16
N THR B 69 -7.65 -40.46 -0.29
CA THR B 69 -6.95 -41.73 -0.53
C THR B 69 -7.93 -42.85 -0.27
N ILE B 70 -8.14 -43.71 -1.26
CA ILE B 70 -9.05 -44.84 -1.14
C ILE B 70 -8.31 -46.07 -0.64
N GLY B 71 -8.85 -46.70 0.41
CA GLY B 71 -8.32 -47.95 0.95
C GLY B 71 -9.51 -48.79 1.40
N PRO B 72 -9.30 -49.80 2.27
CA PRO B 72 -10.34 -50.78 2.68
C PRO B 72 -11.54 -50.23 3.47
N ALA B 73 -11.38 -49.07 4.12
CA ALA B 73 -12.50 -48.39 4.78
C ALA B 73 -13.45 -47.62 3.84
N SER B 74 -13.06 -47.43 2.58
CA SER B 74 -13.83 -46.62 1.63
C SER B 74 -13.81 -47.11 0.18
N ARG B 75 -13.81 -48.42 0.00
CA ARG B 75 -13.59 -49.05 -1.32
C ARG B 75 -14.85 -49.55 -2.01
N SER B 76 -15.88 -49.87 -1.23
CA SER B 76 -17.16 -50.35 -1.76
C SER B 76 -17.93 -49.22 -2.45
N VAL B 77 -18.80 -49.61 -3.38
CA VAL B 77 -19.63 -48.71 -4.21
C VAL B 77 -20.64 -47.94 -3.35
N GLU B 78 -21.19 -48.64 -2.34
CA GLU B 78 -22.05 -48.07 -1.29
C GLU B 78 -21.41 -46.92 -0.49
N THR B 79 -20.17 -47.12 -0.05
CA THR B 79 -19.42 -46.11 0.73
C THR B 79 -18.97 -44.95 -0.16
N LEU B 80 -18.49 -45.27 -1.37
CA LEU B 80 -18.03 -44.27 -2.35
C LEU B 80 -19.10 -43.30 -2.87
N LYS B 81 -20.37 -43.74 -2.91
CA LYS B 81 -21.52 -42.86 -3.16
C LYS B 81 -21.69 -41.82 -2.05
N GLU B 82 -21.50 -42.28 -0.81
CA GLU B 82 -21.56 -41.41 0.36
C GLU B 82 -20.31 -40.53 0.51
N MET B 83 -19.18 -40.97 -0.07
CA MET B 83 -17.95 -40.15 -0.15
C MET B 83 -18.15 -38.93 -1.06
N ILE B 84 -18.82 -39.16 -2.20
CA ILE B 84 -19.16 -38.14 -3.19
C ILE B 84 -20.20 -37.14 -2.62
N LYS B 85 -21.23 -37.68 -1.96
CA LYS B 85 -22.25 -36.88 -1.27
C LYS B 85 -21.71 -36.01 -0.13
N SER B 86 -20.72 -36.53 0.60
CA SER B 86 -20.01 -35.75 1.62
C SER B 86 -19.07 -34.72 1.01
N GLY B 87 -18.46 -35.05 -0.13
CA GLY B 87 -17.72 -34.08 -0.93
C GLY B 87 -16.36 -34.45 -1.50
N MET B 88 -16.18 -35.71 -1.92
CA MET B 88 -14.96 -36.16 -2.61
C MET B 88 -14.95 -35.60 -4.03
N ASN B 89 -13.78 -35.17 -4.48
CA ASN B 89 -13.57 -34.70 -5.85
C ASN B 89 -12.53 -35.52 -6.61
N VAL B 90 -11.45 -35.94 -5.93
CA VAL B 90 -10.40 -36.78 -6.52
C VAL B 90 -10.25 -38.03 -5.65
N ALA B 91 -10.25 -39.21 -6.28
CA ALA B 91 -9.90 -40.46 -5.59
C ALA B 91 -8.41 -40.76 -5.78
N ARG B 92 -7.63 -40.72 -4.69
CA ARG B 92 -6.20 -41.04 -4.72
C ARG B 92 -5.99 -42.54 -4.52
N LEU B 93 -5.11 -43.14 -5.33
CA LEU B 93 -4.67 -44.51 -5.14
C LEU B 93 -3.17 -44.47 -4.79
N ASN B 94 -2.82 -44.96 -3.60
CA ASN B 94 -1.41 -45.17 -3.26
C ASN B 94 -0.93 -46.49 -3.87
N PHE B 95 -0.04 -46.40 -4.86
CA PHE B 95 0.54 -47.59 -5.50
C PHE B 95 1.78 -48.19 -4.79
N SER B 96 2.10 -47.67 -3.60
CA SER B 96 3.13 -48.23 -2.70
C SER B 96 2.83 -49.66 -2.26
N HIS B 97 1.55 -49.93 -2.00
CA HIS B 97 1.04 -51.26 -1.72
C HIS B 97 -0.09 -51.58 -2.70
N GLY B 98 -0.52 -52.84 -2.73
CA GLY B 98 -1.62 -53.28 -3.59
C GLY B 98 -1.18 -53.73 -4.96
N THR B 99 -1.89 -54.74 -5.50
CA THR B 99 -1.61 -55.29 -6.84
C THR B 99 -2.38 -54.48 -7.88
N HIS B 100 -2.11 -54.77 -9.16
CA HIS B 100 -2.80 -54.16 -10.30
C HIS B 100 -4.29 -54.47 -10.37
N GLU B 101 -4.66 -55.74 -10.15
CA GLU B 101 -6.08 -56.19 -10.21
C GLU B 101 -6.94 -55.67 -9.04
N TYR B 102 -6.30 -55.42 -7.90
CA TYR B 102 -6.90 -54.74 -6.76
C TYR B 102 -7.22 -53.28 -7.07
N HIS B 103 -6.23 -52.59 -7.68
CA HIS B 103 -6.38 -51.18 -8.04
C HIS B 103 -7.31 -50.95 -9.21
N ALA B 104 -7.38 -51.91 -10.14
CA ALA B 104 -8.33 -51.88 -11.27
C ALA B 104 -9.79 -51.99 -10.81
N GLU B 105 -10.02 -52.80 -9.78
CA GLU B 105 -11.35 -52.97 -9.18
C GLU B 105 -11.73 -51.74 -8.35
N THR B 106 -10.71 -51.13 -7.72
CA THR B 106 -10.84 -49.87 -6.97
C THR B 106 -11.22 -48.72 -7.90
N ILE B 107 -10.56 -48.67 -9.07
CA ILE B 107 -10.86 -47.76 -10.19
C ILE B 107 -12.28 -47.97 -10.73
N LYS B 108 -12.68 -49.24 -10.88
CA LYS B 108 -14.01 -49.63 -11.35
C LYS B 108 -15.16 -49.20 -10.41
N ASN B 109 -14.94 -49.36 -9.10
CA ASN B 109 -15.92 -48.97 -8.07
C ASN B 109 -16.11 -47.47 -7.91
N VAL B 110 -15.05 -46.70 -8.15
CA VAL B 110 -15.09 -45.23 -8.18
C VAL B 110 -16.00 -44.77 -9.32
N ARG B 111 -15.80 -45.35 -10.50
CA ARG B 111 -16.65 -45.07 -11.67
C ARG B 111 -18.09 -45.59 -11.60
N THR B 112 -18.32 -46.69 -10.87
CA THR B 112 -19.67 -47.24 -10.66
C THR B 112 -20.48 -46.31 -9.75
N ALA B 113 -19.82 -45.81 -8.72
CA ALA B 113 -20.42 -44.86 -7.79
C ALA B 113 -20.57 -43.46 -8.36
N THR B 114 -19.65 -43.07 -9.25
CA THR B 114 -19.71 -41.75 -9.92
C THR B 114 -20.87 -41.70 -10.92
N GLU B 115 -20.98 -42.73 -11.76
CA GLU B 115 -22.04 -42.79 -12.78
C GLU B 115 -23.44 -43.15 -12.27
N SER B 116 -23.60 -43.46 -10.97
CA SER B 116 -24.93 -43.61 -10.36
C SER B 116 -25.71 -42.29 -10.19
N PHE B 117 -24.99 -41.16 -10.20
CA PHE B 117 -25.58 -39.81 -10.17
C PHE B 117 -25.66 -39.17 -11.56
N ALA B 118 -25.22 -39.90 -12.59
CA ALA B 118 -25.12 -39.39 -13.97
C ALA B 118 -26.45 -39.21 -14.73
N SER B 119 -27.55 -39.73 -14.18
CA SER B 119 -28.90 -39.57 -14.74
C SER B 119 -29.44 -38.13 -14.72
N ASP B 120 -29.01 -37.35 -13.73
CA ASP B 120 -29.38 -35.95 -13.57
C ASP B 120 -28.11 -35.12 -13.71
N PRO B 121 -27.80 -34.64 -14.95
CA PRO B 121 -26.55 -33.91 -15.24
C PRO B 121 -26.44 -32.49 -14.66
N ILE B 122 -27.55 -31.94 -14.16
CA ILE B 122 -27.55 -30.71 -13.37
C ILE B 122 -26.84 -30.97 -12.01
N LEU B 123 -27.17 -32.09 -11.38
CA LEU B 123 -26.57 -32.47 -10.09
C LEU B 123 -25.39 -33.47 -10.19
N TYR B 124 -24.90 -33.75 -11.40
CA TYR B 124 -23.76 -34.66 -11.58
C TYR B 124 -22.45 -34.00 -11.20
N ARG B 125 -21.76 -34.59 -10.23
CA ARG B 125 -20.42 -34.16 -9.83
C ARG B 125 -19.39 -35.10 -10.47
N PRO B 126 -18.49 -34.56 -11.33
CA PRO B 126 -17.35 -35.31 -11.87
C PRO B 126 -16.34 -35.66 -10.79
N VAL B 127 -15.80 -36.88 -10.84
CA VAL B 127 -14.84 -37.39 -9.85
C VAL B 127 -13.58 -37.85 -10.58
N ALA B 128 -12.44 -37.25 -10.25
CA ALA B 128 -11.15 -37.61 -10.85
C ALA B 128 -10.54 -38.82 -10.16
N VAL B 129 -9.60 -39.44 -10.86
CA VAL B 129 -8.88 -40.63 -10.39
C VAL B 129 -7.39 -40.31 -10.50
N ALA B 130 -6.69 -40.39 -9.36
CA ALA B 130 -5.27 -40.05 -9.26
C ALA B 130 -4.43 -41.31 -9.04
N LEU B 131 -3.24 -41.34 -9.64
CA LEU B 131 -2.27 -42.42 -9.41
C LEU B 131 -1.02 -41.90 -8.70
N ASP B 132 -0.94 -42.11 -7.39
CA ASP B 132 0.26 -41.79 -6.61
C ASP B 132 1.26 -42.95 -6.73
N THR B 133 2.43 -42.67 -7.32
CA THR B 133 3.48 -43.68 -7.50
C THR B 133 4.19 -44.00 -6.18
N LYS B 134 4.85 -45.16 -6.15
CA LYS B 134 5.62 -45.61 -4.98
C LYS B 134 6.90 -44.80 -4.86
N GLY B 135 7.60 -44.66 -5.98
CA GLY B 135 8.83 -43.88 -6.04
C GLY B 135 10.06 -44.72 -5.81
N PRO B 136 11.25 -44.17 -6.12
CA PRO B 136 12.51 -44.77 -5.70
C PRO B 136 12.67 -44.70 -4.18
N GLU B 137 13.32 -45.71 -3.61
CA GLU B 137 13.42 -45.87 -2.17
C GLU B 137 14.65 -46.67 -1.76
N ILE B 138 15.25 -46.30 -0.63
CA ILE B 138 16.38 -47.03 -0.05
C ILE B 138 15.81 -47.86 1.09
N ARG B 139 15.97 -49.18 1.00
CA ARG B 139 15.47 -50.14 2.00
C ARG B 139 16.60 -50.83 2.75
N THR B 140 16.28 -51.50 3.85
CA THR B 140 17.23 -52.34 4.59
C THR B 140 17.08 -53.81 4.20
N GLY B 141 17.93 -54.67 4.78
CA GLY B 141 17.90 -56.11 4.52
C GLY B 141 17.10 -56.91 5.53
N LEU B 142 17.21 -58.24 5.44
CA LEU B 142 16.47 -59.19 6.28
C LEU B 142 17.25 -59.63 7.53
N ILE B 143 16.52 -60.11 8.54
CA ILE B 143 17.07 -60.58 9.81
C ILE B 143 16.73 -62.06 9.99
N LEU B 153 17.69 -51.49 18.44
CA LEU B 153 18.95 -50.78 18.23
C LEU B 153 19.17 -49.79 19.38
N LYS B 154 20.28 -49.96 20.08
CA LYS B 154 20.57 -49.22 21.31
C LYS B 154 21.06 -47.80 21.07
N LYS B 155 20.87 -46.95 22.08
CA LYS B 155 21.10 -45.49 21.99
C LYS B 155 22.58 -45.18 22.22
N GLY B 156 23.17 -44.37 21.34
CA GLY B 156 24.57 -43.98 21.46
C GLY B 156 25.61 -45.04 21.10
N ALA B 157 25.17 -46.08 20.39
CA ALA B 157 26.01 -47.24 20.08
C ALA B 157 26.83 -47.05 18.78
N THR B 158 27.39 -48.14 18.27
CA THR B 158 28.07 -48.12 16.97
C THR B 158 27.69 -49.36 16.15
N LEU B 159 27.07 -49.12 14.99
CA LEU B 159 26.85 -50.16 13.99
C LEU B 159 27.55 -49.76 12.69
N LYS B 160 27.90 -50.77 11.88
CA LYS B 160 28.58 -50.56 10.60
C LYS B 160 27.63 -50.82 9.45
N ILE B 161 27.63 -49.91 8.47
CA ILE B 161 26.79 -50.02 7.27
C ILE B 161 27.63 -50.59 6.12
N THR B 162 27.26 -51.79 5.66
CA THR B 162 27.98 -52.49 4.60
C THR B 162 27.15 -52.57 3.33
N LEU B 163 27.82 -52.84 2.20
CA LEU B 163 27.17 -53.02 0.90
C LEU B 163 27.58 -54.34 0.19
N ASP B 164 28.32 -55.20 0.88
CA ASP B 164 28.57 -56.58 0.41
C ASP B 164 27.28 -57.37 0.60
N ASN B 165 26.85 -58.02 -0.48
CA ASN B 165 25.50 -58.62 -0.57
C ASN B 165 25.28 -59.86 0.30
N ALA B 166 26.38 -60.54 0.67
CA ALA B 166 26.35 -61.54 1.74
C ALA B 166 26.56 -60.83 3.10
N ILE B 175 25.69 -54.51 12.52
CA ILE B 175 25.79 -54.76 11.08
C ILE B 175 24.43 -54.58 10.41
N LEU B 176 24.37 -53.69 9.41
CA LEU B 176 23.14 -53.43 8.61
C LEU B 176 23.43 -53.23 7.13
N TRP B 177 22.74 -53.99 6.29
CA TRP B 177 22.86 -53.89 4.84
C TRP B 177 21.73 -53.01 4.28
N LEU B 178 22.06 -52.22 3.25
CA LEU B 178 21.06 -51.49 2.47
C LEU B 178 21.28 -51.63 0.96
N ASP B 179 20.23 -51.28 0.20
CA ASP B 179 20.19 -51.54 -1.26
C ASP B 179 20.51 -50.34 -2.18
N TYR B 180 21.13 -49.30 -1.64
CA TYR B 180 21.63 -48.16 -2.43
C TYR B 180 23.15 -48.18 -2.40
N LYS B 181 23.73 -48.65 -3.51
CA LYS B 181 25.16 -48.96 -3.57
C LYS B 181 26.07 -47.74 -3.74
N ASN B 182 25.50 -46.63 -4.22
CA ASN B 182 26.25 -45.37 -4.38
C ASN B 182 26.18 -44.43 -3.16
N ILE B 183 25.87 -44.99 -1.99
CA ILE B 183 25.63 -44.24 -0.73
C ILE B 183 26.88 -43.54 -0.17
N CYS B 184 28.06 -44.11 -0.44
CA CYS B 184 29.36 -43.57 0.02
C CYS B 184 29.75 -42.26 -0.66
N LYS B 185 29.29 -42.07 -1.90
CA LYS B 185 29.55 -40.86 -2.65
C LYS B 185 28.67 -39.70 -2.18
N VAL B 186 27.40 -40.00 -1.88
CA VAL B 186 26.40 -38.96 -1.58
C VAL B 186 26.45 -38.37 -0.17
N VAL B 187 26.93 -39.14 0.82
CA VAL B 187 27.03 -38.68 2.22
C VAL B 187 28.50 -38.47 2.65
N GLU B 188 28.68 -37.67 3.71
CA GLU B 188 30.01 -37.30 4.21
C GLU B 188 30.13 -37.56 5.71
N VAL B 189 31.28 -37.15 6.28
CA VAL B 189 31.49 -37.16 7.74
C VAL B 189 30.69 -36.02 8.37
N GLY B 190 29.78 -36.39 9.28
CA GLY B 190 28.87 -35.42 9.91
C GLY B 190 27.44 -35.46 9.40
N SER B 191 27.24 -36.12 8.25
CA SER B 191 25.92 -36.30 7.63
C SER B 191 25.04 -37.27 8.43
N LYS B 192 23.73 -37.13 8.28
CA LYS B 192 22.77 -37.97 9.01
C LYS B 192 22.12 -39.01 8.09
N ILE B 193 21.75 -40.16 8.67
CA ILE B 193 21.04 -41.25 7.97
C ILE B 193 19.84 -41.62 8.85
N TYR B 194 18.63 -41.57 8.28
CA TYR B 194 17.41 -41.84 9.05
C TYR B 194 16.73 -43.12 8.59
N VAL B 195 16.58 -44.09 9.50
CA VAL B 195 16.01 -45.41 9.22
C VAL B 195 14.60 -45.50 9.82
N ASP B 196 13.66 -46.06 9.03
CA ASP B 196 12.27 -46.44 9.43
C ASP B 196 11.37 -45.24 9.81
N ASP B 197 11.06 -44.43 8.78
CA ASP B 197 10.35 -43.13 8.89
C ASP B 197 10.97 -42.12 9.85
N GLY B 198 12.31 -42.09 9.84
CA GLY B 198 13.09 -41.20 10.70
C GLY B 198 13.09 -41.49 12.19
N LEU B 199 12.72 -42.71 12.59
CA LEU B 199 12.64 -43.10 14.01
C LEU B 199 14.02 -43.31 14.60
N ILE B 200 14.88 -44.00 13.86
CA ILE B 200 16.27 -44.21 14.25
C ILE B 200 17.14 -43.28 13.39
N SER B 201 17.92 -42.42 14.06
CA SER B 201 18.82 -41.46 13.43
C SER B 201 20.27 -41.87 13.67
N LEU B 202 21.10 -41.76 12.63
CA LEU B 202 22.50 -42.22 12.67
C LEU B 202 23.43 -41.19 12.02
N GLN B 203 24.49 -40.77 12.71
CA GLN B 203 25.48 -39.83 12.17
C GLN B 203 26.78 -40.56 11.81
N VAL B 204 27.26 -40.38 10.58
CA VAL B 204 28.46 -41.10 10.10
C VAL B 204 29.74 -40.48 10.70
N LYS B 205 30.59 -41.35 11.27
CA LYS B 205 31.86 -40.93 11.85
C LYS B 205 32.99 -41.03 10.81
N GLN B 206 33.12 -42.20 10.19
CA GLN B 206 34.12 -42.45 9.15
C GLN B 206 33.50 -43.16 7.95
N LYS B 207 33.86 -42.69 6.75
CA LYS B 207 33.35 -43.20 5.48
C LYS B 207 34.50 -43.87 4.72
N GLY B 208 34.25 -45.10 4.22
CA GLY B 208 35.19 -45.79 3.34
C GLY B 208 34.71 -45.76 1.90
N ALA B 209 35.35 -46.56 1.05
CA ALA B 209 34.92 -46.70 -0.33
C ALA B 209 33.67 -47.58 -0.46
N ASP B 210 33.63 -48.66 0.33
CA ASP B 210 32.52 -49.64 0.33
C ASP B 210 31.67 -49.66 1.62
N PHE B 211 32.19 -49.08 2.70
CA PHE B 211 31.58 -49.18 4.02
C PHE B 211 31.37 -47.81 4.68
N LEU B 212 30.53 -47.81 5.72
CA LEU B 212 30.29 -46.63 6.56
C LEU B 212 30.20 -47.13 8.01
N VAL B 213 30.95 -46.49 8.92
CA VAL B 213 30.85 -46.76 10.35
C VAL B 213 30.23 -45.53 11.03
N THR B 214 29.12 -45.75 11.72
CA THR B 214 28.25 -44.67 12.19
C THR B 214 27.79 -44.80 13.64
N GLU B 215 27.67 -43.66 14.32
CA GLU B 215 27.16 -43.59 15.68
C GLU B 215 25.64 -43.38 15.68
N VAL B 216 24.95 -44.14 16.53
CA VAL B 216 23.50 -44.07 16.69
C VAL B 216 23.16 -42.80 17.51
N GLU B 217 22.11 -42.08 17.10
CA GLU B 217 21.65 -40.86 17.80
C GLU B 217 20.33 -41.08 18.55
N ASN B 218 19.31 -41.57 17.85
CA ASN B 218 18.02 -41.94 18.45
C ASN B 218 17.91 -43.46 18.58
N GLY B 219 17.27 -43.92 19.66
CA GLY B 219 17.09 -45.37 19.90
C GLY B 219 15.94 -46.01 19.16
N GLY B 220 15.47 -47.15 19.67
CA GLY B 220 14.33 -47.86 19.09
C GLY B 220 14.73 -49.13 18.37
N SER B 221 13.79 -50.06 18.28
CA SER B 221 14.03 -51.38 17.70
C SER B 221 14.07 -51.35 16.17
N LEU B 222 15.07 -52.00 15.59
CA LEU B 222 15.24 -52.10 14.14
C LEU B 222 14.75 -53.45 13.62
N GLY B 223 13.91 -53.41 12.60
CA GLY B 223 13.37 -54.60 11.95
C GLY B 223 13.84 -54.71 10.51
N SER B 224 13.18 -55.59 9.75
CA SER B 224 13.59 -55.94 8.39
C SER B 224 12.84 -55.14 7.33
N LYS B 225 13.54 -54.84 6.23
CA LYS B 225 13.05 -54.08 5.05
C LYS B 225 12.49 -52.67 5.32
N LYS B 226 13.17 -51.95 6.21
CA LYS B 226 12.75 -50.61 6.64
C LYS B 226 13.31 -49.52 5.71
N GLY B 227 12.51 -48.48 5.46
CA GLY B 227 12.86 -47.39 4.54
C GLY B 227 13.88 -46.42 5.11
N VAL B 228 14.92 -46.15 4.31
CA VAL B 228 16.05 -45.30 4.71
C VAL B 228 15.95 -43.95 3.99
N ASN B 229 15.99 -42.86 4.75
CA ASN B 229 16.13 -41.50 4.19
C ASN B 229 17.55 -40.96 4.36
N LEU B 230 17.96 -40.09 3.43
CA LEU B 230 19.26 -39.40 3.49
C LEU B 230 19.01 -37.89 3.44
N PRO B 231 19.03 -37.20 4.60
CA PRO B 231 18.84 -35.75 4.68
C PRO B 231 19.98 -34.92 4.08
N GLY B 232 19.63 -34.09 3.10
CA GLY B 232 20.57 -33.18 2.46
C GLY B 232 21.22 -33.71 1.20
N ALA B 233 21.04 -35.02 0.92
CA ALA B 233 21.80 -35.70 -0.13
C ALA B 233 21.26 -35.45 -1.54
N ALA B 234 22.17 -35.58 -2.52
CA ALA B 234 21.84 -35.56 -3.94
C ALA B 234 21.81 -37.00 -4.45
N VAL B 235 20.66 -37.64 -4.26
CA VAL B 235 20.48 -39.09 -4.47
C VAL B 235 20.36 -39.44 -5.97
N ASP B 236 21.24 -40.31 -6.47
CA ASP B 236 21.20 -40.77 -7.88
C ASP B 236 20.35 -42.03 -8.18
N LEU B 237 19.30 -42.25 -7.38
CA LEU B 237 18.24 -43.22 -7.70
C LEU B 237 17.45 -42.72 -8.91
N PRO B 238 16.96 -43.64 -9.80
CA PRO B 238 16.25 -43.18 -11.01
C PRO B 238 14.90 -42.54 -10.70
N ALA B 239 14.50 -41.58 -11.53
CA ALA B 239 13.29 -40.75 -11.36
C ALA B 239 12.00 -41.56 -11.38
N VAL B 240 11.99 -42.52 -12.29
CA VAL B 240 10.99 -43.54 -12.36
C VAL B 240 11.75 -44.86 -12.08
N SER B 241 11.22 -45.69 -11.20
CA SER B 241 11.84 -47.00 -10.91
C SER B 241 11.32 -48.06 -11.89
N GLU B 242 11.74 -49.32 -11.68
CA GLU B 242 11.28 -50.44 -12.52
C GLU B 242 9.78 -50.74 -12.31
N LYS B 243 9.36 -50.71 -11.03
CA LYS B 243 7.97 -50.94 -10.64
C LYS B 243 7.05 -49.77 -11.02
N ASP B 244 7.59 -48.54 -10.99
CA ASP B 244 6.83 -47.34 -11.34
C ASP B 244 6.54 -47.19 -12.84
N ILE B 245 7.43 -47.71 -13.71
CA ILE B 245 7.23 -47.82 -15.19
C ILE B 245 5.93 -48.58 -15.52
N GLN B 246 5.74 -49.73 -14.86
CA GLN B 246 4.57 -50.56 -15.08
C GLN B 246 3.32 -50.03 -14.42
N ASP B 247 3.49 -49.24 -13.35
CA ASP B 247 2.38 -48.52 -12.70
C ASP B 247 1.87 -47.36 -13.58
N LEU B 248 2.78 -46.68 -14.26
CA LEU B 248 2.44 -45.52 -15.09
C LEU B 248 1.81 -45.87 -16.42
N LYS B 249 2.19 -47.01 -16.98
CA LYS B 249 1.55 -47.55 -18.18
C LYS B 249 0.15 -48.10 -17.88
N PHE B 250 -0.03 -48.60 -16.65
CA PHE B 250 -1.32 -49.07 -16.13
C PHE B 250 -2.34 -47.95 -16.01
N GLY B 251 -1.89 -46.78 -15.55
CA GLY B 251 -2.73 -45.57 -15.46
C GLY B 251 -3.25 -45.01 -16.78
N VAL B 252 -2.45 -45.16 -17.84
CA VAL B 252 -2.83 -44.84 -19.21
C VAL B 252 -3.94 -45.81 -19.68
N GLU B 253 -3.76 -47.10 -19.41
CA GLU B 253 -4.76 -48.15 -19.69
C GLU B 253 -6.04 -47.99 -18.88
N GLN B 254 -5.90 -47.62 -17.62
CA GLN B 254 -7.06 -47.39 -16.75
C GLN B 254 -7.74 -46.03 -16.90
N ASP B 255 -7.17 -45.14 -17.73
CA ASP B 255 -7.68 -43.81 -18.10
C ASP B 255 -7.72 -42.87 -16.86
N VAL B 256 -6.57 -42.72 -16.21
CA VAL B 256 -6.47 -41.85 -15.03
C VAL B 256 -6.34 -40.39 -15.48
N ASP B 257 -6.64 -39.48 -14.55
CA ASP B 257 -6.67 -38.06 -14.86
C ASP B 257 -5.40 -37.33 -14.46
N MET B 258 -4.73 -37.84 -13.41
CA MET B 258 -3.52 -37.22 -12.89
C MET B 258 -2.58 -38.23 -12.25
N VAL B 259 -1.30 -37.88 -12.24
CA VAL B 259 -0.26 -38.70 -11.64
C VAL B 259 0.38 -37.87 -10.53
N PHE B 260 0.47 -38.45 -9.34
CA PHE B 260 1.20 -37.83 -8.24
C PHE B 260 2.58 -38.52 -8.21
N ALA B 261 3.52 -37.96 -8.95
CA ALA B 261 4.86 -38.54 -9.15
C ALA B 261 5.73 -38.37 -7.92
N SER B 262 6.15 -39.49 -7.33
CA SER B 262 6.89 -39.47 -6.07
C SER B 262 8.37 -39.11 -6.25
N PHE B 263 8.90 -38.42 -5.22
CA PHE B 263 10.33 -38.15 -5.00
C PHE B 263 11.02 -37.32 -6.09
N ILE B 264 10.35 -36.24 -6.51
CA ILE B 264 10.83 -35.42 -7.62
C ILE B 264 11.89 -34.44 -7.10
N ARG B 265 13.11 -34.57 -7.64
CA ARG B 265 14.28 -33.82 -7.20
C ARG B 265 14.70 -32.70 -8.15
N LYS B 266 14.45 -32.87 -9.45
CA LYS B 266 14.89 -31.92 -10.48
C LYS B 266 13.96 -31.90 -11.70
N ALA B 267 14.28 -31.05 -12.68
CA ALA B 267 13.43 -30.81 -13.85
C ALA B 267 13.39 -31.97 -14.85
N SER B 268 14.54 -32.63 -15.02
CA SER B 268 14.67 -33.82 -15.88
C SER B 268 13.89 -35.05 -15.40
N ASP B 269 13.65 -35.13 -14.09
CA ASP B 269 12.82 -36.15 -13.44
C ASP B 269 11.36 -36.14 -13.87
N VAL B 270 10.80 -34.93 -14.04
CA VAL B 270 9.41 -34.71 -14.50
C VAL B 270 9.26 -35.13 -15.96
N HIS B 271 10.30 -34.86 -16.76
CA HIS B 271 10.36 -35.23 -18.17
C HIS B 271 10.47 -36.73 -18.41
N GLU B 272 11.11 -37.44 -17.47
CA GLU B 272 11.12 -38.92 -17.47
C GLU B 272 9.72 -39.52 -17.17
N VAL B 273 8.93 -38.83 -16.36
CA VAL B 273 7.54 -39.22 -16.07
C VAL B 273 6.63 -39.00 -17.32
N ARG B 274 6.85 -37.89 -18.05
CA ARG B 274 6.13 -37.65 -19.32
C ARG B 274 6.57 -38.57 -20.46
N LYS B 275 7.85 -38.96 -20.46
CA LYS B 275 8.42 -39.94 -21.42
C LYS B 275 7.78 -41.31 -21.28
N VAL B 276 7.51 -41.73 -20.04
CA VAL B 276 6.88 -43.02 -19.75
C VAL B 276 5.38 -42.98 -20.07
N LEU B 277 4.71 -41.88 -19.74
CA LEU B 277 3.28 -41.65 -20.09
C LEU B 277 3.02 -41.58 -21.60
N GLY B 278 3.89 -40.89 -22.32
CA GLY B 278 3.90 -40.90 -23.79
C GLY B 278 2.78 -40.12 -24.45
N GLU B 279 2.51 -40.42 -25.72
CA GLU B 279 1.44 -39.75 -26.48
C GLU B 279 0.07 -40.32 -26.08
N LYS B 280 0.06 -41.58 -25.66
CA LYS B 280 -1.17 -42.19 -25.12
C LYS B 280 -1.55 -41.65 -23.73
N GLY B 281 -0.57 -41.15 -22.97
CA GLY B 281 -0.82 -40.42 -21.72
C GLY B 281 -0.42 -38.95 -21.71
N LYS B 282 -0.58 -38.26 -22.84
CA LYS B 282 -0.16 -36.85 -22.98
C LYS B 282 -1.06 -35.84 -22.25
N ASN B 283 -2.35 -36.19 -22.11
CA ASN B 283 -3.32 -35.32 -21.43
C ASN B 283 -3.37 -35.53 -19.92
N ILE B 284 -2.69 -36.58 -19.43
CA ILE B 284 -2.62 -36.90 -18.00
C ILE B 284 -1.64 -35.91 -17.34
N LYS B 285 -2.13 -35.19 -16.34
CA LYS B 285 -1.37 -34.13 -15.66
C LYS B 285 -0.33 -34.74 -14.70
N ILE B 286 0.88 -34.18 -14.68
CA ILE B 286 1.93 -34.61 -13.77
C ILE B 286 2.05 -33.64 -12.60
N ILE B 287 1.73 -34.13 -11.40
CA ILE B 287 1.86 -33.36 -10.18
C ILE B 287 3.09 -33.90 -9.44
N SER B 288 4.13 -33.09 -9.30
CA SER B 288 5.38 -33.52 -8.67
C SER B 288 5.22 -33.50 -7.15
N LYS B 289 5.67 -34.56 -6.49
CA LYS B 289 5.73 -34.58 -5.03
C LYS B 289 7.10 -34.11 -4.62
N ILE B 290 7.16 -32.93 -4.01
CA ILE B 290 8.39 -32.40 -3.44
C ILE B 290 8.54 -33.01 -2.05
N GLU B 291 9.54 -33.89 -1.91
CA GLU B 291 9.70 -34.72 -0.71
C GLU B 291 11.01 -34.50 0.08
N ASN B 292 11.91 -33.64 -0.41
CA ASN B 292 13.24 -33.46 0.21
C ASN B 292 13.84 -32.08 -0.03
N HIS B 293 15.03 -31.86 0.54
CA HIS B 293 15.84 -30.63 0.40
C HIS B 293 16.12 -30.20 -1.04
N GLU B 294 16.48 -31.18 -1.88
CA GLU B 294 16.85 -30.97 -3.28
C GLU B 294 15.65 -30.56 -4.15
N GLY B 295 14.47 -31.08 -3.82
CA GLY B 295 13.23 -30.65 -4.47
C GLY B 295 12.81 -29.24 -4.05
N VAL B 296 13.12 -28.88 -2.80
CA VAL B 296 12.86 -27.54 -2.25
C VAL B 296 13.85 -26.54 -2.86
N ARG B 297 15.13 -26.91 -2.93
CA ARG B 297 16.19 -26.08 -3.52
C ARG B 297 16.04 -25.81 -5.01
N ARG B 298 15.72 -26.87 -5.75
CA ARG B 298 15.55 -26.76 -7.19
C ARG B 298 14.05 -26.74 -7.54
N PHE B 299 13.29 -25.90 -6.84
CA PHE B 299 11.83 -25.86 -6.96
C PHE B 299 11.32 -25.24 -8.27
N ASP B 300 11.90 -24.10 -8.64
CA ASP B 300 11.47 -23.28 -9.80
C ASP B 300 11.56 -24.01 -11.14
N GLU B 301 12.62 -24.82 -11.31
CA GLU B 301 12.74 -25.70 -12.48
C GLU B 301 11.76 -26.89 -12.48
N ILE B 302 11.34 -27.36 -11.30
CA ILE B 302 10.37 -28.46 -11.16
C ILE B 302 8.97 -27.96 -11.52
N LEU B 303 8.60 -26.81 -10.95
CA LEU B 303 7.34 -26.10 -11.23
C LEU B 303 7.14 -25.72 -12.71
N GLU B 304 8.24 -25.34 -13.37
CA GLU B 304 8.26 -25.05 -14.81
C GLU B 304 7.93 -26.30 -15.64
N ALA B 305 8.54 -27.43 -15.28
CA ALA B 305 8.32 -28.69 -15.97
C ALA B 305 6.97 -29.36 -15.67
N SER B 306 6.44 -29.14 -14.47
CA SER B 306 5.27 -29.89 -14.01
C SER B 306 3.95 -29.21 -14.30
N ASP B 307 2.87 -29.99 -14.23
CA ASP B 307 1.51 -29.49 -14.28
C ASP B 307 1.01 -29.11 -12.89
N GLY B 308 1.73 -29.53 -11.85
CA GLY B 308 1.40 -29.12 -10.48
C GLY B 308 2.42 -29.61 -9.46
N ILE B 309 2.22 -29.21 -8.20
CA ILE B 309 3.12 -29.52 -7.09
C ILE B 309 2.25 -30.17 -6.01
N MET B 310 2.80 -31.15 -5.29
CA MET B 310 2.20 -31.58 -4.02
C MET B 310 3.20 -31.33 -2.90
N VAL B 311 2.73 -30.64 -1.86
CA VAL B 311 3.53 -30.43 -0.66
C VAL B 311 3.39 -31.72 0.18
N ALA B 312 4.25 -32.68 -0.11
CA ALA B 312 4.19 -34.00 0.51
C ALA B 312 4.91 -33.96 1.86
N ARG B 313 4.19 -33.44 2.87
CA ARG B 313 4.74 -33.01 4.16
C ARG B 313 5.27 -34.12 5.06
N GLY B 314 4.74 -35.33 4.93
CA GLY B 314 5.17 -36.48 5.72
C GLY B 314 6.57 -36.94 5.43
N ASP B 315 6.87 -37.10 4.13
CA ASP B 315 8.22 -37.43 3.69
C ASP B 315 9.19 -36.25 3.81
N LEU B 316 8.67 -35.04 3.68
CA LEU B 316 9.44 -33.80 3.77
C LEU B 316 9.97 -33.57 5.18
N GLY B 317 9.09 -33.78 6.17
CA GLY B 317 9.42 -33.63 7.58
C GLY B 317 10.33 -34.70 8.18
N ILE B 318 10.40 -35.86 7.54
CA ILE B 318 11.46 -36.83 7.81
C ILE B 318 12.78 -36.26 7.27
N GLU B 319 12.76 -35.84 6.00
CA GLU B 319 13.95 -35.32 5.28
C GLU B 319 14.52 -34.00 5.82
N ILE B 320 13.72 -32.92 5.80
CA ILE B 320 14.12 -31.62 6.37
C ILE B 320 13.76 -31.62 7.87
N PRO B 321 14.30 -30.66 8.69
CA PRO B 321 13.78 -30.55 10.07
C PRO B 321 12.29 -30.14 10.12
N ALA B 322 11.52 -30.84 10.96
CA ALA B 322 10.05 -30.80 10.98
C ALA B 322 9.43 -29.44 11.33
N GLU B 323 10.19 -28.66 12.11
CA GLU B 323 9.91 -27.23 12.33
C GLU B 323 9.97 -26.33 11.09
N LYS B 324 10.68 -26.74 10.03
CA LYS B 324 10.82 -25.94 8.80
C LYS B 324 9.79 -26.23 7.69
N VAL B 325 8.83 -27.13 7.96
CA VAL B 325 7.89 -27.65 6.94
C VAL B 325 6.87 -26.60 6.47
N PHE B 326 6.38 -25.79 7.41
CA PHE B 326 5.49 -24.64 7.10
C PHE B 326 6.09 -23.58 6.16
N LEU B 327 7.43 -23.38 6.27
CA LEU B 327 8.18 -22.43 5.46
C LEU B 327 8.21 -22.93 4.03
N ALA B 328 8.53 -24.23 3.89
CA ALA B 328 8.48 -24.95 2.63
C ALA B 328 7.07 -25.01 2.05
N GLN B 329 6.06 -25.21 2.90
CA GLN B 329 4.65 -25.17 2.48
C GLN B 329 4.22 -23.82 1.90
N LYS B 330 4.49 -22.74 2.63
CA LYS B 330 4.11 -21.39 2.21
C LYS B 330 4.92 -20.85 1.02
N MET B 331 6.15 -21.34 0.84
CA MET B 331 6.96 -21.08 -0.35
C MET B 331 6.34 -21.73 -1.58
N MET B 332 6.03 -23.02 -1.45
CA MET B 332 5.48 -23.79 -2.54
C MET B 332 4.06 -23.38 -2.93
N ILE B 333 3.22 -23.04 -1.94
CA ILE B 333 1.86 -22.56 -2.21
C ILE B 333 1.84 -21.20 -2.93
N GLY B 334 2.63 -20.25 -2.40
CA GLY B 334 2.74 -18.90 -2.95
C GLY B 334 3.33 -18.80 -4.34
N ARG B 335 4.36 -19.60 -4.62
CA ARG B 335 4.98 -19.64 -5.96
C ARG B 335 4.10 -20.29 -7.01
N CYS B 336 3.31 -21.29 -6.60
CA CYS B 336 2.31 -21.91 -7.47
C CYS B 336 1.12 -21.01 -7.71
N ASN B 337 0.81 -20.17 -6.71
CA ASN B 337 -0.19 -19.11 -6.83
C ASN B 337 0.30 -18.03 -7.81
N ARG B 338 1.60 -17.71 -7.73
CA ARG B 338 2.29 -16.75 -8.61
C ARG B 338 2.35 -17.29 -10.05
N ALA B 339 2.73 -18.56 -10.21
CA ALA B 339 2.80 -19.22 -11.53
C ALA B 339 1.45 -19.64 -12.11
N GLY B 340 0.41 -19.67 -11.28
CA GLY B 340 -0.93 -20.07 -11.72
C GLY B 340 -1.16 -21.56 -11.92
N LYS B 341 -0.28 -22.39 -11.34
CA LYS B 341 -0.36 -23.85 -11.45
C LYS B 341 -0.91 -24.45 -10.13
N PRO B 342 -1.52 -25.66 -10.17
CA PRO B 342 -2.03 -26.37 -8.97
C PRO B 342 -1.04 -26.70 -7.85
N VAL B 343 -1.53 -26.62 -6.61
CA VAL B 343 -0.79 -27.03 -5.41
C VAL B 343 -1.72 -27.77 -4.44
N ILE B 344 -1.26 -28.93 -3.95
CA ILE B 344 -2.01 -29.79 -3.05
C ILE B 344 -1.27 -29.88 -1.73
N CYS B 345 -1.93 -29.50 -0.63
CA CYS B 345 -1.39 -29.69 0.71
C CYS B 345 -1.78 -31.08 1.20
N ALA B 346 -0.86 -31.77 1.88
CA ALA B 346 -1.02 -33.19 2.21
C ALA B 346 -0.36 -33.63 3.52
N THR B 347 -0.69 -34.88 3.90
CA THR B 347 -0.27 -35.60 5.13
C THR B 347 -0.79 -35.04 6.47
N GLN B 348 -1.53 -35.90 7.19
CA GLN B 348 -1.92 -35.74 8.60
C GLN B 348 -2.79 -34.52 8.94
N MET B 349 -3.60 -34.10 7.97
CA MET B 349 -4.40 -32.87 8.06
C MET B 349 -5.56 -32.99 9.05
N LEU B 350 -6.18 -34.17 9.10
CA LEU B 350 -7.18 -34.52 10.11
C LEU B 350 -6.87 -35.88 10.74
N GLU B 351 -5.60 -36.08 11.13
CA GLU B 351 -4.99 -37.38 11.51
C GLU B 351 -5.68 -38.18 12.62
N SER B 352 -6.13 -37.48 13.66
CA SER B 352 -6.93 -38.06 14.77
C SER B 352 -8.32 -38.60 14.38
N MET B 353 -8.83 -38.22 13.21
CA MET B 353 -10.06 -38.82 12.65
C MET B 353 -9.93 -40.22 12.01
N ILE B 354 -8.73 -40.81 12.07
CA ILE B 354 -8.54 -42.25 11.94
C ILE B 354 -9.28 -42.98 13.07
N LYS B 355 -9.12 -42.46 14.30
CA LYS B 355 -9.71 -43.07 15.50
C LYS B 355 -10.96 -42.36 16.08
N LYS B 356 -11.00 -41.02 16.02
CA LYS B 356 -12.01 -40.20 16.74
C LYS B 356 -13.03 -39.54 15.79
N PRO B 357 -14.30 -39.33 16.21
CA PRO B 357 -15.24 -38.71 15.23
C PRO B 357 -15.13 -37.18 15.01
N ARG B 358 -14.31 -36.49 15.81
CA ARG B 358 -14.07 -35.04 15.66
C ARG B 358 -12.55 -34.84 15.54
N PRO B 359 -12.09 -33.80 14.80
CA PRO B 359 -10.64 -33.60 14.76
C PRO B 359 -10.12 -32.83 15.97
N THR B 360 -8.80 -32.71 16.07
CA THR B 360 -8.18 -31.83 17.06
C THR B 360 -8.25 -30.37 16.59
N ARG B 361 -7.89 -29.44 17.48
CA ARG B 361 -7.95 -28.02 17.15
C ARG B 361 -6.82 -27.59 16.25
N ALA B 362 -5.68 -28.28 16.39
CA ALA B 362 -4.54 -28.14 15.48
C ALA B 362 -4.85 -28.62 14.08
N GLU B 363 -5.56 -29.74 14.01
CA GLU B 363 -6.02 -30.33 12.75
C GLU B 363 -7.05 -29.46 12.03
N GLY B 364 -7.93 -28.82 12.80
CA GLY B 364 -8.90 -27.85 12.25
C GLY B 364 -8.26 -26.56 11.78
N SER B 365 -7.25 -26.09 12.52
CA SER B 365 -6.49 -24.89 12.15
C SER B 365 -5.57 -25.09 10.94
N ASP B 366 -4.99 -26.29 10.80
CA ASP B 366 -4.11 -26.65 9.67
C ASP B 366 -4.79 -26.64 8.31
N VAL B 367 -5.98 -27.24 8.26
CA VAL B 367 -6.85 -27.28 7.07
C VAL B 367 -7.33 -25.87 6.66
N ALA B 368 -7.68 -25.05 7.66
CA ALA B 368 -8.07 -23.66 7.47
C ALA B 368 -6.95 -22.77 6.95
N ASN B 369 -5.78 -22.89 7.58
CA ASN B 369 -4.59 -22.14 7.18
C ASN B 369 -4.01 -22.55 5.83
N ALA B 370 -4.21 -23.80 5.42
CA ALA B 370 -3.80 -24.25 4.08
C ALA B 370 -4.64 -23.60 2.99
N VAL B 371 -5.95 -23.56 3.21
CA VAL B 371 -6.91 -22.93 2.29
C VAL B 371 -6.73 -21.39 2.30
N LEU B 372 -6.46 -20.85 3.50
CA LEU B 372 -6.04 -19.44 3.68
C LEU B 372 -4.78 -19.06 2.91
N ASP B 373 -3.72 -19.86 3.03
CA ASP B 373 -2.45 -19.67 2.28
C ASP B 373 -2.64 -19.71 0.74
N GLY B 374 -3.54 -20.57 0.28
CA GLY B 374 -3.96 -20.60 -1.12
C GLY B 374 -3.82 -21.93 -1.82
N ALA B 375 -3.96 -23.04 -1.08
CA ALA B 375 -3.83 -24.38 -1.63
C ALA B 375 -5.09 -24.74 -2.41
N ASP B 376 -4.89 -25.21 -3.64
CA ASP B 376 -5.97 -25.53 -4.56
C ASP B 376 -6.72 -26.77 -4.14
N CYS B 377 -5.98 -27.74 -3.60
CA CYS B 377 -6.55 -28.94 -3.02
C CYS B 377 -5.98 -29.27 -1.66
N ILE B 378 -6.80 -29.97 -0.87
CA ILE B 378 -6.45 -30.47 0.45
C ILE B 378 -6.63 -31.99 0.44
N MET B 379 -5.68 -32.72 1.03
CA MET B 379 -5.65 -34.18 0.96
C MET B 379 -6.02 -34.88 2.28
N LEU B 380 -6.60 -36.07 2.15
CA LEU B 380 -6.77 -37.01 3.27
C LEU B 380 -6.08 -38.32 2.92
N SER B 381 -5.23 -38.82 3.83
CA SER B 381 -4.44 -40.05 3.63
C SER B 381 -5.08 -41.23 4.36
N GLY B 382 -4.64 -41.54 5.58
CA GLY B 382 -5.21 -42.63 6.39
C GLY B 382 -6.63 -42.41 6.89
N GLU B 383 -7.00 -41.14 7.00
CA GLU B 383 -8.35 -40.62 7.35
C GLU B 383 -9.50 -41.19 6.53
N THR B 384 -9.26 -41.37 5.23
CA THR B 384 -10.20 -42.00 4.31
C THR B 384 -9.82 -43.41 3.88
N ALA B 385 -8.53 -43.75 3.93
CA ALA B 385 -8.06 -45.08 3.51
C ALA B 385 -8.41 -46.18 4.51
N LYS B 386 -7.96 -46.04 5.76
CA LYS B 386 -8.13 -47.07 6.79
C LYS B 386 -8.75 -46.58 8.10
N GLY B 387 -9.27 -45.35 8.12
CA GLY B 387 -9.82 -44.75 9.34
C GLY B 387 -11.20 -45.24 9.67
N ASP B 388 -11.60 -45.06 10.94
CA ASP B 388 -12.94 -45.45 11.39
C ASP B 388 -14.03 -44.46 10.98
N TYR B 389 -13.66 -43.22 10.70
CA TYR B 389 -14.64 -42.18 10.34
C TYR B 389 -14.30 -41.51 9.01
N PRO B 390 -14.57 -42.20 7.87
CA PRO B 390 -14.15 -41.63 6.58
C PRO B 390 -15.02 -40.48 6.05
N LEU B 391 -16.35 -40.65 6.09
CA LEU B 391 -17.34 -39.66 5.65
C LEU B 391 -17.34 -38.37 6.47
N GLU B 392 -17.03 -38.52 7.76
CA GLU B 392 -16.97 -37.42 8.73
C GLU B 392 -15.77 -36.52 8.45
N ALA B 393 -14.65 -37.14 8.06
CA ALA B 393 -13.44 -36.43 7.65
C ALA B 393 -13.58 -35.63 6.35
N VAL B 394 -14.35 -36.16 5.40
CA VAL B 394 -14.62 -35.52 4.12
C VAL B 394 -15.54 -34.31 4.33
N ARG B 395 -16.56 -34.51 5.17
CA ARG B 395 -17.45 -33.44 5.64
C ARG B 395 -16.71 -32.34 6.36
N MET B 396 -15.77 -32.71 7.22
CA MET B 396 -14.97 -31.75 8.01
C MET B 396 -14.02 -30.93 7.15
N GLN B 397 -13.39 -31.55 6.16
CA GLN B 397 -12.60 -30.81 5.15
C GLN B 397 -13.44 -29.92 4.25
N HIS B 398 -14.68 -30.34 3.94
CA HIS B 398 -15.66 -29.49 3.23
C HIS B 398 -16.11 -28.28 4.06
N LEU B 399 -16.40 -28.51 5.34
CA LEU B 399 -16.87 -27.46 6.25
C LEU B 399 -15.82 -26.41 6.61
N ILE B 400 -14.57 -26.84 6.83
CA ILE B 400 -13.45 -25.96 7.19
C ILE B 400 -13.01 -25.07 6.02
N ALA B 401 -12.82 -25.68 4.84
CA ALA B 401 -12.39 -24.99 3.61
C ALA B 401 -13.34 -23.90 3.15
N ARG B 402 -14.65 -24.17 3.24
CA ARG B 402 -15.73 -23.23 2.89
C ARG B 402 -15.76 -21.98 3.77
N GLU B 403 -15.48 -22.15 5.07
CA GLU B 403 -15.32 -21.02 5.99
C GLU B 403 -14.03 -20.26 5.69
N ALA B 404 -12.97 -21.01 5.35
CA ALA B 404 -11.67 -20.42 5.02
C ALA B 404 -11.64 -19.61 3.72
N GLU B 405 -12.40 -20.06 2.72
CA GLU B 405 -12.54 -19.35 1.45
C GLU B 405 -13.24 -17.99 1.57
N ALA B 406 -14.21 -17.92 2.48
CA ALA B 406 -14.85 -16.65 2.84
C ALA B 406 -13.92 -15.72 3.62
N ALA B 407 -13.00 -16.30 4.40
CA ALA B 407 -12.04 -15.54 5.22
C ALA B 407 -10.77 -15.04 4.49
N ILE B 408 -10.64 -15.33 3.19
CA ILE B 408 -9.52 -14.85 2.36
C ILE B 408 -9.64 -13.34 2.16
N TYR B 409 -8.57 -12.60 2.48
CA TYR B 409 -8.50 -11.17 2.23
C TYR B 409 -8.28 -10.94 0.75
N HIS B 410 -9.40 -10.90 0.01
CA HIS B 410 -9.41 -10.86 -1.45
C HIS B 410 -8.91 -9.56 -2.00
N LEU B 411 -9.20 -8.48 -1.26
CA LEU B 411 -8.88 -7.11 -1.65
C LEU B 411 -7.38 -6.89 -1.81
N GLN B 412 -6.58 -7.36 -0.86
CA GLN B 412 -5.11 -7.35 -1.00
C GLN B 412 -4.60 -8.39 -2.01
N LEU B 413 -5.17 -9.60 -1.95
CA LEU B 413 -4.72 -10.74 -2.76
C LEU B 413 -4.86 -10.48 -4.25
N PHE B 414 -6.00 -9.96 -4.69
CA PHE B 414 -6.22 -9.62 -6.09
C PHE B 414 -5.39 -8.41 -6.54
N GLU B 415 -5.24 -7.42 -5.66
CA GLU B 415 -4.36 -6.25 -5.85
C GLU B 415 -2.88 -6.61 -6.06
N GLU B 416 -2.41 -7.61 -5.30
CA GLU B 416 -1.06 -8.15 -5.42
C GLU B 416 -0.86 -9.07 -6.60
N LEU B 417 -1.86 -9.92 -6.86
CA LEU B 417 -1.82 -10.86 -8.00
C LEU B 417 -1.88 -10.14 -9.34
N ARG B 418 -2.65 -9.05 -9.40
CA ARG B 418 -2.69 -8.16 -10.56
C ARG B 418 -1.41 -7.34 -10.75
N ARG B 419 -0.79 -6.93 -9.64
CA ARG B 419 0.49 -6.18 -9.66
C ARG B 419 1.67 -7.00 -10.20
N LEU B 420 1.75 -8.25 -9.78
CA LEU B 420 2.81 -9.17 -10.21
C LEU B 420 2.50 -9.89 -11.53
N ALA B 421 1.30 -9.68 -12.09
CA ALA B 421 0.93 -10.24 -13.39
C ALA B 421 1.71 -9.54 -14.53
N PRO B 422 2.48 -10.33 -15.32
CA PRO B 422 3.28 -9.75 -16.41
C PRO B 422 2.39 -9.34 -17.59
N ILE B 423 2.73 -8.22 -18.21
CA ILE B 423 1.94 -7.68 -19.32
C ILE B 423 2.36 -8.47 -20.58
N THR B 424 1.43 -9.27 -21.10
CA THR B 424 1.60 -10.02 -22.35
C THR B 424 0.40 -9.71 -23.25
N SER B 425 0.42 -10.21 -24.48
CA SER B 425 -0.59 -9.86 -25.48
C SER B 425 -1.75 -10.85 -25.65
N ASP B 426 -1.84 -11.84 -24.75
CA ASP B 426 -2.84 -12.92 -24.85
C ASP B 426 -4.26 -12.42 -24.48
N PRO B 427 -5.23 -12.58 -25.42
CA PRO B 427 -6.63 -12.17 -25.20
C PRO B 427 -7.35 -12.90 -24.07
N THR B 428 -7.01 -14.18 -23.87
CA THR B 428 -7.56 -15.03 -22.83
C THR B 428 -7.18 -14.57 -21.42
N GLU B 429 -5.90 -14.19 -21.25
CA GLU B 429 -5.36 -13.65 -19.99
C GLU B 429 -5.99 -12.32 -19.62
N ALA B 430 -6.20 -11.46 -20.61
CA ALA B 430 -6.82 -10.15 -20.40
C ALA B 430 -8.31 -10.22 -20.08
N THR B 431 -9.01 -11.14 -20.73
CA THR B 431 -10.44 -11.43 -20.49
C THR B 431 -10.67 -11.98 -19.09
N ALA B 432 -9.83 -12.94 -18.69
CA ALA B 432 -9.86 -13.61 -17.37
C ALA B 432 -9.72 -12.67 -16.18
N VAL B 433 -8.76 -11.75 -16.28
CA VAL B 433 -8.49 -10.80 -15.20
C VAL B 433 -9.53 -9.67 -15.19
N GLY B 434 -10.13 -9.38 -16.35
CA GLY B 434 -11.22 -8.43 -16.44
C GLY B 434 -12.52 -9.00 -15.90
N ALA B 435 -12.69 -10.32 -16.05
CA ALA B 435 -13.85 -11.04 -15.54
C ALA B 435 -13.87 -11.15 -14.04
N VAL B 436 -12.68 -11.31 -13.44
CA VAL B 436 -12.52 -11.43 -11.99
C VAL B 436 -12.72 -10.05 -11.32
N GLU B 437 -12.20 -9.02 -11.98
CA GLU B 437 -12.45 -7.61 -11.64
C GLU B 437 -13.93 -7.22 -11.68
N ALA B 438 -14.61 -7.64 -12.75
CA ALA B 438 -16.05 -7.44 -12.89
C ALA B 438 -16.87 -8.22 -11.88
N SER B 439 -16.42 -9.44 -11.53
CA SER B 439 -17.09 -10.27 -10.52
C SER B 439 -16.94 -9.72 -9.11
N PHE B 440 -15.83 -9.03 -8.84
CA PHE B 440 -15.65 -8.35 -7.54
C PHE B 440 -16.52 -7.10 -7.42
N LYS B 441 -16.67 -6.36 -8.52
CA LYS B 441 -17.40 -5.08 -8.53
C LYS B 441 -18.91 -5.25 -8.36
N CYS B 442 -19.51 -6.21 -9.06
CA CYS B 442 -20.95 -6.43 -8.92
C CYS B 442 -21.34 -7.45 -7.83
N CYS B 443 -20.32 -8.08 -7.21
CA CYS B 443 -20.44 -9.18 -6.22
C CYS B 443 -21.23 -10.37 -6.79
N SER B 444 -20.72 -10.94 -7.88
CA SER B 444 -21.50 -11.85 -8.74
C SER B 444 -21.67 -13.23 -8.14
N GLY B 445 -22.72 -13.92 -8.59
CA GLY B 445 -23.03 -15.27 -8.12
C GLY B 445 -22.06 -16.33 -8.60
N ALA B 446 -21.54 -16.14 -9.82
CA ALA B 446 -20.58 -17.05 -10.44
C ALA B 446 -19.80 -16.39 -11.58
N ILE B 447 -18.69 -17.03 -11.97
CA ILE B 447 -18.06 -16.79 -13.26
C ILE B 447 -18.29 -18.05 -14.11
N ILE B 448 -19.25 -17.99 -15.02
CA ILE B 448 -19.52 -19.09 -15.96
C ILE B 448 -18.45 -19.01 -17.05
N VAL B 449 -17.73 -20.12 -17.28
CA VAL B 449 -16.71 -20.21 -18.34
C VAL B 449 -16.97 -21.44 -19.20
N LEU B 450 -17.20 -21.25 -20.51
CA LEU B 450 -17.18 -22.38 -21.44
C LEU B 450 -15.71 -22.70 -21.69
N THR B 451 -15.34 -23.97 -21.53
CA THR B 451 -13.99 -24.41 -21.78
C THR B 451 -13.94 -25.81 -22.40
N LYS B 452 -13.04 -26.01 -23.36
CA LYS B 452 -12.84 -27.34 -23.95
C LYS B 452 -11.83 -28.13 -23.12
N SER B 453 -10.62 -27.59 -23.01
CA SER B 453 -9.47 -28.29 -22.38
C SER B 453 -9.26 -27.99 -20.89
N GLY B 454 -9.97 -27.01 -20.34
CA GLY B 454 -9.74 -26.56 -18.97
C GLY B 454 -9.15 -25.16 -18.89
N ARG B 455 -8.26 -24.85 -19.84
CA ARG B 455 -7.31 -23.69 -19.83
C ARG B 455 -7.88 -22.29 -19.55
N SER B 456 -9.05 -21.97 -20.12
CA SER B 456 -9.75 -20.69 -19.88
C SER B 456 -10.28 -20.54 -18.47
N ALA B 457 -10.80 -21.64 -17.92
CA ALA B 457 -11.21 -21.69 -16.53
C ALA B 457 -10.02 -21.67 -15.55
N HIS B 458 -8.88 -22.19 -16.00
CA HIS B 458 -7.62 -22.20 -15.23
C HIS B 458 -7.02 -20.79 -15.11
N GLN B 459 -7.19 -19.98 -16.15
CA GLN B 459 -6.71 -18.59 -16.17
C GLN B 459 -7.53 -17.65 -15.29
N VAL B 460 -8.81 -17.96 -15.12
CA VAL B 460 -9.71 -17.24 -14.22
C VAL B 460 -9.38 -17.57 -12.76
N ALA B 461 -9.21 -18.87 -12.51
CA ALA B 461 -8.83 -19.43 -11.19
C ALA B 461 -7.51 -18.96 -10.59
N ARG B 462 -6.57 -18.59 -11.46
CA ARG B 462 -5.27 -18.00 -11.11
C ARG B 462 -5.38 -16.71 -10.29
N TYR B 463 -6.34 -15.86 -10.65
CA TYR B 463 -6.51 -14.57 -10.00
C TYR B 463 -7.39 -14.55 -8.74
N ARG B 464 -7.75 -15.75 -8.25
CA ARG B 464 -8.47 -16.01 -6.98
C ARG B 464 -9.76 -15.20 -6.73
N PRO B 465 -10.84 -15.46 -7.50
CA PRO B 465 -12.08 -14.76 -7.18
C PRO B 465 -12.80 -15.37 -5.98
N ARG B 466 -13.71 -14.61 -5.39
CA ARG B 466 -14.64 -15.09 -4.37
C ARG B 466 -15.67 -16.04 -4.99
N ALA B 467 -16.26 -15.58 -6.10
CA ALA B 467 -17.36 -16.25 -6.80
C ALA B 467 -16.93 -17.60 -7.42
N PRO B 468 -17.77 -18.66 -7.30
CA PRO B 468 -17.46 -19.98 -7.86
C PRO B 468 -17.39 -20.02 -9.38
N ILE B 469 -16.37 -20.66 -9.92
CA ILE B 469 -16.15 -20.66 -11.36
C ILE B 469 -16.80 -21.89 -11.96
N ILE B 470 -17.99 -21.71 -12.55
CA ILE B 470 -18.73 -22.84 -13.13
C ILE B 470 -18.18 -23.14 -14.54
N ALA B 471 -17.36 -24.17 -14.64
CA ALA B 471 -16.79 -24.58 -15.93
C ALA B 471 -17.70 -25.56 -16.66
N VAL B 472 -18.24 -25.13 -17.80
CA VAL B 472 -19.07 -25.98 -18.66
C VAL B 472 -18.21 -26.60 -19.76
N THR B 473 -18.29 -27.93 -19.87
CA THR B 473 -17.42 -28.70 -20.76
C THR B 473 -18.14 -29.94 -21.29
N ARG B 474 -17.86 -30.31 -22.53
CA ARG B 474 -18.30 -31.60 -23.08
C ARG B 474 -17.25 -32.70 -22.91
N ASN B 475 -16.00 -32.28 -22.72
CA ASN B 475 -14.89 -33.19 -22.47
C ASN B 475 -15.00 -33.76 -21.04
N PRO B 476 -15.12 -35.10 -20.91
CA PRO B 476 -15.24 -35.73 -19.58
C PRO B 476 -13.96 -35.72 -18.74
N GLN B 477 -12.80 -35.65 -19.40
CA GLN B 477 -11.52 -35.66 -18.69
C GLN B 477 -11.19 -34.30 -18.09
N THR B 478 -11.50 -33.25 -18.85
CA THR B 478 -11.45 -31.85 -18.42
C THR B 478 -12.27 -31.58 -17.16
N ALA B 479 -13.51 -32.10 -17.14
CA ALA B 479 -14.42 -32.05 -15.99
C ALA B 479 -13.88 -32.73 -14.74
N ARG B 480 -13.16 -33.84 -14.92
CA ARG B 480 -12.47 -34.49 -13.81
C ARG B 480 -11.21 -33.71 -13.38
N GLN B 481 -10.39 -33.30 -14.36
CA GLN B 481 -9.11 -32.59 -14.10
C GLN B 481 -9.24 -31.18 -13.54
N ALA B 482 -10.39 -30.53 -13.77
CA ALA B 482 -10.73 -29.19 -13.25
C ALA B 482 -10.81 -29.04 -11.72
N HIS B 483 -11.00 -30.16 -11.01
CA HIS B 483 -10.94 -30.23 -9.54
C HIS B 483 -9.59 -29.86 -8.91
N LEU B 484 -8.49 -29.94 -9.69
CA LEU B 484 -7.16 -29.48 -9.29
C LEU B 484 -6.93 -27.99 -9.02
N TYR B 485 -7.93 -27.13 -9.22
CA TYR B 485 -7.78 -25.66 -9.22
C TYR B 485 -8.87 -25.09 -8.33
N ARG B 486 -8.48 -24.14 -7.45
CA ARG B 486 -9.41 -23.42 -6.55
C ARG B 486 -10.43 -22.60 -7.32
N GLY B 487 -11.71 -22.81 -7.01
CA GLY B 487 -12.77 -22.01 -7.59
C GLY B 487 -13.57 -22.75 -8.62
N ILE B 488 -12.95 -23.73 -9.27
CA ILE B 488 -13.57 -24.37 -10.43
C ILE B 488 -14.57 -25.44 -10.00
N PHE B 489 -15.85 -25.15 -10.24
CA PHE B 489 -16.93 -26.11 -10.05
C PHE B 489 -17.37 -26.69 -11.41
N PRO B 490 -16.77 -27.84 -11.80
CA PRO B 490 -16.95 -28.37 -13.17
C PRO B 490 -18.26 -29.11 -13.40
N VAL B 491 -18.85 -28.90 -14.58
CA VAL B 491 -20.10 -29.58 -14.99
C VAL B 491 -20.00 -30.15 -16.41
N LEU B 492 -20.42 -31.41 -16.57
CA LEU B 492 -20.33 -32.12 -17.85
C LEU B 492 -21.60 -31.98 -18.66
N CYS B 493 -21.51 -31.24 -19.77
CA CYS B 493 -22.65 -31.08 -20.66
C CYS B 493 -22.81 -32.32 -21.56
N LYS B 494 -23.85 -33.10 -21.28
CA LYS B 494 -24.13 -34.34 -22.02
C LYS B 494 -25.03 -34.14 -23.25
N ASP B 495 -25.50 -32.90 -23.46
CA ASP B 495 -26.36 -32.53 -24.60
C ASP B 495 -25.58 -32.56 -25.91
N PRO B 496 -26.25 -32.95 -27.03
CA PRO B 496 -25.54 -32.98 -28.33
C PRO B 496 -25.30 -31.58 -28.89
N VAL B 497 -24.35 -31.50 -29.82
CA VAL B 497 -23.96 -30.25 -30.46
C VAL B 497 -25.09 -29.73 -31.35
N GLN B 498 -25.55 -28.51 -31.05
CA GLN B 498 -26.56 -27.82 -31.85
C GLN B 498 -25.92 -27.37 -33.16
N GLU B 499 -26.75 -27.24 -34.20
CA GLU B 499 -26.29 -26.94 -35.55
C GLU B 499 -25.84 -25.49 -35.68
N ALA B 500 -26.68 -24.57 -35.22
CA ALA B 500 -26.29 -23.18 -35.06
C ALA B 500 -25.42 -23.12 -33.80
N TRP B 501 -24.22 -22.55 -33.96
CA TRP B 501 -23.20 -22.52 -32.90
C TRP B 501 -23.56 -21.53 -31.76
N ALA B 502 -24.22 -20.44 -32.13
CA ALA B 502 -24.76 -19.45 -31.18
C ALA B 502 -25.85 -20.03 -30.26
N GLU B 503 -26.65 -20.95 -30.80
CA GLU B 503 -27.58 -21.75 -30.00
C GLU B 503 -26.87 -22.74 -29.09
N ASP B 504 -25.76 -23.31 -29.57
CA ASP B 504 -24.94 -24.27 -28.80
C ASP B 504 -24.18 -23.58 -27.67
N VAL B 505 -23.78 -22.33 -27.90
CA VAL B 505 -23.17 -21.46 -26.89
C VAL B 505 -24.18 -21.13 -25.78
N ASP B 506 -25.38 -20.70 -26.18
CA ASP B 506 -26.44 -20.32 -25.23
C ASP B 506 -27.02 -21.48 -24.43
N LEU B 507 -27.04 -22.69 -25.01
CA LEU B 507 -27.50 -23.92 -24.33
C LEU B 507 -26.63 -24.29 -23.14
N ARG B 508 -25.31 -24.17 -23.33
CA ARG B 508 -24.33 -24.46 -22.29
C ARG B 508 -24.26 -23.40 -21.20
N VAL B 509 -24.51 -22.14 -21.57
CA VAL B 509 -24.62 -21.02 -20.61
C VAL B 509 -25.90 -21.17 -19.76
N ASN B 510 -27.01 -21.56 -20.41
CA ASN B 510 -28.28 -21.85 -19.73
C ASN B 510 -28.24 -23.09 -18.83
N PHE B 511 -27.42 -24.07 -19.24
CA PHE B 511 -27.10 -25.25 -18.43
C PHE B 511 -26.38 -24.88 -17.14
N ALA B 512 -25.47 -23.90 -17.21
CA ALA B 512 -24.79 -23.36 -16.03
C ALA B 512 -25.68 -22.54 -15.12
N MET B 513 -26.68 -21.87 -15.71
CA MET B 513 -27.73 -21.18 -14.95
C MET B 513 -28.61 -22.17 -14.20
N ASN B 514 -28.87 -23.32 -14.83
CA ASN B 514 -29.64 -24.40 -14.22
C ASN B 514 -28.93 -25.11 -13.06
N VAL B 515 -27.60 -25.27 -13.16
CA VAL B 515 -26.80 -25.91 -12.09
C VAL B 515 -26.72 -25.01 -10.85
N GLY B 516 -26.33 -23.76 -11.07
CA GLY B 516 -26.21 -22.77 -10.00
C GLY B 516 -27.47 -22.36 -9.27
N LYS B 517 -28.62 -22.44 -9.95
CA LYS B 517 -29.93 -22.29 -9.30
C LYS B 517 -30.27 -23.49 -8.42
N ALA B 518 -30.05 -24.68 -8.95
CA ALA B 518 -30.31 -25.93 -8.24
C ALA B 518 -29.30 -26.24 -7.12
N ARG B 519 -28.09 -25.68 -7.20
CA ARG B 519 -27.06 -25.88 -6.17
C ARG B 519 -27.00 -24.77 -5.11
N GLY B 520 -27.82 -23.74 -5.27
CA GLY B 520 -27.83 -22.61 -4.35
C GLY B 520 -26.63 -21.68 -4.43
N PHE B 521 -26.16 -21.41 -5.65
CA PHE B 521 -25.08 -20.44 -5.89
C PHE B 521 -25.67 -19.06 -6.16
N PHE B 522 -26.86 -19.05 -6.77
CA PHE B 522 -27.64 -17.83 -7.04
C PHE B 522 -29.13 -18.19 -7.24
N LYS B 523 -29.92 -17.19 -7.63
CA LYS B 523 -31.30 -17.38 -8.10
C LYS B 523 -31.59 -16.45 -9.27
N LYS B 524 -32.84 -16.48 -9.76
CA LYS B 524 -33.32 -15.64 -10.87
C LYS B 524 -33.27 -14.15 -10.55
N GLY B 525 -32.72 -13.36 -11.48
CA GLY B 525 -32.62 -11.92 -11.30
C GLY B 525 -31.25 -11.45 -10.84
N ASP B 526 -30.45 -12.39 -10.31
CA ASP B 526 -29.08 -12.10 -9.87
C ASP B 526 -28.14 -11.94 -11.07
N VAL B 527 -26.96 -11.39 -10.78
CA VAL B 527 -25.99 -10.99 -11.79
C VAL B 527 -24.79 -11.96 -11.80
N VAL B 528 -24.44 -12.49 -12.99
CA VAL B 528 -23.25 -13.35 -13.14
C VAL B 528 -22.37 -12.93 -14.32
N ILE B 529 -21.12 -13.36 -14.26
CA ILE B 529 -20.14 -13.10 -15.30
C ILE B 529 -20.11 -14.35 -16.19
N VAL B 530 -20.19 -14.16 -17.51
CA VAL B 530 -20.22 -15.26 -18.49
C VAL B 530 -19.06 -15.13 -19.52
N LEU B 531 -18.21 -16.16 -19.59
CA LEU B 531 -17.05 -16.20 -20.51
C LEU B 531 -17.21 -17.14 -21.69
N THR B 532 -17.05 -16.58 -22.89
CA THR B 532 -17.19 -17.30 -24.15
C THR B 532 -16.10 -16.76 -25.09
N GLY B 533 -16.06 -17.28 -26.32
CA GLY B 533 -15.11 -16.83 -27.33
C GLY B 533 -15.70 -16.64 -28.72
N TRP B 534 -14.84 -16.26 -29.66
CA TRP B 534 -15.29 -15.74 -30.97
C TRP B 534 -15.52 -16.79 -32.08
N ARG B 535 -15.10 -18.04 -31.86
CA ARG B 535 -15.30 -19.17 -32.79
C ARG B 535 -15.22 -20.49 -31.98
N PRO B 536 -15.49 -21.68 -32.58
CA PRO B 536 -15.17 -22.94 -31.84
C PRO B 536 -13.69 -23.27 -31.64
N GLY B 537 -13.41 -24.29 -30.83
CA GLY B 537 -12.03 -24.76 -30.61
C GLY B 537 -11.38 -24.09 -29.41
N SER B 538 -10.25 -24.63 -28.96
CA SER B 538 -9.50 -24.08 -27.80
C SER B 538 -8.72 -22.81 -28.13
N GLY B 539 -8.48 -21.98 -27.10
CA GLY B 539 -7.59 -20.82 -27.21
C GLY B 539 -8.18 -19.51 -27.71
N PHE B 540 -9.49 -19.48 -27.90
CA PHE B 540 -10.17 -18.30 -28.45
C PHE B 540 -11.13 -17.57 -27.51
N THR B 541 -11.15 -17.93 -26.21
CA THR B 541 -11.95 -17.22 -25.18
C THR B 541 -11.47 -15.78 -25.07
N ASN B 542 -12.36 -14.86 -25.45
CA ASN B 542 -12.04 -13.44 -25.51
C ASN B 542 -13.17 -12.52 -25.07
N THR B 543 -14.33 -13.10 -24.73
CA THR B 543 -15.59 -12.36 -24.56
C THR B 543 -16.17 -12.52 -23.16
N MET B 544 -16.11 -11.42 -22.40
CA MET B 544 -16.73 -11.34 -21.08
C MET B 544 -18.09 -10.66 -21.16
N ARG B 545 -19.07 -11.20 -20.45
CA ARG B 545 -20.44 -10.66 -20.43
C ARG B 545 -21.07 -10.69 -19.04
N VAL B 546 -21.81 -9.62 -18.71
CA VAL B 546 -22.45 -9.43 -17.41
C VAL B 546 -23.96 -9.65 -17.57
N VAL B 547 -24.41 -10.88 -17.35
CA VAL B 547 -25.77 -11.34 -17.72
C VAL B 547 -26.66 -11.46 -16.47
N PRO B 548 -27.96 -11.06 -16.57
CA PRO B 548 -28.94 -11.50 -15.56
C PRO B 548 -29.21 -13.01 -15.63
N VAL B 549 -29.38 -13.63 -14.47
CA VAL B 549 -29.77 -15.03 -14.39
C VAL B 549 -31.28 -15.11 -14.67
N PRO B 550 -31.71 -15.94 -15.65
CA PRO B 550 -33.14 -16.08 -15.93
C PRO B 550 -33.79 -17.16 -15.06
N GLN C 33 -7.75 18.97 12.19
CA GLN C 33 -8.35 20.32 12.49
C GLN C 33 -7.54 21.47 11.86
N THR C 34 -6.25 21.52 12.19
CA THR C 34 -5.26 22.47 11.66
C THR C 34 -4.24 21.68 10.85
N GLN C 35 -3.21 22.34 10.30
CA GLN C 35 -2.03 21.72 9.60
C GLN C 35 -2.26 20.76 8.40
N GLN C 36 -3.46 20.79 7.81
CA GLN C 36 -4.05 19.71 6.99
C GLN C 36 -3.96 18.31 7.63
N LEU C 37 -4.24 18.22 8.93
CA LEU C 37 -4.11 16.95 9.66
C LEU C 37 -5.22 15.97 9.37
N HIS C 38 -6.39 16.46 8.97
CA HIS C 38 -7.49 15.60 8.50
C HIS C 38 -7.15 14.91 7.20
N ALA C 39 -6.48 15.65 6.29
CA ALA C 39 -5.93 15.10 5.06
C ALA C 39 -4.76 14.13 5.27
N ALA C 40 -4.01 14.32 6.36
CA ALA C 40 -2.91 13.44 6.75
C ALA C 40 -3.34 12.02 7.19
N MET C 41 -4.58 11.86 7.63
CA MET C 41 -5.15 10.53 8.03
C MET C 41 -5.77 9.71 6.89
N ALA C 42 -5.59 10.11 5.64
CA ALA C 42 -6.20 9.41 4.51
C ALA C 42 -5.42 8.14 4.18
N ASP C 43 -6.15 7.07 3.87
CA ASP C 43 -5.57 5.79 3.51
C ASP C 43 -5.13 5.72 2.05
N THR C 44 -5.71 6.59 1.21
CA THR C 44 -5.40 6.70 -0.21
C THR C 44 -4.88 8.11 -0.57
N PHE C 45 -4.00 8.21 -1.58
CA PHE C 45 -3.51 9.48 -2.19
C PHE C 45 -4.65 10.34 -2.75
N LEU C 46 -5.67 9.68 -3.31
CA LEU C 46 -6.85 10.33 -3.84
C LEU C 46 -7.69 11.02 -2.76
N GLU C 47 -7.92 10.34 -1.64
CA GLU C 47 -8.64 10.92 -0.49
C GLU C 47 -7.82 11.99 0.24
N HIS C 48 -6.49 11.88 0.18
CA HIS C 48 -5.59 12.94 0.66
C HIS C 48 -5.76 14.23 -0.14
N MET C 49 -5.90 14.10 -1.46
CA MET C 49 -6.27 15.22 -2.31
C MET C 49 -7.68 15.75 -1.98
N CYS C 50 -8.67 14.85 -1.84
CA CYS C 50 -10.07 15.17 -1.47
C CYS C 50 -10.28 15.91 -0.14
N ARG C 51 -9.42 15.66 0.84
CA ARG C 51 -9.56 16.27 2.16
C ARG C 51 -8.75 17.55 2.34
N LEU C 52 -8.10 18.04 1.27
CA LEU C 52 -7.37 19.32 1.31
C LEU C 52 -8.33 20.49 1.51
N ASP C 53 -7.96 21.39 2.42
CA ASP C 53 -8.93 22.24 3.11
C ASP C 53 -8.35 23.65 3.19
N ILE C 54 -9.05 24.63 2.62
CA ILE C 54 -8.63 26.03 2.69
C ILE C 54 -8.84 26.70 4.06
N ASP C 55 -9.71 26.12 4.88
CA ASP C 55 -9.97 26.59 6.23
C ASP C 55 -9.05 25.95 7.29
N SER C 56 -8.21 24.99 6.89
CA SER C 56 -7.27 24.32 7.80
C SER C 56 -5.90 25.02 7.77
N PRO C 57 -5.61 25.87 8.78
CA PRO C 57 -4.43 26.73 8.68
C PRO C 57 -3.09 26.01 8.97
N PRO C 58 -2.01 26.42 8.28
CA PRO C 58 -0.73 25.76 8.56
C PRO C 58 -0.07 26.33 9.82
N ILE C 59 0.94 25.64 10.33
CA ILE C 59 1.83 26.17 11.38
C ILE C 59 2.66 27.35 10.89
N THR C 60 3.23 28.11 11.84
CA THR C 60 4.09 29.27 11.57
C THR C 60 5.41 28.90 10.84
N ALA C 61 5.92 27.70 11.08
CA ALA C 61 7.16 27.20 10.48
C ALA C 61 7.09 26.90 8.97
N ARG C 62 7.94 27.58 8.21
CA ARG C 62 8.13 27.36 6.78
C ARG C 62 9.48 26.63 6.54
N ASN C 63 9.41 25.47 5.89
CA ASN C 63 10.55 24.56 5.75
C ASN C 63 11.47 24.78 4.52
N THR C 64 10.88 25.17 3.40
CA THR C 64 11.60 25.32 2.11
C THR C 64 12.45 26.59 2.05
N GLY C 65 13.70 26.50 1.64
CA GLY C 65 14.58 27.67 1.52
C GLY C 65 14.27 28.59 0.35
N ILE C 66 14.15 29.89 0.59
CA ILE C 66 13.96 30.85 -0.50
C ILE C 66 15.32 31.45 -0.89
N ILE C 67 15.75 31.16 -2.12
CA ILE C 67 17.00 31.65 -2.70
C ILE C 67 16.65 32.89 -3.52
N CYS C 68 17.39 33.99 -3.32
CA CYS C 68 17.12 35.23 -4.04
C CYS C 68 18.32 35.72 -4.82
N THR C 69 18.12 36.01 -6.10
CA THR C 69 19.11 36.70 -6.90
C THR C 69 19.10 38.17 -6.51
N ILE C 70 20.24 38.66 -6.06
CA ILE C 70 20.40 40.07 -5.71
C ILE C 70 20.87 40.80 -6.97
N GLY C 71 20.19 41.90 -7.29
CA GLY C 71 20.62 42.80 -8.35
C GLY C 71 20.37 44.22 -7.87
N PRO C 72 20.22 45.20 -8.79
CA PRO C 72 19.93 46.62 -8.49
C PRO C 72 18.67 46.91 -7.64
N ALA C 73 17.62 46.10 -7.82
CA ALA C 73 16.36 46.26 -7.05
C ALA C 73 16.41 45.83 -5.57
N SER C 74 17.48 45.13 -5.15
CA SER C 74 17.59 44.64 -3.79
C SER C 74 19.01 44.64 -3.22
N ARG C 75 19.88 45.55 -3.67
CA ARG C 75 21.30 45.52 -3.26
C ARG C 75 21.63 46.28 -1.99
N SER C 76 20.80 47.26 -1.63
CA SER C 76 21.09 48.11 -0.46
C SER C 76 20.83 47.34 0.82
N VAL C 77 21.59 47.69 1.87
CA VAL C 77 21.55 47.08 3.22
C VAL C 77 20.14 47.21 3.84
N GLU C 78 19.58 48.42 3.69
CA GLU C 78 18.19 48.78 4.00
C GLU C 78 17.13 47.86 3.37
N THR C 79 17.29 47.56 2.07
CA THR C 79 16.41 46.62 1.37
C THR C 79 16.69 45.18 1.80
N LEU C 80 17.96 44.83 1.93
CA LEU C 80 18.40 43.47 2.32
C LEU C 80 17.97 43.01 3.71
N LYS C 81 17.85 43.95 4.65
CA LYS C 81 17.22 43.71 5.95
C LYS C 81 15.75 43.34 5.82
N GLU C 82 15.04 44.01 4.91
CA GLU C 82 13.63 43.72 4.66
C GLU C 82 13.42 42.41 3.87
N MET C 83 14.42 42.01 3.10
CA MET C 83 14.44 40.71 2.40
C MET C 83 14.52 39.54 3.38
N ILE C 84 15.39 39.68 4.39
CA ILE C 84 15.56 38.73 5.50
C ILE C 84 14.27 38.63 6.34
N LYS C 85 13.67 39.77 6.65
CA LYS C 85 12.38 39.87 7.36
C LYS C 85 11.22 39.23 6.60
N SER C 86 11.21 39.39 5.26
CA SER C 86 10.26 38.68 4.40
C SER C 86 10.56 37.18 4.22
N GLY C 87 11.78 36.77 4.54
CA GLY C 87 12.15 35.36 4.60
C GLY C 87 13.15 34.88 3.55
N MET C 88 14.10 35.73 3.16
CA MET C 88 15.23 35.29 2.34
C MET C 88 16.17 34.43 3.20
N ASN C 89 16.63 33.32 2.63
CA ASN C 89 17.58 32.44 3.28
C ASN C 89 18.94 32.34 2.60
N VAL C 90 18.97 32.45 1.26
CA VAL C 90 20.19 32.33 0.45
C VAL C 90 20.26 33.55 -0.48
N ALA C 91 21.44 34.17 -0.61
CA ALA C 91 21.68 35.24 -1.58
C ALA C 91 22.51 34.73 -2.78
N ARG C 92 21.84 34.60 -3.94
CA ARG C 92 22.48 34.19 -5.20
C ARG C 92 23.12 35.40 -5.90
N LEU C 93 24.36 35.24 -6.37
CA LEU C 93 25.06 36.27 -7.13
C LEU C 93 25.34 35.75 -8.54
N ASN C 94 24.70 36.36 -9.54
CA ASN C 94 24.89 35.99 -10.94
C ASN C 94 26.22 36.54 -11.49
N PHE C 95 27.18 35.64 -11.72
CA PHE C 95 28.50 36.00 -12.27
C PHE C 95 28.57 35.97 -13.80
N SER C 96 27.42 35.97 -14.48
CA SER C 96 27.37 36.29 -15.90
C SER C 96 27.64 37.78 -16.14
N HIS C 97 27.21 38.60 -15.19
CA HIS C 97 27.41 40.05 -15.21
C HIS C 97 28.20 40.49 -13.98
N GLY C 98 28.82 41.66 -14.07
CA GLY C 98 29.50 42.27 -12.93
C GLY C 98 30.94 41.82 -12.74
N THR C 99 31.76 42.75 -12.25
CA THR C 99 33.18 42.52 -11.98
C THR C 99 33.36 42.00 -10.56
N HIS C 100 34.59 41.68 -10.20
CA HIS C 100 34.94 41.21 -8.86
C HIS C 100 34.84 42.28 -7.78
N GLU C 101 35.02 43.54 -8.15
CA GLU C 101 34.85 44.68 -7.25
C GLU C 101 33.39 44.84 -6.84
N TYR C 102 32.48 44.69 -7.81
CA TYR C 102 31.03 44.87 -7.61
C TYR C 102 30.38 43.78 -6.74
N HIS C 103 30.74 42.52 -7.02
CA HIS C 103 30.22 41.36 -6.31
C HIS C 103 30.69 41.26 -4.87
N ALA C 104 31.91 41.73 -4.60
CA ALA C 104 32.48 41.80 -3.24
C ALA C 104 31.71 42.78 -2.34
N GLU C 105 31.29 43.90 -2.93
CA GLU C 105 30.44 44.88 -2.27
C GLU C 105 29.01 44.38 -2.05
N THR C 106 28.52 43.54 -2.96
CA THR C 106 27.22 42.87 -2.82
C THR C 106 27.27 41.85 -1.65
N ILE C 107 28.37 41.09 -1.59
CA ILE C 107 28.70 40.15 -0.51
C ILE C 107 28.80 40.84 0.86
N LYS C 108 29.50 41.99 0.87
CA LYS C 108 29.65 42.87 2.05
C LYS C 108 28.31 43.42 2.55
N ASN C 109 27.43 43.80 1.62
CA ASN C 109 26.10 44.34 1.93
C ASN C 109 25.12 43.31 2.50
N VAL C 110 25.19 42.08 1.99
CA VAL C 110 24.45 40.93 2.51
C VAL C 110 24.90 40.65 3.95
N ARG C 111 26.21 40.64 4.17
CA ARG C 111 26.79 40.42 5.50
C ARG C 111 26.60 41.55 6.52
N THR C 112 26.54 42.81 6.06
CA THR C 112 26.24 43.96 6.94
C THR C 112 24.77 43.90 7.41
N ALA C 113 23.88 43.54 6.49
CA ALA C 113 22.45 43.38 6.77
C ALA C 113 22.11 42.17 7.63
N THR C 114 22.86 41.08 7.47
CA THR C 114 22.66 39.86 8.26
C THR C 114 23.16 40.07 9.69
N GLU C 115 24.33 40.68 9.84
CA GLU C 115 24.91 40.95 11.18
C GLU C 115 24.30 42.12 11.98
N SER C 116 23.32 42.84 11.41
CA SER C 116 22.51 43.79 12.18
C SER C 116 21.56 43.08 13.15
N PHE C 117 21.09 41.89 12.76
CA PHE C 117 20.24 41.05 13.61
C PHE C 117 21.00 40.23 14.65
N ALA C 118 22.35 40.21 14.57
CA ALA C 118 23.20 39.39 15.46
C ALA C 118 23.28 39.83 16.94
N SER C 119 22.89 41.08 17.20
CA SER C 119 22.71 41.66 18.54
C SER C 119 21.73 40.90 19.45
N ASP C 120 20.63 40.42 18.87
CA ASP C 120 19.70 39.51 19.54
C ASP C 120 19.74 38.12 18.86
N PRO C 121 20.39 37.12 19.50
CA PRO C 121 20.61 35.79 18.90
C PRO C 121 19.37 34.89 18.73
N ILE C 122 18.27 35.21 19.41
CA ILE C 122 17.00 34.47 19.34
C ILE C 122 16.33 34.73 17.97
N LEU C 123 16.34 36.01 17.56
CA LEU C 123 15.75 36.42 16.28
C LEU C 123 16.74 36.44 15.09
N TYR C 124 17.99 36.04 15.33
CA TYR C 124 19.01 35.99 14.27
C TYR C 124 18.80 34.82 13.32
N ARG C 125 18.67 35.12 12.03
CA ARG C 125 18.65 34.13 10.96
C ARG C 125 19.99 34.16 10.23
N PRO C 126 20.64 32.98 10.04
CA PRO C 126 21.79 32.90 9.13
C PRO C 126 21.34 33.02 7.68
N VAL C 127 22.13 33.74 6.88
CA VAL C 127 21.86 33.93 5.45
C VAL C 127 23.06 33.36 4.69
N ALA C 128 22.81 32.46 3.74
CA ALA C 128 23.86 31.93 2.90
C ALA C 128 24.23 32.88 1.77
N VAL C 129 25.43 32.67 1.21
CA VAL C 129 25.94 33.42 0.05
C VAL C 129 26.28 32.42 -1.05
N ALA C 130 25.66 32.58 -2.23
CA ALA C 130 25.75 31.64 -3.35
C ALA C 130 26.35 32.28 -4.60
N LEU C 131 27.23 31.54 -5.27
CA LEU C 131 27.91 32.01 -6.48
C LEU C 131 27.42 31.23 -7.70
N ASP C 132 26.54 31.84 -8.49
CA ASP C 132 26.07 31.24 -9.74
C ASP C 132 27.06 31.60 -10.84
N THR C 133 27.70 30.60 -11.46
CA THR C 133 28.73 30.83 -12.49
C THR C 133 28.15 31.28 -13.84
N LYS C 134 29.01 31.85 -14.68
CA LYS C 134 28.64 32.23 -16.05
C LYS C 134 28.50 30.97 -16.91
N GLY C 135 29.58 30.19 -16.97
CA GLY C 135 29.61 28.93 -17.73
C GLY C 135 29.83 29.15 -19.21
N PRO C 136 29.74 28.07 -20.01
CA PRO C 136 29.72 28.16 -21.46
C PRO C 136 28.47 28.86 -22.01
N GLU C 137 28.55 30.20 -22.10
CA GLU C 137 27.46 31.06 -22.59
C GLU C 137 27.77 31.61 -23.97
N ILE C 138 26.72 31.87 -24.74
CA ILE C 138 26.83 32.59 -26.02
C ILE C 138 25.97 33.85 -25.88
N ARG C 139 26.58 35.02 -26.04
CA ARG C 139 25.87 36.30 -25.97
C ARG C 139 25.99 37.04 -27.30
N THR C 140 25.03 37.93 -27.59
CA THR C 140 25.12 38.85 -28.72
C THR C 140 25.90 40.12 -28.34
N GLY C 141 26.16 40.98 -29.32
CA GLY C 141 26.83 42.26 -29.11
C GLY C 141 25.85 43.38 -28.84
N LEU C 142 26.33 44.63 -28.91
CA LEU C 142 25.51 45.82 -28.63
C LEU C 142 24.74 46.31 -29.86
N ILE C 143 23.50 46.75 -29.65
CA ILE C 143 22.64 47.30 -30.72
C ILE C 143 22.96 48.78 -30.95
N LYS C 144 23.58 49.06 -32.10
CA LYS C 144 24.01 50.41 -32.56
C LYS C 144 24.92 51.19 -31.58
N GLY C 145 25.83 50.47 -30.91
CA GLY C 145 26.71 51.06 -29.91
C GLY C 145 26.02 51.41 -28.60
N SER C 146 25.05 50.58 -28.21
CA SER C 146 24.18 50.88 -27.07
C SER C 146 23.61 49.62 -26.42
N GLY C 147 23.73 49.54 -25.10
CA GLY C 147 23.13 48.46 -24.32
C GLY C 147 21.62 48.55 -24.22
N THR C 148 21.11 49.78 -24.08
CA THR C 148 19.67 50.00 -23.98
C THR C 148 18.86 49.86 -25.28
N ALA C 149 19.45 50.21 -26.43
CA ALA C 149 18.71 50.31 -27.71
C ALA C 149 18.26 48.98 -28.32
N GLU C 150 17.19 49.06 -29.12
CA GLU C 150 16.52 47.88 -29.67
C GLU C 150 16.10 48.03 -31.14
N VAL C 151 16.12 46.92 -31.88
CA VAL C 151 15.62 46.84 -33.26
C VAL C 151 14.52 45.77 -33.34
N GLU C 152 13.67 45.88 -34.35
CA GLU C 152 12.59 44.92 -34.58
C GLU C 152 12.96 43.95 -35.70
N LEU C 153 12.79 42.65 -35.44
CA LEU C 153 13.11 41.60 -36.42
C LEU C 153 11.84 41.10 -37.08
N LYS C 154 11.72 41.30 -38.40
CA LYS C 154 10.52 40.88 -39.13
C LYS C 154 10.56 39.40 -39.48
N LYS C 155 9.40 38.75 -39.39
CA LYS C 155 9.24 37.32 -39.68
C LYS C 155 9.41 37.03 -41.18
N GLY C 156 10.44 36.26 -41.52
CA GLY C 156 10.77 35.96 -42.92
C GLY C 156 11.77 36.89 -43.56
N ALA C 157 12.32 37.82 -42.78
CA ALA C 157 13.42 38.69 -43.22
C ALA C 157 14.75 38.03 -42.85
N THR C 158 15.80 38.38 -43.56
CA THR C 158 17.12 37.80 -43.31
C THR C 158 17.82 38.51 -42.14
N LEU C 159 18.86 37.85 -41.61
CA LEU C 159 19.71 38.39 -40.56
C LEU C 159 21.09 37.72 -40.67
N LYS C 160 22.08 38.45 -41.19
CA LYS C 160 23.44 37.93 -41.35
C LYS C 160 24.20 37.89 -40.01
N ILE C 161 24.36 36.69 -39.46
CA ILE C 161 25.17 36.48 -38.24
C ILE C 161 26.66 36.56 -38.61
N THR C 162 27.42 37.38 -37.89
CA THR C 162 28.86 37.58 -38.13
C THR C 162 29.73 37.22 -36.92
N LEU C 163 31.03 37.05 -37.18
CA LEU C 163 32.04 36.89 -36.13
C LEU C 163 33.14 37.96 -36.21
N ASP C 164 32.98 38.90 -37.16
CA ASP C 164 33.91 40.01 -37.36
C ASP C 164 33.78 41.03 -36.22
N ASN C 165 34.90 41.37 -35.59
CA ASN C 165 34.90 42.17 -34.36
C ASN C 165 34.72 43.69 -34.56
N ALA C 166 34.72 44.16 -35.82
CA ALA C 166 34.29 45.52 -36.13
C ALA C 166 32.77 45.73 -35.98
N TYR C 167 31.99 44.65 -36.10
CA TYR C 167 30.55 44.66 -35.87
C TYR C 167 30.12 44.30 -34.42
N MET C 168 31.06 44.31 -33.47
CA MET C 168 30.83 43.93 -32.05
C MET C 168 29.90 44.87 -31.29
N GLU C 169 30.10 46.17 -31.48
CA GLU C 169 29.17 47.18 -30.95
C GLU C 169 28.43 47.87 -32.11
N LYS C 170 27.95 47.06 -33.07
CA LYS C 170 27.33 47.57 -34.30
C LYS C 170 26.22 46.66 -34.84
N CYS C 171 25.53 45.94 -33.95
CA CYS C 171 24.44 45.05 -34.33
C CYS C 171 23.17 45.84 -34.68
N ASP C 172 22.40 45.32 -35.65
CA ASP C 172 21.07 45.85 -35.98
C ASP C 172 20.17 44.74 -36.52
N GLU C 173 19.13 45.12 -37.26
CA GLU C 173 18.23 44.16 -37.93
C GLU C 173 18.82 43.37 -39.13
N ASN C 174 19.98 43.81 -39.65
CA ASN C 174 20.70 43.10 -40.72
C ASN C 174 21.92 42.29 -40.25
N ILE C 175 22.65 42.83 -39.26
CA ILE C 175 23.95 42.29 -38.81
C ILE C 175 23.83 41.90 -37.32
N LEU C 176 24.28 40.69 -36.96
CA LEU C 176 24.31 40.24 -35.56
C LEU C 176 25.63 39.56 -35.17
N TRP C 177 26.47 40.25 -34.39
CA TRP C 177 27.70 39.66 -33.85
C TRP C 177 27.36 38.78 -32.65
N LEU C 178 28.09 37.68 -32.50
CA LEU C 178 28.08 36.90 -31.25
C LEU C 178 29.48 36.40 -30.88
N ASP C 179 29.63 35.96 -29.62
CA ASP C 179 30.97 35.66 -29.06
C ASP C 179 31.50 34.20 -29.14
N TYR C 180 30.73 33.30 -29.75
CA TYR C 180 31.16 31.90 -29.95
C TYR C 180 31.72 31.70 -31.35
N LYS C 181 33.06 31.71 -31.45
CA LYS C 181 33.79 31.65 -32.72
C LYS C 181 33.72 30.31 -33.49
N ASN C 182 33.38 29.23 -32.79
CA ASN C 182 33.16 27.91 -33.42
C ASN C 182 31.69 27.59 -33.72
N ILE C 183 30.89 28.62 -34.03
CA ILE C 183 29.45 28.44 -34.33
C ILE C 183 29.22 27.77 -35.70
N CYS C 184 30.02 28.12 -36.70
CA CYS C 184 29.91 27.56 -38.06
C CYS C 184 30.37 26.09 -38.16
N LYS C 185 31.29 25.70 -37.29
CA LYS C 185 31.84 24.34 -37.25
C LYS C 185 30.88 23.29 -36.67
N VAL C 186 30.01 23.70 -35.75
CA VAL C 186 29.09 22.78 -35.06
C VAL C 186 27.62 22.85 -35.53
N VAL C 187 27.33 23.80 -36.41
CA VAL C 187 25.99 23.99 -36.99
C VAL C 187 26.07 23.73 -38.50
N GLU C 188 25.19 22.87 -39.00
CA GLU C 188 24.94 22.68 -40.44
C GLU C 188 23.67 23.43 -40.81
N VAL C 189 23.33 23.47 -42.10
CA VAL C 189 22.20 24.26 -42.62
C VAL C 189 20.82 23.75 -42.20
N GLY C 190 19.92 24.68 -41.87
CA GLY C 190 18.56 24.35 -41.47
C GLY C 190 18.33 24.18 -39.97
N SER C 191 19.40 24.10 -39.18
CA SER C 191 19.27 23.96 -37.73
C SER C 191 18.92 25.29 -37.09
N LYS C 192 18.13 25.23 -36.01
CA LYS C 192 17.58 26.43 -35.38
C LYS C 192 18.55 27.14 -34.43
N ILE C 193 18.40 28.47 -34.33
CA ILE C 193 19.18 29.33 -33.43
C ILE C 193 18.18 30.20 -32.64
N TYR C 194 18.22 30.11 -31.32
CA TYR C 194 17.29 30.81 -30.44
C TYR C 194 18.02 31.96 -29.74
N VAL C 195 17.39 33.14 -29.64
CA VAL C 195 17.98 34.36 -29.04
C VAL C 195 16.98 34.94 -28.02
N ASP C 196 17.50 35.38 -26.86
CA ASP C 196 16.79 36.16 -25.81
C ASP C 196 15.70 35.35 -25.10
N ASP C 197 16.15 34.37 -24.29
CA ASP C 197 15.31 33.40 -23.55
C ASP C 197 14.33 32.59 -24.45
N GLY C 198 14.82 32.20 -25.62
CA GLY C 198 14.04 31.50 -26.65
C GLY C 198 12.88 32.23 -27.33
N LEU C 199 12.78 33.55 -27.17
CA LEU C 199 11.66 34.34 -27.70
C LEU C 199 11.77 34.61 -29.21
N ILE C 200 13.00 34.84 -29.66
CA ILE C 200 13.34 34.99 -31.08
C ILE C 200 13.97 33.68 -31.55
N SER C 201 13.46 33.10 -32.64
CA SER C 201 14.05 31.92 -33.27
C SER C 201 14.44 32.20 -34.72
N LEU C 202 15.60 31.72 -35.12
CA LEU C 202 16.15 31.91 -36.46
C LEU C 202 16.42 30.54 -37.08
N GLN C 203 16.42 30.46 -38.41
CA GLN C 203 16.77 29.21 -39.12
C GLN C 203 17.80 29.48 -40.23
N VAL C 204 18.88 28.69 -40.21
CA VAL C 204 20.07 28.87 -41.07
C VAL C 204 19.80 28.48 -42.53
N LYS C 205 19.97 29.43 -43.45
CA LYS C 205 19.78 29.22 -44.89
C LYS C 205 21.08 28.84 -45.61
N GLN C 206 22.18 29.53 -45.26
CA GLN C 206 23.53 29.16 -45.73
C GLN C 206 24.62 29.58 -44.73
N LYS C 207 25.69 28.79 -44.65
CA LYS C 207 26.82 29.06 -43.74
C LYS C 207 28.12 29.27 -44.52
N GLY C 208 28.87 30.30 -44.12
CA GLY C 208 30.19 30.55 -44.70
C GLY C 208 31.32 30.09 -43.81
N ALA C 209 32.48 30.71 -43.97
CA ALA C 209 33.65 30.45 -43.14
C ALA C 209 33.48 31.08 -41.76
N ASP C 210 33.23 32.39 -41.74
CA ASP C 210 32.98 33.14 -40.50
C ASP C 210 31.62 33.88 -40.50
N PHE C 211 30.62 33.29 -41.17
CA PHE C 211 29.25 33.82 -41.16
C PHE C 211 28.16 32.76 -41.24
N LEU C 212 26.94 33.18 -40.90
CA LEU C 212 25.72 32.42 -41.12
C LEU C 212 24.67 33.40 -41.65
N VAL C 213 23.89 32.96 -42.64
CA VAL C 213 22.76 33.75 -43.14
C VAL C 213 21.48 33.05 -42.69
N THR C 214 20.71 33.72 -41.82
CA THR C 214 19.51 33.13 -41.24
C THR C 214 18.21 33.67 -41.84
N GLU C 215 17.11 33.00 -41.51
CA GLU C 215 15.75 33.47 -41.77
C GLU C 215 14.99 33.46 -40.46
N VAL C 216 14.24 34.54 -40.19
CA VAL C 216 13.57 34.72 -38.90
C VAL C 216 12.22 33.98 -38.87
N GLU C 217 12.16 32.91 -38.06
CA GLU C 217 10.95 32.10 -37.87
C GLU C 217 9.97 32.86 -36.97
N ASN C 218 10.42 33.19 -35.76
CA ASN C 218 9.65 34.00 -34.80
C ASN C 218 10.27 35.39 -34.65
N GLY C 219 9.48 36.41 -34.98
CA GLY C 219 9.92 37.80 -34.87
C GLY C 219 9.86 38.40 -33.48
N GLY C 220 10.35 39.63 -33.35
CA GLY C 220 10.32 40.36 -32.07
C GLY C 220 11.34 41.48 -31.95
N SER C 221 11.41 42.05 -30.75
CA SER C 221 12.31 43.16 -30.43
C SER C 221 13.67 42.64 -29.97
N LEU C 222 14.69 42.81 -30.80
CA LEU C 222 16.06 42.37 -30.51
C LEU C 222 16.86 43.45 -29.80
N GLY C 223 17.36 43.13 -28.59
CA GLY C 223 18.22 44.02 -27.81
C GLY C 223 19.65 43.51 -27.67
N SER C 224 20.42 44.19 -26.82
CA SER C 224 21.86 43.93 -26.65
C SER C 224 22.15 42.89 -25.58
N LYS C 225 23.28 42.18 -25.76
CA LYS C 225 23.86 41.19 -24.83
C LYS C 225 22.91 40.05 -24.40
N LYS C 226 22.14 39.56 -25.36
CA LYS C 226 21.10 38.54 -25.11
C LYS C 226 21.68 37.15 -25.31
N GLY C 227 21.22 36.20 -24.51
CA GLY C 227 21.70 34.81 -24.53
C GLY C 227 21.25 34.06 -25.77
N VAL C 228 22.19 33.34 -26.39
CA VAL C 228 21.94 32.56 -27.61
C VAL C 228 21.98 31.07 -27.25
N ASN C 229 21.03 30.30 -27.77
CA ASN C 229 20.97 28.85 -27.54
C ASN C 229 20.99 28.05 -28.84
N LEU C 230 21.76 26.96 -28.84
CA LEU C 230 21.85 26.06 -29.99
C LEU C 230 21.48 24.61 -29.59
N PRO C 231 20.16 24.28 -29.57
CA PRO C 231 19.73 22.91 -29.22
C PRO C 231 19.98 21.90 -30.34
N GLY C 232 20.32 20.67 -29.97
CA GLY C 232 20.70 19.63 -30.94
C GLY C 232 22.20 19.63 -31.24
N ALA C 233 22.69 20.75 -31.74
CA ALA C 233 24.12 20.99 -32.02
C ALA C 233 24.94 21.07 -30.74
N ALA C 234 26.00 20.25 -30.66
CA ALA C 234 26.85 20.20 -29.47
C ALA C 234 27.86 21.35 -29.47
N VAL C 235 27.89 22.13 -28.39
CA VAL C 235 28.80 23.29 -28.28
C VAL C 235 30.13 22.89 -27.61
N ASP C 236 31.25 23.28 -28.24
CA ASP C 236 32.59 22.85 -27.80
C ASP C 236 33.34 23.84 -26.88
N LEU C 237 32.56 24.66 -26.15
CA LEU C 237 33.09 25.58 -25.15
C LEU C 237 33.43 24.77 -23.90
N PRO C 238 34.42 25.24 -23.08
CA PRO C 238 34.77 24.47 -21.87
C PRO C 238 33.74 24.51 -20.73
N ALA C 239 33.85 23.52 -19.84
CA ALA C 239 33.02 23.40 -18.64
C ALA C 239 33.37 24.49 -17.65
N VAL C 240 34.66 24.61 -17.38
CA VAL C 240 35.24 25.69 -16.60
C VAL C 240 36.11 26.47 -17.60
N SER C 241 35.70 27.70 -17.89
CA SER C 241 36.49 28.61 -18.72
C SER C 241 37.51 29.35 -17.85
N GLU C 242 38.33 30.18 -18.49
CA GLU C 242 39.35 30.98 -17.79
C GLU C 242 38.74 32.09 -16.93
N LYS C 243 37.59 32.63 -17.38
CA LYS C 243 36.77 33.53 -16.56
C LYS C 243 36.16 32.80 -15.36
N ASP C 244 35.64 31.59 -15.61
CA ASP C 244 35.08 30.71 -14.56
C ASP C 244 36.13 30.23 -13.55
N ILE C 245 37.38 30.02 -14.01
CA ILE C 245 38.54 29.72 -13.15
C ILE C 245 38.77 30.82 -12.10
N GLN C 246 38.77 32.09 -12.54
CA GLN C 246 38.99 33.24 -11.64
C GLN C 246 37.85 33.51 -10.67
N ASP C 247 36.61 33.23 -11.11
CA ASP C 247 35.39 33.47 -10.32
C ASP C 247 35.26 32.50 -9.14
N LEU C 248 35.73 31.28 -9.33
CA LEU C 248 35.68 30.28 -8.27
C LEU C 248 36.74 30.50 -7.19
N LYS C 249 37.91 31.02 -7.59
CA LYS C 249 38.99 31.45 -6.67
C LYS C 249 38.53 32.63 -5.82
N PHE C 250 37.76 33.53 -6.44
CA PHE C 250 37.09 34.64 -5.78
C PHE C 250 36.04 34.15 -4.76
N GLY C 251 35.35 33.05 -5.09
CA GLY C 251 34.43 32.39 -4.16
C GLY C 251 35.07 31.84 -2.90
N VAL C 252 36.26 31.25 -3.05
CA VAL C 252 37.06 30.73 -1.92
C VAL C 252 37.58 31.87 -1.03
N GLU C 253 38.08 32.92 -1.68
CA GLU C 253 38.56 34.14 -1.01
C GLU C 253 37.48 34.95 -0.29
N GLN C 254 36.27 35.00 -0.87
CA GLN C 254 35.16 35.75 -0.23
C GLN C 254 34.28 34.94 0.72
N ASP C 255 34.67 33.67 0.96
CA ASP C 255 34.08 32.74 1.94
C ASP C 255 32.60 32.45 1.64
N VAL C 256 32.33 32.08 0.39
CA VAL C 256 30.96 31.75 -0.02
C VAL C 256 30.60 30.34 0.46
N ASP C 257 29.31 30.07 0.56
CA ASP C 257 28.82 28.81 1.12
C ASP C 257 28.58 27.76 0.06
N MET C 258 28.18 28.19 -1.12
CA MET C 258 27.86 27.26 -2.21
C MET C 258 28.14 27.87 -3.58
N VAL C 259 28.26 26.98 -4.56
CA VAL C 259 28.48 27.34 -5.96
C VAL C 259 27.33 26.73 -6.75
N PHE C 260 26.64 27.55 -7.55
CA PHE C 260 25.71 27.03 -8.54
C PHE C 260 26.47 26.93 -9.87
N ALA C 261 26.98 25.73 -10.18
CA ALA C 261 27.83 25.51 -11.37
C ALA C 261 27.01 25.39 -12.65
N SER C 262 27.17 26.34 -13.57
CA SER C 262 26.35 26.41 -14.79
C SER C 262 26.74 25.42 -15.88
N PHE C 263 25.72 24.88 -16.56
CA PHE C 263 25.81 24.02 -17.76
C PHE C 263 26.59 22.70 -17.61
N ILE C 264 26.31 21.98 -16.53
CA ILE C 264 27.01 20.75 -16.22
C ILE C 264 26.50 19.61 -17.10
N ARG C 265 27.39 19.12 -17.97
CA ARG C 265 27.08 18.06 -18.92
C ARG C 265 27.40 16.66 -18.40
N LYS C 266 28.42 16.54 -17.55
CA LYS C 266 28.92 15.23 -17.08
C LYS C 266 29.63 15.33 -15.72
N ALA C 267 30.11 14.18 -15.20
CA ALA C 267 30.75 14.09 -13.89
C ALA C 267 32.13 14.75 -13.85
N SER C 268 32.86 14.68 -14.96
CA SER C 268 34.16 15.35 -15.11
C SER C 268 34.10 16.88 -15.12
N ASP C 269 32.94 17.42 -15.52
CA ASP C 269 32.64 18.85 -15.36
C ASP C 269 32.52 19.25 -13.87
N VAL C 270 31.95 18.38 -13.04
CA VAL C 270 31.87 18.59 -11.58
C VAL C 270 33.26 18.43 -10.94
N HIS C 271 34.03 17.43 -11.41
CA HIS C 271 35.41 17.17 -10.95
C HIS C 271 36.38 18.32 -11.27
N GLU C 272 36.17 18.96 -12.42
CA GLU C 272 36.91 20.17 -12.80
C GLU C 272 36.61 21.39 -11.90
N VAL C 273 35.35 21.54 -11.47
CA VAL C 273 34.94 22.62 -10.53
C VAL C 273 35.50 22.36 -9.11
N ARG C 274 35.46 21.10 -8.70
CA ARG C 274 36.03 20.61 -7.43
C ARG C 274 37.55 20.78 -7.34
N LYS C 275 38.23 20.60 -8.48
CA LYS C 275 39.68 20.83 -8.58
C LYS C 275 40.09 22.31 -8.47
N VAL C 276 39.28 23.20 -9.08
CA VAL C 276 39.53 24.65 -9.07
C VAL C 276 39.28 25.25 -7.66
N LEU C 277 38.25 24.76 -6.97
CA LEU C 277 38.02 25.10 -5.55
C LEU C 277 39.13 24.54 -4.64
N GLY C 278 39.54 23.31 -4.90
CA GLY C 278 40.72 22.70 -4.27
C GLY C 278 40.55 22.33 -2.81
N GLU C 279 41.68 22.21 -2.11
CA GLU C 279 41.67 21.92 -0.66
C GLU C 279 41.20 23.09 0.21
N LYS C 280 41.43 24.31 -0.27
CA LYS C 280 41.08 25.52 0.48
C LYS C 280 39.57 25.77 0.49
N GLY C 281 38.92 25.43 -0.63
CA GLY C 281 37.45 25.50 -0.72
C GLY C 281 36.75 24.16 -0.80
N LYS C 282 37.24 23.18 -0.03
CA LYS C 282 36.68 21.82 0.00
C LYS C 282 35.31 21.72 0.68
N ASN C 283 35.02 22.66 1.59
CA ASN C 283 33.74 22.71 2.29
C ASN C 283 32.62 23.47 1.59
N ILE C 284 32.94 24.14 0.46
CA ILE C 284 31.96 24.84 -0.36
C ILE C 284 31.14 23.79 -1.12
N LYS C 285 29.82 23.80 -0.92
CA LYS C 285 28.92 22.83 -1.53
C LYS C 285 28.65 23.11 -3.02
N ILE C 286 29.11 22.23 -3.91
CA ILE C 286 28.82 22.34 -5.35
C ILE C 286 27.36 21.92 -5.63
N ILE C 287 26.63 22.77 -6.35
CA ILE C 287 25.27 22.49 -6.81
C ILE C 287 25.31 22.55 -8.33
N SER C 288 25.11 21.42 -9.00
CA SER C 288 25.19 21.40 -10.46
C SER C 288 23.88 21.89 -11.12
N LYS C 289 23.99 22.84 -12.04
CA LYS C 289 22.83 23.32 -12.79
C LYS C 289 22.63 22.46 -14.04
N ILE C 290 21.59 21.63 -14.02
CA ILE C 290 21.24 20.78 -15.14
C ILE C 290 20.40 21.61 -16.09
N GLU C 291 20.94 21.83 -17.29
CA GLU C 291 20.53 22.96 -18.13
C GLU C 291 20.43 22.64 -19.61
N ASN C 292 20.63 21.37 -19.97
CA ASN C 292 20.68 20.95 -21.36
C ASN C 292 20.41 19.45 -21.40
N HIS C 293 20.31 18.91 -22.62
CA HIS C 293 19.97 17.51 -22.89
C HIS C 293 20.99 16.49 -22.36
N GLU C 294 22.27 16.84 -22.42
CA GLU C 294 23.35 15.93 -22.01
C GLU C 294 23.44 15.78 -20.48
N GLY C 295 23.12 16.85 -19.76
CA GLY C 295 23.06 16.83 -18.30
C GLY C 295 21.89 16.04 -17.75
N VAL C 296 20.79 16.00 -18.50
CA VAL C 296 19.64 15.14 -18.20
C VAL C 296 20.01 13.67 -18.49
N ARG C 297 20.62 13.44 -19.67
CA ARG C 297 21.08 12.11 -20.15
C ARG C 297 22.12 11.44 -19.24
N ARG C 298 23.00 12.25 -18.65
CA ARG C 298 24.03 11.78 -17.74
C ARG C 298 23.80 12.28 -16.32
N PHE C 299 22.55 12.21 -15.84
CA PHE C 299 22.17 12.81 -14.54
C PHE C 299 22.77 12.11 -13.30
N ASP C 300 22.76 10.78 -13.31
CA ASP C 300 23.20 9.95 -12.18
C ASP C 300 24.67 10.10 -11.83
N GLU C 301 25.53 10.25 -12.84
CA GLU C 301 26.96 10.50 -12.60
C GLU C 301 27.24 11.92 -12.09
N ILE C 302 26.39 12.88 -12.48
CA ILE C 302 26.48 14.27 -12.04
C ILE C 302 26.09 14.41 -10.56
N LEU C 303 24.96 13.77 -10.19
CA LEU C 303 24.44 13.73 -8.82
C LEU C 303 25.38 13.04 -7.82
N GLU C 304 26.04 11.98 -8.29
CA GLU C 304 27.08 11.27 -7.54
C GLU C 304 28.29 12.16 -7.25
N ALA C 305 28.68 12.95 -8.25
CA ALA C 305 29.82 13.87 -8.13
C ALA C 305 29.53 15.19 -7.40
N SER C 306 28.27 15.64 -7.41
CA SER C 306 27.88 16.92 -6.80
C SER C 306 27.35 16.75 -5.38
N ASP C 307 27.21 17.88 -4.68
CA ASP C 307 26.54 17.91 -3.37
C ASP C 307 25.07 18.29 -3.51
N GLY C 308 24.65 18.72 -4.69
CA GLY C 308 23.25 19.03 -4.96
C GLY C 308 23.00 19.33 -6.42
N ILE C 309 21.72 19.57 -6.75
CA ILE C 309 21.29 19.85 -8.14
C ILE C 309 20.47 21.15 -8.11
N MET C 310 20.57 21.97 -9.16
CA MET C 310 19.52 22.93 -9.44
C MET C 310 18.81 22.45 -10.70
N VAL C 311 17.48 22.38 -10.65
CA VAL C 311 16.67 22.21 -11.86
C VAL C 311 16.59 23.60 -12.50
N ALA C 312 17.57 23.89 -13.36
CA ALA C 312 17.71 25.22 -13.96
C ALA C 312 16.83 25.25 -15.20
N ARG C 313 15.55 25.57 -14.97
CA ARG C 313 14.48 25.36 -15.96
C ARG C 313 14.46 26.31 -17.13
N GLY C 314 15.08 27.49 -16.97
CA GLY C 314 15.13 28.53 -18.00
C GLY C 314 15.79 28.16 -19.32
N ASP C 315 17.07 27.81 -19.25
CA ASP C 315 17.78 27.36 -20.44
C ASP C 315 17.42 25.93 -20.83
N LEU C 316 16.96 25.11 -19.87
CA LEU C 316 16.47 23.75 -20.14
C LEU C 316 15.20 23.75 -21.01
N GLY C 317 14.32 24.73 -20.79
CA GLY C 317 13.13 24.99 -21.63
C GLY C 317 13.38 25.36 -23.09
N ILE C 318 14.58 25.86 -23.37
CA ILE C 318 15.04 26.12 -24.72
C ILE C 318 15.77 24.90 -25.32
N GLU C 319 16.65 24.25 -24.55
CA GLU C 319 17.48 23.13 -25.02
C GLU C 319 16.69 21.84 -25.30
N ILE C 320 15.86 21.41 -24.36
CA ILE C 320 14.86 20.35 -24.60
C ILE C 320 13.54 21.06 -24.94
N PRO C 321 12.52 20.35 -25.52
CA PRO C 321 11.20 20.98 -25.68
C PRO C 321 10.52 21.38 -24.37
N ALA C 322 9.79 22.49 -24.40
CA ALA C 322 9.21 23.15 -23.22
C ALA C 322 8.14 22.32 -22.51
N GLU C 323 7.44 21.50 -23.29
CA GLU C 323 6.52 20.50 -22.75
C GLU C 323 7.19 19.35 -21.99
N LYS C 324 8.49 19.12 -22.19
CA LYS C 324 9.22 18.06 -21.51
C LYS C 324 9.94 18.46 -20.21
N VAL C 325 9.82 19.72 -19.78
CA VAL C 325 10.56 20.28 -18.63
C VAL C 325 10.08 19.75 -17.28
N PHE C 326 8.77 19.56 -17.12
CA PHE C 326 8.16 18.95 -15.93
C PHE C 326 8.61 17.49 -15.67
N LEU C 327 8.85 16.74 -16.75
CA LEU C 327 9.30 15.35 -16.71
C LEU C 327 10.70 15.31 -16.17
N ALA C 328 11.52 16.21 -16.72
CA ALA C 328 12.88 16.44 -16.25
C ALA C 328 12.91 16.98 -14.82
N GLN C 329 11.99 17.88 -14.47
CA GLN C 329 11.89 18.46 -13.11
C GLN C 329 11.56 17.43 -12.04
N LYS C 330 10.52 16.64 -12.28
CA LYS C 330 10.08 15.61 -11.34
C LYS C 330 11.03 14.40 -11.24
N MET C 331 11.82 14.16 -12.30
CA MET C 331 12.92 13.17 -12.29
C MET C 331 14.02 13.53 -11.31
N MET C 332 14.53 14.75 -11.50
CA MET C 332 15.68 15.26 -10.77
C MET C 332 15.38 15.46 -9.31
N ILE C 333 14.19 15.99 -9.01
CA ILE C 333 13.74 16.23 -7.64
C ILE C 333 13.55 14.91 -6.88
N GLY C 334 12.87 13.96 -7.52
CA GLY C 334 12.68 12.60 -7.00
C GLY C 334 13.94 11.79 -6.76
N ARG C 335 14.90 11.89 -7.69
CA ARG C 335 16.19 11.21 -7.55
C ARG C 335 17.10 11.82 -6.49
N CYS C 336 17.01 13.13 -6.30
CA CYS C 336 17.74 13.83 -5.25
C CYS C 336 17.15 13.55 -3.87
N ASN C 337 15.83 13.41 -3.83
CA ASN C 337 15.10 12.95 -2.63
C ASN C 337 15.46 11.51 -2.28
N ARG C 338 15.65 10.69 -3.32
CA ARG C 338 16.14 9.32 -3.20
C ARG C 338 17.60 9.25 -2.75
N ALA C 339 18.46 10.09 -3.32
CA ALA C 339 19.89 10.09 -2.97
C ALA C 339 20.20 10.85 -1.67
N GLY C 340 19.28 11.71 -1.24
CA GLY C 340 19.47 12.48 -0.01
C GLY C 340 20.15 13.84 -0.14
N LYS C 341 20.56 14.19 -1.36
CA LYS C 341 21.20 15.48 -1.69
C LYS C 341 20.14 16.55 -2.03
N PRO C 342 20.41 17.86 -1.73
CA PRO C 342 19.52 18.98 -2.06
C PRO C 342 19.16 19.18 -3.52
N VAL C 343 17.97 19.74 -3.74
CA VAL C 343 17.50 20.10 -5.08
C VAL C 343 16.76 21.45 -5.06
N ILE C 344 17.09 22.29 -6.05
CA ILE C 344 16.58 23.66 -6.15
C ILE C 344 15.75 23.75 -7.43
N CYS C 345 14.50 24.23 -7.32
CA CYS C 345 13.65 24.48 -8.47
C CYS C 345 13.76 25.95 -8.82
N ALA C 346 14.07 26.26 -10.07
CA ALA C 346 14.43 27.62 -10.47
C ALA C 346 13.73 28.12 -11.72
N THR C 347 13.89 29.44 -11.93
CA THR C 347 13.48 30.22 -13.12
C THR C 347 11.97 30.40 -13.34
N GLN C 348 11.56 31.68 -13.41
CA GLN C 348 10.22 32.16 -13.76
C GLN C 348 9.08 31.71 -12.84
N MET C 349 9.38 31.49 -11.56
CA MET C 349 8.43 30.91 -10.60
C MET C 349 7.29 31.85 -10.22
N LEU C 350 7.60 33.13 -10.09
CA LEU C 350 6.59 34.20 -9.98
C LEU C 350 6.95 35.34 -10.96
N GLU C 351 7.09 35.00 -12.25
CA GLU C 351 7.63 35.88 -13.32
C GLU C 351 6.84 37.18 -13.58
N SER C 352 5.52 37.12 -13.40
CA SER C 352 4.64 38.29 -13.47
C SER C 352 4.82 39.31 -12.33
N MET C 353 5.42 38.89 -11.22
CA MET C 353 5.74 39.80 -10.10
C MET C 353 6.98 40.70 -10.24
N ILE C 354 7.64 40.65 -11.41
CA ILE C 354 8.57 41.70 -11.84
C ILE C 354 7.78 43.01 -12.03
N LYS C 355 6.60 42.93 -12.66
CA LYS C 355 5.74 44.10 -12.94
C LYS C 355 4.54 44.31 -12.01
N LYS C 356 3.96 43.22 -11.48
CA LYS C 356 2.64 43.25 -10.81
C LYS C 356 2.77 42.94 -9.30
N PRO C 357 1.88 43.48 -8.44
CA PRO C 357 2.01 43.19 -6.99
C PRO C 357 1.56 41.81 -6.49
N ARG C 358 0.99 40.98 -7.37
CA ARG C 358 0.45 39.68 -7.02
C ARG C 358 0.50 38.75 -8.24
N PRO C 359 0.80 37.44 -8.04
CA PRO C 359 1.12 36.62 -9.21
C PRO C 359 -0.09 36.08 -9.95
N THR C 360 0.17 35.45 -11.10
CA THR C 360 -0.85 34.72 -11.84
C THR C 360 -1.12 33.39 -11.15
N ARG C 361 -2.23 32.73 -11.52
CA ARG C 361 -2.63 31.44 -10.93
C ARG C 361 -1.69 30.28 -11.26
N ALA C 362 -1.06 30.35 -12.44
CA ALA C 362 -0.03 29.40 -12.87
C ALA C 362 1.25 29.45 -12.02
N GLU C 363 1.62 30.66 -11.62
CA GLU C 363 2.79 30.93 -10.81
C GLU C 363 2.62 30.45 -9.38
N GLY C 364 1.42 30.64 -8.83
CA GLY C 364 1.04 30.10 -7.53
C GLY C 364 0.94 28.58 -7.50
N SER C 365 0.50 28.00 -8.62
CA SER C 365 0.47 26.56 -8.78
C SER C 365 1.86 25.94 -8.96
N ASP C 366 2.76 26.69 -9.61
CA ASP C 366 4.14 26.24 -9.83
C ASP C 366 4.97 26.14 -8.55
N VAL C 367 4.86 27.18 -7.70
CA VAL C 367 5.55 27.26 -6.40
C VAL C 367 5.03 26.19 -5.43
N ALA C 368 3.73 25.92 -5.49
CA ALA C 368 3.09 24.87 -4.70
C ALA C 368 3.53 23.47 -5.07
N ASN C 369 3.50 23.18 -6.38
CA ASN C 369 3.84 21.86 -6.89
C ASN C 369 5.31 21.48 -6.76
N ALA C 370 6.21 22.46 -6.89
CA ALA C 370 7.65 22.28 -6.66
C ALA C 370 7.97 21.83 -5.23
N VAL C 371 7.35 22.50 -4.26
CA VAL C 371 7.46 22.14 -2.83
C VAL C 371 6.77 20.78 -2.54
N LEU C 372 5.63 20.55 -3.19
CA LEU C 372 4.95 19.25 -3.17
C LEU C 372 5.76 18.12 -3.79
N ASP C 373 6.40 18.36 -4.95
CA ASP C 373 7.32 17.38 -5.60
C ASP C 373 8.52 16.97 -4.72
N GLY C 374 9.01 17.89 -3.90
CA GLY C 374 10.06 17.65 -2.92
C GLY C 374 11.30 18.51 -3.09
N ALA C 375 11.14 19.67 -3.74
CA ALA C 375 12.26 20.61 -3.93
C ALA C 375 12.60 21.24 -2.60
N ASP C 376 13.86 21.06 -2.21
CA ASP C 376 14.40 21.56 -0.95
C ASP C 376 14.42 23.07 -0.86
N CYS C 377 14.69 23.70 -2.00
CA CYS C 377 14.61 25.14 -2.14
C CYS C 377 13.78 25.57 -3.35
N ILE C 378 13.38 26.84 -3.34
CA ILE C 378 12.75 27.51 -4.47
C ILE C 378 13.51 28.82 -4.68
N MET C 379 13.49 29.33 -5.92
CA MET C 379 14.36 30.44 -6.34
C MET C 379 13.61 31.60 -7.01
N LEU C 380 14.13 32.81 -6.83
CA LEU C 380 13.63 34.01 -7.49
C LEU C 380 14.80 34.67 -8.23
N SER C 381 14.61 34.92 -9.54
CA SER C 381 15.66 35.47 -10.39
C SER C 381 15.44 36.97 -10.61
N GLY C 382 14.86 37.38 -11.74
CA GLY C 382 14.52 38.78 -12.03
C GLY C 382 13.49 39.47 -11.12
N GLU C 383 12.68 38.67 -10.43
CA GLU C 383 11.72 39.07 -9.39
C GLU C 383 12.34 39.84 -8.22
N THR C 384 13.52 39.37 -7.79
CA THR C 384 14.28 40.00 -6.73
C THR C 384 15.48 40.80 -7.22
N ALA C 385 16.03 40.44 -8.38
CA ALA C 385 17.18 41.17 -8.95
C ALA C 385 16.80 42.52 -9.55
N LYS C 386 15.72 42.56 -10.34
CA LYS C 386 15.36 43.74 -11.13
C LYS C 386 13.93 44.28 -10.97
N GLY C 387 13.04 43.49 -10.35
CA GLY C 387 11.60 43.79 -10.29
C GLY C 387 11.13 44.93 -9.40
N ASP C 388 9.90 45.39 -9.66
CA ASP C 388 9.26 46.47 -8.89
C ASP C 388 8.75 46.01 -7.52
N TYR C 389 8.53 44.70 -7.36
CA TYR C 389 7.97 44.17 -6.11
C TYR C 389 8.79 42.99 -5.56
N PRO C 390 10.06 43.24 -5.09
CA PRO C 390 10.86 42.10 -4.64
C PRO C 390 10.47 41.51 -3.27
N LEU C 391 10.00 42.35 -2.35
CA LEU C 391 9.58 41.91 -1.00
C LEU C 391 8.30 41.09 -1.02
N GLU C 392 7.41 41.45 -1.94
CA GLU C 392 6.15 40.74 -2.15
C GLU C 392 6.40 39.39 -2.82
N ALA C 393 7.43 39.30 -3.66
CA ALA C 393 7.86 38.05 -4.29
C ALA C 393 8.47 37.03 -3.32
N VAL C 394 9.17 37.53 -2.30
CA VAL C 394 9.75 36.69 -1.24
C VAL C 394 8.65 36.21 -0.28
N ARG C 395 7.74 37.12 0.12
CA ARG C 395 6.56 36.81 0.96
C ARG C 395 5.60 35.78 0.38
N MET C 396 5.33 35.89 -0.93
CA MET C 396 4.43 35.01 -1.64
C MET C 396 4.99 33.60 -1.77
N GLN C 397 6.30 33.48 -2.01
CA GLN C 397 7.00 32.19 -1.96
C GLN C 397 7.03 31.58 -0.55
N HIS C 398 7.12 32.43 0.47
CA HIS C 398 6.99 32.03 1.89
C HIS C 398 5.57 31.56 2.25
N LEU C 399 4.56 32.26 1.73
CA LEU C 399 3.16 31.90 1.98
C LEU C 399 2.74 30.61 1.28
N ILE C 400 3.11 30.45 0.00
CA ILE C 400 2.71 29.27 -0.81
C ILE C 400 3.38 27.96 -0.36
N ALA C 401 4.69 28.00 -0.10
CA ALA C 401 5.47 26.82 0.39
C ALA C 401 4.99 26.24 1.71
N ARG C 402 4.68 27.14 2.66
CA ARG C 402 4.15 26.81 3.99
C ARG C 402 2.75 26.14 3.92
N GLU C 403 1.94 26.57 2.96
CA GLU C 403 0.69 25.89 2.64
C GLU C 403 0.92 24.53 1.97
N ALA C 404 1.94 24.47 1.10
CA ALA C 404 2.29 23.25 0.36
C ALA C 404 2.86 22.15 1.21
N GLU C 405 3.63 22.56 2.23
CA GLU C 405 4.23 21.63 3.19
C GLU C 405 3.20 20.88 4.05
N ALA C 406 2.12 21.58 4.41
CA ALA C 406 0.99 20.97 5.10
C ALA C 406 0.21 20.02 4.18
N ALA C 407 0.13 20.36 2.89
CA ALA C 407 -0.53 19.53 1.88
C ALA C 407 0.20 18.25 1.45
N ILE C 408 1.43 18.04 1.92
CA ILE C 408 2.23 16.84 1.63
C ILE C 408 1.56 15.62 2.28
N TYR C 409 1.51 14.51 1.53
CA TYR C 409 1.06 13.23 2.05
C TYR C 409 2.27 12.56 2.71
N HIS C 410 2.50 12.93 3.99
CA HIS C 410 3.64 12.43 4.79
C HIS C 410 3.57 10.93 5.12
N LEU C 411 2.36 10.38 5.13
CA LEU C 411 2.11 8.97 5.46
C LEU C 411 2.71 8.02 4.43
N GLN C 412 2.44 8.29 3.15
CA GLN C 412 3.03 7.54 2.05
C GLN C 412 4.50 7.85 1.83
N LEU C 413 4.86 9.15 1.84
CA LEU C 413 6.22 9.66 1.54
C LEU C 413 7.30 9.11 2.46
N PHE C 414 7.04 9.15 3.77
CA PHE C 414 7.95 8.60 4.78
C PHE C 414 8.06 7.06 4.70
N GLU C 415 6.94 6.39 4.42
CA GLU C 415 6.91 4.90 4.26
C GLU C 415 7.75 4.42 3.08
N GLU C 416 7.70 5.17 1.98
CA GLU C 416 8.51 4.90 0.80
C GLU C 416 9.99 5.29 0.99
N LEU C 417 10.24 6.34 1.78
CA LEU C 417 11.61 6.77 2.12
C LEU C 417 12.31 5.84 3.10
N ARG C 418 11.54 5.20 3.99
CA ARG C 418 12.02 4.15 4.90
C ARG C 418 12.52 2.91 4.18
N ARG C 419 11.83 2.56 3.09
CA ARG C 419 12.10 1.33 2.31
C ARG C 419 13.27 1.41 1.32
N LEU C 420 13.96 2.55 1.20
CA LEU C 420 15.10 2.70 0.30
C LEU C 420 16.37 1.96 0.75
N ALA C 421 16.75 2.13 2.02
CA ALA C 421 17.82 1.32 2.63
C ALA C 421 17.44 0.88 4.06
N PRO C 422 16.53 -0.13 4.20
CA PRO C 422 16.03 -0.52 5.53
C PRO C 422 17.00 -1.29 6.45
N ILE C 423 18.15 -1.76 5.94
CA ILE C 423 19.27 -2.17 6.80
C ILE C 423 20.52 -1.32 6.52
N THR C 424 21.11 -0.75 7.57
CA THR C 424 22.43 -0.10 7.51
C THR C 424 23.10 -0.29 8.87
N SER C 425 24.41 -0.55 8.88
CA SER C 425 25.17 -0.69 10.13
C SER C 425 25.55 0.65 10.82
N ASP C 426 25.30 1.79 10.14
CA ASP C 426 25.56 3.11 10.69
C ASP C 426 24.49 3.48 11.73
N PRO C 427 24.90 3.65 13.01
CA PRO C 427 23.94 3.90 14.09
C PRO C 427 23.32 5.31 14.13
N THR C 428 23.95 6.27 13.46
CA THR C 428 23.46 7.64 13.39
C THR C 428 22.24 7.76 12.47
N GLU C 429 22.16 6.89 11.46
CA GLU C 429 20.99 6.78 10.60
C GLU C 429 19.76 6.20 11.31
N ALA C 430 20.01 5.24 12.20
CA ALA C 430 18.96 4.60 13.01
C ALA C 430 18.36 5.56 14.04
N THR C 431 19.21 6.42 14.58
CA THR C 431 18.80 7.48 15.49
C THR C 431 17.96 8.55 14.79
N ALA C 432 18.39 8.91 13.58
CA ALA C 432 17.73 9.93 12.77
C ALA C 432 16.34 9.52 12.31
N VAL C 433 16.20 8.29 11.82
CA VAL C 433 14.92 7.75 11.34
C VAL C 433 13.94 7.46 12.49
N GLY C 434 14.49 7.10 13.66
CA GLY C 434 13.69 6.83 14.84
C GLY C 434 13.11 8.09 15.44
N ALA C 435 13.87 9.19 15.33
CA ALA C 435 13.41 10.52 15.73
C ALA C 435 12.30 11.07 14.84
N VAL C 436 12.36 10.79 13.53
CA VAL C 436 11.35 11.21 12.55
C VAL C 436 10.02 10.46 12.79
N GLU C 437 10.11 9.17 13.10
CA GLU C 437 8.95 8.33 13.46
C GLU C 437 8.28 8.77 14.75
N ALA C 438 9.12 9.06 15.75
CA ALA C 438 8.68 9.61 17.04
C ALA C 438 8.01 10.96 16.92
N SER C 439 8.51 11.81 16.00
CA SER C 439 7.93 13.11 15.69
C SER C 439 6.57 13.02 15.02
N PHE C 440 6.35 11.99 14.20
CA PHE C 440 5.04 11.74 13.59
C PHE C 440 4.01 11.27 14.62
N LYS C 441 4.45 10.43 15.55
CA LYS C 441 3.58 9.83 16.57
C LYS C 441 3.05 10.84 17.59
N CYS C 442 3.92 11.71 18.09
CA CYS C 442 3.48 12.72 19.06
C CYS C 442 3.03 14.06 18.44
N CYS C 443 3.17 14.16 17.10
CA CYS C 443 2.93 15.38 16.28
C CYS C 443 3.69 16.56 16.84
N SER C 444 5.02 16.44 16.81
CA SER C 444 5.90 17.28 17.64
C SER C 444 6.01 18.71 17.13
N GLY C 445 6.35 19.60 18.06
CA GLY C 445 6.57 21.01 17.78
C GLY C 445 7.78 21.22 16.93
N ALA C 446 8.85 20.45 17.22
CA ALA C 446 10.09 20.44 16.45
C ALA C 446 10.90 19.16 16.64
N ILE C 447 11.97 19.05 15.84
CA ILE C 447 13.07 18.11 16.07
C ILE C 447 14.32 18.97 16.32
N ILE C 448 14.67 19.17 17.58
CA ILE C 448 15.87 19.92 17.94
C ILE C 448 17.08 19.01 17.79
N VAL C 449 18.07 19.42 16.97
CA VAL C 449 19.33 18.66 16.74
C VAL C 449 20.57 19.52 17.02
N LEU C 450 21.46 19.04 17.91
CA LEU C 450 22.81 19.61 17.99
C LEU C 450 23.67 18.99 16.90
N THR C 451 24.29 19.82 16.08
CA THR C 451 25.19 19.35 15.02
C THR C 451 26.39 20.28 14.82
N LYS C 452 27.52 19.70 14.41
CA LYS C 452 28.75 20.45 14.15
C LYS C 452 28.97 20.66 12.65
N SER C 453 28.92 19.57 11.89
CA SER C 453 29.12 19.59 10.43
C SER C 453 27.82 19.77 9.64
N GLY C 454 26.69 19.55 10.30
CA GLY C 454 25.38 19.57 9.64
C GLY C 454 24.76 18.20 9.48
N ARG C 455 25.61 17.16 9.45
CA ARG C 455 25.29 15.78 9.00
C ARG C 455 24.10 15.09 9.71
N SER C 456 24.04 15.23 11.04
CA SER C 456 22.92 14.70 11.84
C SER C 456 21.61 15.43 11.62
N ALA C 457 21.69 16.75 11.36
CA ALA C 457 20.51 17.53 10.99
C ALA C 457 20.08 17.24 9.55
N HIS C 458 21.07 16.98 8.68
CA HIS C 458 20.84 16.60 7.27
C HIS C 458 20.14 15.26 7.15
N GLN C 459 20.58 14.30 7.96
CA GLN C 459 20.03 12.94 8.01
C GLN C 459 18.56 12.85 8.41
N VAL C 460 18.12 13.77 9.27
CA VAL C 460 16.71 13.89 9.66
C VAL C 460 15.85 14.42 8.50
N ALA C 461 16.33 15.51 7.88
CA ALA C 461 15.74 16.16 6.69
C ALA C 461 15.43 15.30 5.45
N ARG C 462 16.26 14.27 5.24
CA ARG C 462 16.11 13.34 4.11
C ARG C 462 14.89 12.42 4.21
N TYR C 463 14.47 12.13 5.44
CA TYR C 463 13.24 11.35 5.66
C TYR C 463 11.92 12.12 5.56
N ARG C 464 12.02 13.44 5.41
CA ARG C 464 10.89 14.41 5.32
C ARG C 464 9.89 14.38 6.48
N PRO C 465 10.29 14.89 7.67
CA PRO C 465 9.29 15.00 8.73
C PRO C 465 8.37 16.21 8.52
N ARG C 466 7.21 16.16 9.17
CA ARG C 466 6.29 17.30 9.23
C ARG C 466 6.87 18.37 10.15
N ALA C 467 7.47 17.93 11.26
CA ALA C 467 8.06 18.81 12.27
C ALA C 467 9.30 19.56 11.76
N PRO C 468 9.42 20.88 12.07
CA PRO C 468 10.58 21.66 11.66
C PRO C 468 11.84 21.28 12.42
N ILE C 469 12.96 21.28 11.72
CA ILE C 469 14.21 20.82 12.30
C ILE C 469 14.99 22.05 12.76
N ILE C 470 15.11 22.22 14.08
CA ILE C 470 15.86 23.35 14.62
C ILE C 470 17.29 22.88 14.88
N ALA C 471 18.19 23.18 13.94
CA ALA C 471 19.60 22.79 14.06
C ALA C 471 20.42 23.83 14.81
N VAL C 472 20.97 23.41 15.95
CA VAL C 472 21.79 24.25 16.81
C VAL C 472 23.25 23.96 16.50
N THR C 473 24.00 25.01 16.18
CA THR C 473 25.40 24.90 15.81
C THR C 473 26.22 26.12 16.26
N ARG C 474 27.47 25.89 16.64
CA ARG C 474 28.41 27.00 16.87
C ARG C 474 29.25 27.29 15.62
N ASN C 475 29.10 26.44 14.60
CA ASN C 475 29.79 26.58 13.33
C ASN C 475 28.91 27.44 12.42
N PRO C 476 29.40 28.65 12.02
CA PRO C 476 28.58 29.53 11.16
C PRO C 476 28.41 29.08 9.70
N GLN C 477 29.41 28.37 9.15
CA GLN C 477 29.36 27.76 7.80
C GLN C 477 28.24 26.72 7.70
N THR C 478 28.18 25.86 8.72
CA THR C 478 27.12 24.87 8.96
C THR C 478 25.73 25.52 9.09
N ALA C 479 25.66 26.64 9.80
CA ALA C 479 24.44 27.44 9.92
C ALA C 479 23.95 28.03 8.60
N ARG C 480 24.87 28.48 7.75
CA ARG C 480 24.50 29.07 6.46
C ARG C 480 24.16 28.01 5.41
N GLN C 481 24.92 26.91 5.39
CA GLN C 481 24.71 25.83 4.40
C GLN C 481 23.50 24.93 4.67
N ALA C 482 22.95 24.97 5.88
CA ALA C 482 21.78 24.17 6.28
C ALA C 482 20.46 24.59 5.62
N HIS C 483 20.41 25.82 5.10
CA HIS C 483 19.29 26.33 4.30
C HIS C 483 19.05 25.61 2.98
N LEU C 484 20.06 24.90 2.46
CA LEU C 484 19.94 23.94 1.35
C LEU C 484 18.98 22.76 1.53
N TYR C 485 18.63 22.40 2.76
CA TYR C 485 17.83 21.20 3.04
C TYR C 485 16.45 21.61 3.55
N ARG C 486 15.42 20.87 3.12
CA ARG C 486 14.04 21.06 3.55
C ARG C 486 13.87 20.70 5.02
N GLY C 487 13.31 21.63 5.79
CA GLY C 487 12.99 21.35 7.18
C GLY C 487 13.93 22.02 8.16
N ILE C 488 15.18 22.23 7.75
CA ILE C 488 16.19 22.73 8.65
C ILE C 488 16.05 24.23 8.82
N PHE C 489 15.66 24.64 10.03
CA PHE C 489 15.68 26.03 10.47
C PHE C 489 16.94 26.18 11.36
N PRO C 490 18.05 26.63 10.76
CA PRO C 490 19.32 26.69 11.48
C PRO C 490 19.42 27.89 12.42
N VAL C 491 19.95 27.65 13.62
CA VAL C 491 20.18 28.70 14.62
C VAL C 491 21.64 28.68 15.06
N LEU C 492 22.24 29.86 15.23
CA LEU C 492 23.67 29.97 15.52
C LEU C 492 23.91 30.37 16.97
N CYS C 493 24.50 29.46 17.73
CA CYS C 493 24.79 29.68 19.14
C CYS C 493 26.04 30.55 19.28
N LYS C 494 25.89 31.68 19.96
CA LYS C 494 26.97 32.66 20.14
C LYS C 494 27.63 32.61 21.51
N ASP C 495 27.08 31.80 22.43
CA ASP C 495 27.61 31.65 23.79
C ASP C 495 28.93 30.86 23.74
N PRO C 496 29.91 31.22 24.62
CA PRO C 496 31.13 30.41 24.72
C PRO C 496 30.90 29.03 25.36
N VAL C 497 31.88 28.14 25.20
CA VAL C 497 31.72 26.73 25.57
C VAL C 497 31.82 26.53 27.10
N GLN C 498 30.70 26.14 27.71
CA GLN C 498 30.63 25.80 29.14
C GLN C 498 31.41 24.50 29.36
N GLU C 499 32.19 24.44 30.45
CA GLU C 499 33.11 23.33 30.72
C GLU C 499 32.40 22.03 31.09
N ALA C 500 31.28 22.15 31.80
CA ALA C 500 30.36 21.04 31.97
C ALA C 500 29.62 20.81 30.65
N TRP C 501 29.93 19.68 30.01
CA TRP C 501 29.37 19.34 28.71
C TRP C 501 27.88 19.04 28.75
N ALA C 502 27.44 18.42 29.85
CA ALA C 502 26.02 18.20 30.17
C ALA C 502 25.23 19.50 30.30
N GLU C 503 25.83 20.51 30.92
CA GLU C 503 25.28 21.87 30.94
C GLU C 503 25.39 22.58 29.60
N ASP C 504 26.48 22.33 28.85
CA ASP C 504 26.69 22.94 27.52
C ASP C 504 25.75 22.38 26.46
N VAL C 505 25.37 21.10 26.62
CA VAL C 505 24.31 20.46 25.83
C VAL C 505 22.95 21.12 26.13
N ASP C 506 22.61 21.22 27.42
CA ASP C 506 21.28 21.70 27.84
C ASP C 506 21.06 23.21 27.70
N LEU C 507 22.15 23.98 27.64
CA LEU C 507 22.09 25.43 27.37
C LEU C 507 21.69 25.69 25.92
N ARG C 508 22.25 24.88 25.01
CA ARG C 508 21.93 24.94 23.59
C ARG C 508 20.53 24.42 23.26
N VAL C 509 20.07 23.42 24.02
CA VAL C 509 18.71 22.85 23.89
C VAL C 509 17.68 23.88 24.33
N ASN C 510 17.91 24.50 25.48
CA ASN C 510 17.05 25.60 26.00
C ASN C 510 17.09 26.88 25.15
N PHE C 511 18.21 27.13 24.45
CA PHE C 511 18.31 28.19 23.45
C PHE C 511 17.41 27.88 22.25
N ALA C 512 17.34 26.62 21.85
CA ALA C 512 16.42 26.19 20.79
C ALA C 512 14.95 26.16 21.23
N MET C 513 14.72 25.93 22.53
CA MET C 513 13.38 26.10 23.14
C MET C 513 12.94 27.56 23.07
N ASN C 514 13.88 28.47 23.33
CA ASN C 514 13.63 29.90 23.26
C ASN C 514 13.45 30.47 21.85
N VAL C 515 14.02 29.82 20.83
CA VAL C 515 13.78 30.24 19.43
C VAL C 515 12.34 29.92 19.03
N GLY C 516 11.93 28.67 19.20
CA GLY C 516 10.59 28.21 18.81
C GLY C 516 9.40 28.78 19.57
N LYS C 517 9.63 29.16 20.83
CA LYS C 517 8.65 29.93 21.62
C LYS C 517 8.46 31.33 21.06
N ALA C 518 9.58 32.01 20.77
CA ALA C 518 9.57 33.36 20.21
C ALA C 518 9.12 33.40 18.75
N ARG C 519 9.37 32.31 18.00
CA ARG C 519 8.95 32.20 16.61
C ARG C 519 7.51 31.70 16.42
N GLY C 520 6.86 31.27 17.51
CA GLY C 520 5.50 30.73 17.45
C GLY C 520 5.42 29.33 16.86
N PHE C 521 6.50 28.58 16.95
CA PHE C 521 6.60 27.21 16.45
C PHE C 521 5.88 26.29 17.43
N PHE C 522 6.08 26.57 18.72
CA PHE C 522 5.42 25.87 19.82
C PHE C 522 5.32 26.81 21.03
N LYS C 523 4.57 26.40 22.05
CA LYS C 523 4.52 27.10 23.33
C LYS C 523 4.95 26.15 24.45
N LYS C 524 4.89 26.66 25.69
CA LYS C 524 5.13 25.90 26.93
C LYS C 524 4.12 24.76 27.09
N GLY C 525 4.63 23.55 27.32
CA GLY C 525 3.79 22.37 27.47
C GLY C 525 3.74 21.46 26.25
N ASP C 526 4.12 21.99 25.07
CA ASP C 526 4.19 21.22 23.83
C ASP C 526 5.34 20.21 23.83
N VAL C 527 5.24 19.23 22.95
CA VAL C 527 6.17 18.11 22.92
C VAL C 527 7.17 18.31 21.78
N VAL C 528 8.48 18.25 22.10
CA VAL C 528 9.54 18.27 21.07
C VAL C 528 10.42 17.03 21.16
N ILE C 529 11.05 16.69 20.02
CA ILE C 529 12.04 15.63 19.93
C ILE C 529 13.41 16.31 20.04
N VAL C 530 14.28 15.82 20.93
CA VAL C 530 15.64 16.38 21.07
C VAL C 530 16.67 15.32 20.71
N LEU C 531 17.54 15.66 19.74
CA LEU C 531 18.61 14.76 19.27
C LEU C 531 20.00 15.24 19.63
N THR C 532 20.66 14.50 20.52
CA THR C 532 22.06 14.76 20.92
C THR C 532 22.83 13.44 20.85
N GLY C 533 24.07 13.44 21.37
CA GLY C 533 24.85 12.22 21.48
C GLY C 533 25.54 12.02 22.82
N TRP C 534 26.47 11.06 22.86
CA TRP C 534 27.08 10.57 24.10
C TRP C 534 28.45 11.16 24.46
N ARG C 535 29.10 11.86 23.50
CA ARG C 535 30.39 12.53 23.73
C ARG C 535 30.50 13.79 22.82
N PRO C 536 31.39 14.77 23.16
CA PRO C 536 31.61 15.90 22.24
C PRO C 536 32.33 15.58 20.92
N GLY C 537 32.31 16.52 19.99
CA GLY C 537 32.91 16.35 18.67
C GLY C 537 31.94 15.72 17.70
N SER C 538 32.38 15.56 16.45
CA SER C 538 31.49 15.20 15.35
C SER C 538 31.30 13.68 15.21
N GLY C 539 30.12 13.28 14.74
CA GLY C 539 29.86 11.89 14.34
C GLY C 539 29.33 10.92 15.37
N PHE C 540 29.12 11.40 16.61
CA PHE C 540 28.68 10.55 17.72
C PHE C 540 27.22 10.77 18.19
N THR C 541 26.33 11.15 17.26
CA THR C 541 24.90 11.35 17.56
C THR C 541 24.21 10.01 17.78
N ASN C 542 23.65 9.81 18.98
CA ASN C 542 22.95 8.57 19.32
C ASN C 542 21.73 8.67 20.27
N THR C 543 21.49 9.84 20.86
CA THR C 543 20.44 9.99 21.87
C THR C 543 19.21 10.73 21.32
N MET C 544 18.05 10.07 21.35
CA MET C 544 16.77 10.71 21.03
C MET C 544 15.95 10.87 22.32
N ARG C 545 15.43 12.08 22.54
CA ARG C 545 14.67 12.39 23.76
C ARG C 545 13.36 13.12 23.48
N VAL C 546 12.27 12.60 24.03
CA VAL C 546 10.94 13.19 23.91
C VAL C 546 10.71 14.06 25.15
N VAL C 547 10.84 15.39 25.02
CA VAL C 547 10.75 16.30 26.18
C VAL C 547 9.63 17.36 26.08
N PRO C 548 8.99 17.74 27.22
CA PRO C 548 8.09 18.89 27.18
C PRO C 548 8.83 20.23 27.10
N VAL C 549 8.20 21.22 26.48
CA VAL C 549 8.79 22.55 26.35
C VAL C 549 8.59 23.32 27.67
N PRO C 550 9.71 23.75 28.32
CA PRO C 550 9.61 24.43 29.60
C PRO C 550 9.21 25.91 29.47
N GLN D 33 12.34 2.86 -23.99
CA GLN D 33 10.90 2.53 -24.17
C GLN D 33 10.05 3.77 -24.47
N THR D 34 8.84 3.54 -24.98
CA THR D 34 7.90 4.62 -25.30
C THR D 34 6.95 4.85 -24.14
N GLN D 35 6.12 5.90 -24.29
CA GLN D 35 4.99 6.33 -23.40
C GLN D 35 5.09 6.21 -21.84
N GLN D 36 6.31 6.46 -21.34
CA GLN D 36 6.73 6.32 -19.93
C GLN D 36 6.43 4.95 -19.28
N LEU D 37 6.63 3.89 -20.06
CA LEU D 37 6.31 2.52 -19.65
C LEU D 37 7.30 1.93 -18.65
N HIS D 38 8.53 2.45 -18.62
CA HIS D 38 9.49 2.11 -17.57
C HIS D 38 9.06 2.69 -16.23
N ALA D 39 8.55 3.92 -16.25
CA ALA D 39 8.04 4.60 -15.06
C ALA D 39 6.69 4.07 -14.55
N ALA D 40 5.91 3.48 -15.47
CA ALA D 40 4.65 2.83 -15.11
C ALA D 40 4.82 1.53 -14.33
N MET D 41 5.97 0.85 -14.52
CA MET D 41 6.33 -0.39 -13.78
C MET D 41 6.90 -0.21 -12.37
N ALA D 42 7.00 1.03 -11.89
CA ALA D 42 7.55 1.33 -10.56
C ALA D 42 6.62 0.87 -9.43
N ASP D 43 7.22 0.41 -8.33
CA ASP D 43 6.46 -0.11 -7.18
C ASP D 43 6.13 0.98 -6.17
N THR D 44 6.78 2.15 -6.31
CA THR D 44 6.56 3.30 -5.43
C THR D 44 6.30 4.57 -6.26
N PHE D 45 5.58 5.55 -5.67
CA PHE D 45 5.29 6.87 -6.28
C PHE D 45 6.57 7.68 -6.51
N LEU D 46 7.52 7.54 -5.59
CA LEU D 46 8.83 8.16 -5.68
C LEU D 46 9.66 7.62 -6.84
N GLU D 47 9.66 6.30 -7.04
CA GLU D 47 10.39 5.65 -8.14
C GLU D 47 9.76 5.93 -9.50
N HIS D 48 8.42 6.11 -9.53
CA HIS D 48 7.69 6.58 -10.72
C HIS D 48 8.16 7.96 -11.14
N MET D 49 8.33 8.84 -10.16
CA MET D 49 8.90 10.17 -10.37
C MET D 49 10.34 10.11 -10.88
N CYS D 50 11.16 9.22 -10.29
CA CYS D 50 12.56 8.99 -10.69
C CYS D 50 12.80 8.51 -12.13
N ARG D 51 11.90 7.68 -12.63
CA ARG D 51 12.04 7.07 -13.97
C ARG D 51 11.35 7.84 -15.10
N LEU D 52 10.86 9.06 -14.83
CA LEU D 52 10.30 9.94 -15.86
C LEU D 52 11.42 10.40 -16.77
N ASP D 53 11.22 10.18 -18.06
CA ASP D 53 12.29 10.16 -19.05
C ASP D 53 11.89 11.05 -20.22
N ILE D 54 12.71 12.06 -20.52
CA ILE D 54 12.43 13.00 -21.62
C ILE D 54 12.59 12.42 -23.04
N ASP D 55 13.32 11.30 -23.16
CA ASP D 55 13.49 10.58 -24.42
C ASP D 55 12.52 9.39 -24.55
N SER D 56 11.44 9.41 -23.77
CA SER D 56 10.37 8.43 -23.85
C SER D 56 9.14 9.13 -24.47
N PRO D 57 8.97 9.00 -25.82
CA PRO D 57 7.92 9.76 -26.49
C PRO D 57 6.54 9.13 -26.28
N PRO D 58 5.49 9.96 -26.19
CA PRO D 58 4.16 9.38 -26.01
C PRO D 58 3.54 8.82 -27.30
N ILE D 59 2.39 8.17 -27.16
CA ILE D 59 1.47 7.92 -28.28
C ILE D 59 0.87 9.22 -28.83
N THR D 60 0.32 9.14 -30.05
CA THR D 60 -0.36 10.26 -30.74
C THR D 60 -1.57 10.87 -30.01
N ALA D 61 -2.27 10.03 -29.24
CA ALA D 61 -3.48 10.36 -28.53
C ALA D 61 -3.26 11.35 -27.36
N ARG D 62 -4.07 12.40 -27.33
CA ARG D 62 -4.12 13.40 -26.25
C ARG D 62 -5.52 13.36 -25.59
N ASN D 63 -5.60 12.73 -24.41
CA ASN D 63 -6.85 12.48 -23.67
C ASN D 63 -7.61 13.69 -23.09
N THR D 64 -6.89 14.72 -22.62
CA THR D 64 -7.48 15.90 -21.95
C THR D 64 -8.11 16.85 -22.97
N GLY D 65 -9.37 17.24 -22.76
CA GLY D 65 -10.06 18.16 -23.67
C GLY D 65 -9.55 19.58 -23.52
N ILE D 66 -9.51 20.32 -24.63
CA ILE D 66 -9.05 21.72 -24.62
C ILE D 66 -10.24 22.65 -24.87
N ILE D 67 -10.55 23.47 -23.87
CA ILE D 67 -11.62 24.48 -23.95
C ILE D 67 -10.96 25.81 -24.32
N CYS D 68 -11.59 26.54 -25.24
CA CYS D 68 -11.04 27.80 -25.75
C CYS D 68 -12.08 28.89 -25.76
N THR D 69 -11.77 30.01 -25.11
CA THR D 69 -12.60 31.20 -25.15
C THR D 69 -12.41 31.89 -26.49
N ILE D 70 -13.49 32.08 -27.23
CA ILE D 70 -13.43 32.73 -28.54
C ILE D 70 -13.73 34.22 -28.38
N GLY D 71 -12.89 35.05 -29.00
CA GLY D 71 -13.12 36.50 -29.09
C GLY D 71 -12.54 36.97 -30.41
N PRO D 72 -12.18 38.27 -30.51
CA PRO D 72 -11.66 38.96 -31.73
C PRO D 72 -10.41 38.36 -32.39
N ALA D 73 -9.54 37.73 -31.60
CA ALA D 73 -8.34 37.06 -32.12
C ALA D 73 -8.61 35.72 -32.84
N SER D 74 -9.77 35.12 -32.58
CA SER D 74 -10.09 33.77 -33.03
C SER D 74 -11.51 33.57 -33.57
N ARG D 75 -12.13 34.64 -34.08
CA ARG D 75 -13.56 34.61 -34.44
C ARG D 75 -13.85 34.17 -35.89
N SER D 76 -12.92 34.42 -36.81
CA SER D 76 -13.11 34.09 -38.24
C SER D 76 -13.03 32.59 -38.52
N VAL D 77 -13.65 32.17 -39.62
CA VAL D 77 -13.81 30.76 -40.02
C VAL D 77 -12.45 30.14 -40.38
N GLU D 78 -11.60 30.93 -41.06
CA GLU D 78 -10.21 30.55 -41.38
C GLU D 78 -9.31 30.36 -40.16
N THR D 79 -9.53 31.17 -39.12
CA THR D 79 -8.78 31.04 -37.85
C THR D 79 -9.28 29.82 -37.07
N LEU D 80 -10.61 29.68 -36.98
CA LEU D 80 -11.27 28.56 -36.30
C LEU D 80 -11.05 27.17 -36.91
N LYS D 81 -10.79 27.11 -38.22
CA LYS D 81 -10.33 25.89 -38.89
C LYS D 81 -8.95 25.46 -38.39
N GLU D 82 -8.07 26.43 -38.20
CA GLU D 82 -6.72 26.17 -37.69
C GLU D 82 -6.71 25.93 -36.18
N MET D 83 -7.73 26.45 -35.47
CA MET D 83 -7.96 26.14 -34.04
C MET D 83 -8.33 24.66 -33.83
N ILE D 84 -9.19 24.13 -34.70
CA ILE D 84 -9.61 22.72 -34.70
C ILE D 84 -8.44 21.79 -35.03
N LYS D 85 -7.65 22.19 -36.04
CA LYS D 85 -6.44 21.47 -36.46
C LYS D 85 -5.36 21.42 -35.39
N SER D 86 -5.19 22.52 -34.64
CA SER D 86 -4.24 22.56 -33.51
C SER D 86 -4.71 21.82 -32.25
N GLY D 87 -6.02 21.57 -32.14
CA GLY D 87 -6.57 20.68 -31.12
C GLY D 87 -7.59 21.24 -30.15
N MET D 88 -8.39 22.23 -30.58
CA MET D 88 -9.51 22.75 -29.78
C MET D 88 -10.65 21.71 -29.79
N ASN D 89 -11.25 21.49 -28.63
CA ASN D 89 -12.39 20.58 -28.49
C ASN D 89 -13.71 21.26 -28.11
N VAL D 90 -13.64 22.29 -27.25
CA VAL D 90 -14.83 23.02 -26.80
C VAL D 90 -14.63 24.51 -27.13
N ALA D 91 -15.62 25.12 -27.79
CA ALA D 91 -15.65 26.57 -28.05
C ALA D 91 -16.45 27.30 -26.97
N ARG D 92 -15.73 27.96 -26.05
CA ARG D 92 -16.32 28.70 -24.93
C ARG D 92 -16.74 30.11 -25.38
N LEU D 93 -17.91 30.57 -24.93
CA LEU D 93 -18.37 31.93 -25.17
C LEU D 93 -18.52 32.64 -23.83
N ASN D 94 -17.75 33.71 -23.62
CA ASN D 94 -17.91 34.52 -22.42
C ASN D 94 -19.07 35.49 -22.63
N PHE D 95 -20.17 35.27 -21.90
CA PHE D 95 -21.36 36.13 -21.97
C PHE D 95 -21.34 37.33 -21.00
N SER D 96 -20.19 37.58 -20.36
CA SER D 96 -19.97 38.80 -19.57
C SER D 96 -19.93 40.06 -20.43
N HIS D 97 -19.45 39.92 -21.67
CA HIS D 97 -19.43 40.99 -22.66
C HIS D 97 -19.95 40.47 -24.00
N GLY D 98 -20.35 41.39 -24.87
CA GLY D 98 -20.87 41.05 -26.20
C GLY D 98 -22.36 40.82 -26.21
N THR D 99 -23.02 41.28 -27.28
CA THR D 99 -24.47 41.12 -27.45
C THR D 99 -24.82 39.71 -27.96
N HIS D 100 -26.12 39.41 -27.96
CA HIS D 100 -26.66 38.12 -28.44
C HIS D 100 -26.44 37.89 -29.94
N GLU D 101 -26.48 38.95 -30.73
CA GLU D 101 -26.26 38.89 -32.18
C GLU D 101 -24.78 38.65 -32.54
N TYR D 102 -23.88 39.18 -31.71
CA TYR D 102 -22.42 38.94 -31.79
C TYR D 102 -22.11 37.47 -31.50
N HIS D 103 -22.66 36.97 -30.40
CA HIS D 103 -22.46 35.58 -29.96
C HIS D 103 -23.09 34.53 -30.86
N ALA D 104 -24.20 34.88 -31.52
CA ALA D 104 -24.86 34.01 -32.53
C ALA D 104 -24.00 33.81 -33.78
N GLU D 105 -23.32 34.88 -34.19
CA GLU D 105 -22.45 34.83 -35.36
C GLU D 105 -21.14 34.09 -35.08
N THR D 106 -20.70 34.12 -33.82
CA THR D 106 -19.56 33.32 -33.33
C THR D 106 -19.86 31.83 -33.43
N ILE D 107 -21.02 31.43 -32.90
CA ILE D 107 -21.61 30.08 -32.98
C ILE D 107 -21.77 29.57 -34.43
N LYS D 108 -22.26 30.46 -35.31
CA LYS D 108 -22.37 30.22 -36.75
C LYS D 108 -21.03 29.93 -37.43
N ASN D 109 -20.01 30.74 -37.12
CA ASN D 109 -18.65 30.57 -37.65
C ASN D 109 -17.89 29.34 -37.13
N VAL D 110 -18.16 28.97 -35.87
CA VAL D 110 -17.62 27.75 -35.24
C VAL D 110 -18.17 26.53 -35.98
N ARG D 111 -19.49 26.53 -36.20
CA ARG D 111 -20.18 25.46 -36.92
C ARG D 111 -19.88 25.41 -38.42
N THR D 112 -19.56 26.55 -39.02
CA THR D 112 -19.09 26.61 -40.40
C THR D 112 -17.72 25.94 -40.53
N ALA D 113 -16.81 26.30 -39.63
CA ALA D 113 -15.46 25.74 -39.58
C ALA D 113 -15.41 24.26 -39.16
N THR D 114 -16.33 23.85 -38.30
CA THR D 114 -16.41 22.45 -37.84
C THR D 114 -16.91 21.52 -38.94
N GLU D 115 -18.00 21.91 -39.60
CA GLU D 115 -18.61 21.10 -40.67
C GLU D 115 -17.88 21.14 -42.03
N SER D 116 -16.81 21.93 -42.14
CA SER D 116 -15.88 21.83 -43.28
C SER D 116 -15.07 20.52 -43.26
N PHE D 117 -14.84 19.98 -42.06
CA PHE D 117 -14.19 18.67 -41.87
C PHE D 117 -15.15 17.47 -41.92
N ALA D 118 -16.42 17.69 -42.23
CA ALA D 118 -17.44 16.63 -42.18
C ALA D 118 -17.41 15.65 -43.37
N SER D 119 -16.76 16.05 -44.47
CA SER D 119 -16.75 15.30 -45.74
C SER D 119 -16.04 13.94 -45.70
N ASP D 120 -15.08 13.79 -44.78
CA ASP D 120 -14.52 12.51 -44.38
C ASP D 120 -14.81 12.31 -42.88
N PRO D 121 -15.75 11.39 -42.54
CA PRO D 121 -16.09 11.14 -41.13
C PRO D 121 -15.06 10.35 -40.31
N ILE D 122 -14.04 9.79 -40.97
CA ILE D 122 -12.93 9.10 -40.32
C ILE D 122 -12.03 10.13 -39.61
N LEU D 123 -11.75 11.26 -40.29
CA LEU D 123 -10.97 12.36 -39.71
C LEU D 123 -11.77 13.50 -39.05
N TYR D 124 -13.10 13.41 -39.04
CA TYR D 124 -13.98 14.46 -38.48
C TYR D 124 -13.93 14.54 -36.95
N ARG D 125 -13.52 15.70 -36.44
CA ARG D 125 -13.52 15.99 -35.00
C ARG D 125 -14.77 16.81 -34.63
N PRO D 126 -15.59 16.32 -33.68
CA PRO D 126 -16.72 17.11 -33.17
C PRO D 126 -16.22 18.24 -32.26
N VAL D 127 -16.94 19.37 -32.26
CA VAL D 127 -16.56 20.56 -31.48
C VAL D 127 -17.76 21.00 -30.64
N ALA D 128 -17.59 21.00 -29.32
CA ALA D 128 -18.62 21.47 -28.40
C ALA D 128 -18.69 22.99 -28.34
N VAL D 129 -19.87 23.48 -27.96
CA VAL D 129 -20.16 24.91 -27.82
C VAL D 129 -20.58 25.15 -26.36
N ALA D 130 -19.89 26.06 -25.69
CA ALA D 130 -20.10 26.33 -24.28
C ALA D 130 -20.54 27.77 -24.02
N LEU D 131 -21.58 27.92 -23.19
CA LEU D 131 -22.06 29.23 -22.77
C LEU D 131 -21.62 29.47 -21.32
N ASP D 132 -20.69 30.39 -21.13
CA ASP D 132 -20.24 30.80 -19.79
C ASP D 132 -21.03 32.05 -19.42
N THR D 133 -21.90 31.94 -18.41
CA THR D 133 -22.77 33.05 -17.98
C THR D 133 -21.99 34.11 -17.21
N LYS D 134 -22.55 35.33 -17.22
CA LYS D 134 -21.98 36.50 -16.52
C LYS D 134 -21.99 36.32 -15.01
N GLY D 135 -23.15 35.92 -14.48
CA GLY D 135 -23.34 35.73 -13.05
C GLY D 135 -23.94 36.98 -12.40
N PRO D 136 -24.29 36.88 -11.10
CA PRO D 136 -24.66 38.07 -10.34
C PRO D 136 -23.40 38.86 -9.95
N GLU D 137 -23.53 40.20 -9.90
CA GLU D 137 -22.38 41.08 -9.71
C GLU D 137 -22.65 42.20 -8.70
N ILE D 138 -21.62 42.53 -7.93
CA ILE D 138 -21.65 43.70 -7.04
C ILE D 138 -20.75 44.75 -7.67
N ARG D 139 -21.33 45.94 -7.94
CA ARG D 139 -20.67 47.00 -8.69
C ARG D 139 -20.60 48.32 -7.91
N THR D 140 -19.87 49.28 -8.46
CA THR D 140 -19.76 50.64 -7.92
C THR D 140 -20.41 51.63 -8.89
N GLY D 141 -20.45 52.91 -8.50
CA GLY D 141 -21.04 53.96 -9.33
C GLY D 141 -20.17 54.37 -10.50
N ALA D 149 -13.16 59.59 -14.93
CA ALA D 149 -12.80 60.29 -13.70
C ALA D 149 -12.58 59.31 -12.55
N GLU D 150 -11.33 59.20 -12.09
CA GLU D 150 -10.94 58.29 -11.00
C GLU D 150 -10.40 59.07 -9.80
N VAL D 151 -10.27 58.38 -8.66
CA VAL D 151 -9.74 58.98 -7.42
C VAL D 151 -8.73 58.07 -6.71
N GLU D 152 -7.76 58.70 -6.05
CA GLU D 152 -6.76 57.98 -5.27
C GLU D 152 -7.39 57.54 -3.94
N LEU D 153 -7.23 56.25 -3.61
CA LEU D 153 -7.55 55.72 -2.28
C LEU D 153 -6.27 55.50 -1.48
N LYS D 154 -6.08 56.33 -0.46
CA LYS D 154 -4.86 56.35 0.36
C LYS D 154 -4.91 55.19 1.34
N LYS D 155 -3.76 54.54 1.54
CA LYS D 155 -3.66 53.31 2.35
C LYS D 155 -3.65 53.69 3.84
N GLY D 156 -4.67 53.24 4.58
CA GLY D 156 -4.82 53.59 6.00
C GLY D 156 -5.82 54.71 6.27
N ALA D 157 -6.54 55.14 5.24
CA ALA D 157 -7.54 56.21 5.35
C ALA D 157 -8.93 55.65 5.66
N THR D 158 -9.99 56.41 5.33
CA THR D 158 -11.36 55.98 5.62
C THR D 158 -12.36 56.34 4.50
N LEU D 159 -13.39 55.49 4.33
CA LEU D 159 -14.37 55.63 3.26
C LEU D 159 -15.73 55.04 3.66
N LYS D 160 -16.79 55.85 3.54
CA LYS D 160 -18.16 55.41 3.75
C LYS D 160 -18.61 54.64 2.51
N ILE D 161 -19.44 53.61 2.68
CA ILE D 161 -20.16 52.98 1.56
C ILE D 161 -21.69 53.02 1.75
N THR D 162 -22.29 54.07 1.21
CA THR D 162 -23.75 54.26 1.28
C THR D 162 -24.49 53.35 0.31
N LEU D 163 -25.78 53.16 0.58
CA LEU D 163 -26.69 52.45 -0.32
C LEU D 163 -27.73 53.41 -0.91
N ASP D 164 -27.66 54.68 -0.49
CA ASP D 164 -28.57 55.73 -0.95
C ASP D 164 -28.23 56.15 -2.39
N ASN D 165 -29.26 56.23 -3.23
CA ASN D 165 -29.11 56.55 -4.65
C ASN D 165 -28.98 58.05 -5.00
N ALA D 166 -28.93 58.92 -3.98
CA ALA D 166 -28.52 60.30 -4.16
C ALA D 166 -27.02 60.42 -4.49
N TYR D 167 -26.22 59.50 -3.93
CA TYR D 167 -24.77 59.51 -4.10
C TYR D 167 -24.27 58.38 -5.04
N MET D 168 -25.03 58.10 -6.11
CA MET D 168 -24.70 56.99 -7.02
C MET D 168 -23.96 57.37 -8.31
N GLU D 169 -24.24 58.56 -8.86
CA GLU D 169 -23.85 58.89 -10.24
C GLU D 169 -22.40 59.35 -10.37
N LYS D 170 -21.87 59.98 -9.33
CA LYS D 170 -20.42 60.19 -9.21
C LYS D 170 -19.97 59.96 -7.77
N CYS D 171 -19.08 58.99 -7.60
CA CYS D 171 -18.48 58.66 -6.31
C CYS D 171 -17.07 59.24 -6.24
N ASP D 172 -16.56 59.39 -5.01
CA ASP D 172 -15.21 59.93 -4.78
C ASP D 172 -14.44 59.19 -3.67
N GLU D 173 -13.34 59.80 -3.21
CA GLU D 173 -12.48 59.24 -2.13
C GLU D 173 -13.09 59.10 -0.71
N ASN D 174 -14.24 59.74 -0.46
CA ASN D 174 -14.95 59.63 0.84
C ASN D 174 -16.23 58.79 0.80
N ILE D 175 -17.02 58.97 -0.26
CA ILE D 175 -18.33 58.32 -0.42
C ILE D 175 -18.28 57.41 -1.66
N LEU D 176 -18.72 56.15 -1.49
CA LEU D 176 -18.88 55.19 -2.59
C LEU D 176 -20.25 54.53 -2.49
N TRP D 177 -20.86 54.22 -3.65
CA TRP D 177 -22.17 53.57 -3.73
C TRP D 177 -22.05 52.13 -4.25
N LEU D 178 -22.89 51.21 -3.76
CA LEU D 178 -23.03 49.86 -4.31
C LEU D 178 -24.48 49.52 -4.70
N ASP D 179 -24.63 48.63 -5.69
CA ASP D 179 -25.97 48.21 -6.17
C ASP D 179 -26.60 47.07 -5.36
N TYR D 180 -25.77 46.27 -4.67
CA TYR D 180 -26.23 45.19 -3.80
C TYR D 180 -26.78 45.78 -2.51
N LYS D 181 -28.11 45.65 -2.34
CA LYS D 181 -28.83 46.26 -1.22
C LYS D 181 -28.60 45.55 0.12
N ASN D 182 -28.43 44.23 0.08
CA ASN D 182 -28.34 43.42 1.31
C ASN D 182 -26.90 43.13 1.76
N ILE D 183 -26.00 44.11 1.65
CA ILE D 183 -24.59 43.97 2.08
C ILE D 183 -24.47 43.99 3.61
N CYS D 184 -25.22 44.90 4.24
CA CYS D 184 -25.22 45.09 5.71
C CYS D 184 -25.77 43.92 6.54
N LYS D 185 -26.56 43.04 5.90
CA LYS D 185 -26.92 41.74 6.47
C LYS D 185 -25.75 40.74 6.42
N VAL D 186 -25.15 40.58 5.25
CA VAL D 186 -24.19 39.48 4.99
C VAL D 186 -22.74 39.74 5.42
N VAL D 187 -22.47 40.95 5.88
CA VAL D 187 -21.13 41.38 6.30
C VAL D 187 -21.23 41.87 7.75
N GLU D 188 -20.32 41.39 8.61
CA GLU D 188 -20.24 41.81 10.01
C GLU D 188 -19.14 42.86 10.20
N VAL D 189 -18.91 43.28 11.44
CA VAL D 189 -17.77 44.13 11.76
C VAL D 189 -16.46 43.33 11.71
N GLY D 190 -15.44 43.92 11.10
CA GLY D 190 -14.16 43.22 10.87
C GLY D 190 -14.10 42.35 9.62
N SER D 191 -15.17 42.36 8.82
CA SER D 191 -15.19 41.67 7.52
C SER D 191 -14.39 42.47 6.51
N LYS D 192 -13.86 41.77 5.49
CA LYS D 192 -13.09 42.40 4.42
C LYS D 192 -13.93 42.58 3.15
N ILE D 193 -13.67 43.68 2.43
CA ILE D 193 -14.35 44.03 1.16
C ILE D 193 -13.29 44.38 0.12
N TYR D 194 -13.22 43.59 -0.96
CA TYR D 194 -12.29 43.84 -2.07
C TYR D 194 -13.04 44.53 -3.22
N VAL D 195 -12.38 45.50 -3.87
CA VAL D 195 -12.91 46.21 -5.05
C VAL D 195 -11.90 46.05 -6.20
N ASP D 196 -12.41 45.87 -7.43
CA ASP D 196 -11.66 45.90 -8.72
C ASP D 196 -10.61 44.79 -8.88
N ASP D 197 -11.10 43.56 -8.89
CA ASP D 197 -10.32 42.31 -8.91
C ASP D 197 -9.32 42.13 -7.77
N GLY D 198 -9.70 42.58 -6.58
CA GLY D 198 -8.86 42.49 -5.39
C GLY D 198 -7.64 43.42 -5.34
N LEU D 199 -7.69 44.51 -6.11
CA LEU D 199 -6.62 45.51 -6.15
C LEU D 199 -6.74 46.41 -4.91
N ILE D 200 -7.95 46.91 -4.69
CA ILE D 200 -8.33 47.70 -3.53
C ILE D 200 -8.88 46.76 -2.44
N SER D 201 -8.48 46.98 -1.18
CA SER D 201 -9.00 46.20 -0.04
C SER D 201 -9.49 47.12 1.10
N LEU D 202 -10.65 46.77 1.69
CA LEU D 202 -11.31 47.58 2.73
C LEU D 202 -11.75 46.74 3.93
N GLN D 203 -11.42 47.18 5.15
CA GLN D 203 -11.89 46.51 6.39
C GLN D 203 -13.03 47.30 7.05
N VAL D 204 -14.16 46.62 7.27
CA VAL D 204 -15.37 47.21 7.89
C VAL D 204 -15.18 47.47 9.39
N LYS D 205 -15.25 48.74 9.77
CA LYS D 205 -15.06 49.17 11.17
C LYS D 205 -16.36 49.34 11.96
N GLN D 206 -17.42 49.84 11.31
CA GLN D 206 -18.73 49.97 11.95
C GLN D 206 -19.87 49.77 10.94
N LYS D 207 -20.93 49.11 11.40
CA LYS D 207 -22.04 48.66 10.55
C LYS D 207 -23.36 49.37 10.90
N GLY D 208 -23.95 50.02 9.90
CA GLY D 208 -25.29 50.58 10.03
C GLY D 208 -26.31 49.70 9.35
N ALA D 209 -27.48 50.28 9.05
CA ALA D 209 -28.54 49.58 8.31
C ALA D 209 -28.38 49.75 6.79
N ASP D 210 -28.17 51.00 6.37
CA ASP D 210 -28.00 51.36 4.95
C ASP D 210 -26.60 51.90 4.61
N PHE D 211 -25.65 51.79 5.55
CA PHE D 211 -24.26 52.20 5.32
C PHE D 211 -23.27 51.31 6.07
N LEU D 212 -22.04 51.26 5.56
CA LEU D 212 -20.90 50.75 6.31
C LEU D 212 -19.78 51.80 6.21
N VAL D 213 -18.90 51.84 7.21
CA VAL D 213 -17.76 52.77 7.22
C VAL D 213 -16.48 51.92 7.31
N THR D 214 -15.60 52.10 6.32
CA THR D 214 -14.44 51.21 6.12
C THR D 214 -13.10 51.86 6.43
N GLU D 215 -12.08 51.02 6.62
CA GLU D 215 -10.68 51.44 6.67
C GLU D 215 -9.95 50.79 5.50
N VAL D 216 -9.19 51.60 4.78
CA VAL D 216 -8.47 51.17 3.57
C VAL D 216 -7.20 50.44 4.00
N GLU D 217 -6.89 49.31 3.34
CA GLU D 217 -5.70 48.50 3.68
C GLU D 217 -4.68 48.48 2.54
N ASN D 218 -4.98 47.77 1.47
CA ASN D 218 -4.22 47.81 0.23
C ASN D 218 -4.92 48.81 -0.68
N GLY D 219 -4.53 50.09 -0.62
CA GLY D 219 -5.15 51.13 -1.46
C GLY D 219 -4.72 51.11 -2.91
N GLY D 220 -5.44 51.86 -3.74
CA GLY D 220 -5.13 51.97 -5.17
C GLY D 220 -5.89 53.11 -5.80
N SER D 221 -6.01 53.07 -7.13
CA SER D 221 -6.82 54.04 -7.88
C SER D 221 -8.20 53.45 -8.16
N LEU D 222 -9.24 54.11 -7.64
CA LEU D 222 -10.63 53.66 -7.79
C LEU D 222 -11.32 54.35 -8.95
N GLY D 223 -11.77 53.56 -9.93
CA GLY D 223 -12.59 54.06 -11.02
C GLY D 223 -14.06 53.79 -10.77
N SER D 224 -14.90 54.09 -11.75
CA SER D 224 -16.34 53.85 -11.68
C SER D 224 -16.73 52.55 -12.38
N LYS D 225 -17.82 51.93 -11.90
CA LYS D 225 -18.42 50.66 -12.41
C LYS D 225 -17.49 49.43 -12.29
N LYS D 226 -16.92 49.24 -11.10
CA LYS D 226 -15.88 48.22 -10.86
C LYS D 226 -16.37 47.08 -9.95
N GLY D 227 -15.82 45.89 -10.15
CA GLY D 227 -16.29 44.67 -9.49
C GLY D 227 -15.90 44.53 -8.03
N VAL D 228 -16.90 44.25 -7.18
CA VAL D 228 -16.72 44.16 -5.72
C VAL D 228 -16.84 42.70 -5.27
N ASN D 229 -15.98 42.28 -4.34
CA ASN D 229 -16.00 40.92 -3.76
C ASN D 229 -16.02 40.95 -2.23
N LEU D 230 -16.83 40.08 -1.62
CA LEU D 230 -16.91 39.95 -0.17
C LEU D 230 -16.44 38.54 0.24
N PRO D 231 -15.15 38.40 0.67
CA PRO D 231 -14.57 37.15 1.15
C PRO D 231 -15.24 36.55 2.38
N GLY D 232 -15.66 35.29 2.27
CA GLY D 232 -16.26 34.54 3.38
C GLY D 232 -17.73 34.82 3.68
N ALA D 233 -18.36 35.66 2.86
CA ALA D 233 -19.74 36.09 3.07
C ALA D 233 -20.71 35.17 2.34
N ALA D 234 -21.77 34.79 3.02
CA ALA D 234 -22.87 34.04 2.41
C ALA D 234 -23.84 35.01 1.73
N VAL D 235 -23.50 35.35 0.49
CA VAL D 235 -24.15 36.43 -0.26
C VAL D 235 -25.53 36.00 -0.80
N ASP D 236 -26.58 36.75 -0.41
CA ASP D 236 -27.99 36.42 -0.76
C ASP D 236 -28.50 36.91 -2.13
N LEU D 237 -27.58 37.24 -3.05
CA LEU D 237 -27.87 37.51 -4.48
C LEU D 237 -28.49 36.30 -5.19
N PRO D 238 -29.35 36.54 -6.22
CA PRO D 238 -29.94 35.41 -6.97
C PRO D 238 -28.92 34.59 -7.76
N ALA D 239 -29.23 33.31 -7.94
CA ALA D 239 -28.40 32.32 -8.68
C ALA D 239 -28.14 32.70 -10.13
N VAL D 240 -29.18 33.28 -10.74
CA VAL D 240 -29.12 33.84 -12.08
C VAL D 240 -29.66 35.28 -12.02
N SER D 241 -29.02 36.19 -12.75
CA SER D 241 -29.52 37.56 -12.90
C SER D 241 -30.59 37.64 -14.00
N GLU D 242 -31.10 38.84 -14.24
CA GLU D 242 -32.10 39.08 -15.29
C GLU D 242 -31.51 38.91 -16.69
N LYS D 243 -30.24 39.31 -16.86
CA LYS D 243 -29.44 39.06 -18.05
C LYS D 243 -29.19 37.57 -18.27
N ASP D 244 -28.87 36.86 -17.19
CA ASP D 244 -28.58 35.41 -17.19
C ASP D 244 -29.74 34.51 -17.64
N ILE D 245 -30.97 34.90 -17.34
CA ILE D 245 -32.18 34.17 -17.77
C ILE D 245 -32.36 34.32 -19.30
N GLN D 246 -32.07 35.52 -19.82
CA GLN D 246 -32.11 35.81 -21.27
C GLN D 246 -31.05 35.05 -22.05
N ASP D 247 -29.85 34.97 -21.47
CA ASP D 247 -28.70 34.31 -22.09
C ASP D 247 -28.81 32.79 -22.09
N LEU D 248 -29.40 32.22 -21.03
CA LEU D 248 -29.55 30.76 -20.93
C LEU D 248 -30.62 30.21 -21.87
N LYS D 249 -31.72 30.97 -22.00
CA LYS D 249 -32.81 30.69 -22.95
C LYS D 249 -32.33 30.70 -24.40
N PHE D 250 -31.46 31.67 -24.70
CA PHE D 250 -30.76 31.81 -25.97
C PHE D 250 -29.89 30.63 -26.34
N GLY D 251 -29.22 30.05 -25.33
CA GLY D 251 -28.37 28.86 -25.51
C GLY D 251 -29.10 27.60 -25.94
N VAL D 252 -30.33 27.44 -25.43
CA VAL D 252 -31.23 26.35 -25.80
C VAL D 252 -31.69 26.50 -27.27
N GLU D 253 -31.96 27.74 -27.68
CA GLU D 253 -32.29 28.10 -29.08
C GLU D 253 -31.10 27.86 -30.01
N GLN D 254 -29.90 28.19 -29.52
CA GLN D 254 -28.67 27.98 -30.29
C GLN D 254 -28.08 26.57 -30.26
N ASP D 255 -28.71 25.65 -29.53
CA ASP D 255 -28.33 24.21 -29.39
C ASP D 255 -26.91 24.03 -28.77
N VAL D 256 -26.65 24.75 -27.67
CA VAL D 256 -25.35 24.66 -26.99
C VAL D 256 -25.29 23.37 -26.17
N ASP D 257 -24.09 22.83 -26.02
CA ASP D 257 -23.89 21.50 -25.46
C ASP D 257 -23.72 21.51 -23.96
N MET D 258 -23.14 22.59 -23.45
CA MET D 258 -22.90 22.74 -22.03
C MET D 258 -23.00 24.18 -21.58
N VAL D 259 -23.21 24.37 -20.28
CA VAL D 259 -23.35 25.67 -19.65
C VAL D 259 -22.26 25.78 -18.57
N PHE D 260 -21.52 26.89 -18.55
CA PHE D 260 -20.57 27.15 -17.46
C PHE D 260 -21.17 28.22 -16.54
N ALA D 261 -21.96 27.78 -15.56
CA ALA D 261 -22.73 28.67 -14.68
C ALA D 261 -21.88 29.37 -13.60
N SER D 262 -21.79 30.70 -13.69
CA SER D 262 -20.99 31.52 -12.77
C SER D 262 -21.57 31.66 -11.36
N PHE D 263 -20.65 31.74 -10.38
CA PHE D 263 -20.88 32.13 -8.98
C PHE D 263 -21.82 31.20 -8.20
N ILE D 264 -21.61 29.89 -8.37
CA ILE D 264 -22.43 28.88 -7.73
C ILE D 264 -21.97 28.71 -6.28
N ARG D 265 -22.89 28.94 -5.34
CA ARG D 265 -22.66 28.85 -3.91
C ARG D 265 -23.25 27.60 -3.24
N LYS D 266 -24.34 27.06 -3.82
CA LYS D 266 -25.09 25.96 -3.20
C LYS D 266 -25.81 25.10 -4.25
N ALA D 267 -26.44 24.00 -3.82
CA ALA D 267 -27.12 23.05 -4.71
C ALA D 267 -28.41 23.58 -5.36
N SER D 268 -29.12 24.43 -4.62
CA SER D 268 -30.36 25.05 -5.10
C SER D 268 -30.13 26.06 -6.22
N ASP D 269 -28.94 26.68 -6.21
CA ASP D 269 -28.44 27.51 -7.31
C ASP D 269 -28.23 26.74 -8.62
N VAL D 270 -27.80 25.49 -8.51
CA VAL D 270 -27.63 24.59 -9.68
C VAL D 270 -28.99 24.17 -10.18
N HIS D 271 -29.89 23.87 -9.24
CA HIS D 271 -31.30 23.55 -9.50
C HIS D 271 -32.10 24.71 -10.11
N GLU D 272 -31.70 25.95 -9.78
CA GLU D 272 -32.23 27.17 -10.42
C GLU D 272 -31.85 27.30 -11.90
N VAL D 273 -30.61 26.97 -12.25
CA VAL D 273 -30.11 27.01 -13.65
C VAL D 273 -30.78 25.90 -14.48
N ARG D 274 -30.90 24.72 -13.87
CA ARG D 274 -31.70 23.57 -14.37
C ARG D 274 -33.19 23.88 -14.63
N LYS D 275 -33.77 24.72 -13.77
CA LYS D 275 -35.15 25.20 -13.91
C LYS D 275 -35.31 26.16 -15.09
N VAL D 276 -34.32 27.01 -15.32
CA VAL D 276 -34.30 28.00 -16.43
C VAL D 276 -34.20 27.31 -17.81
N LEU D 277 -33.30 26.34 -17.93
CA LEU D 277 -33.14 25.53 -19.15
C LEU D 277 -34.37 24.67 -19.45
N GLY D 278 -34.93 24.08 -18.39
CA GLY D 278 -36.21 23.38 -18.45
C GLY D 278 -36.15 22.04 -19.16
N GLU D 279 -37.27 21.67 -19.77
CA GLU D 279 -37.39 20.39 -20.48
C GLU D 279 -36.84 20.47 -21.92
N LYS D 280 -36.87 21.67 -22.49
CA LYS D 280 -36.40 21.96 -23.85
C LYS D 280 -34.87 21.81 -23.98
N GLY D 281 -34.16 22.19 -22.92
CA GLY D 281 -32.71 21.99 -22.85
C GLY D 281 -32.30 21.13 -21.67
N LYS D 282 -33.02 20.03 -21.47
CA LYS D 282 -32.78 19.10 -20.36
C LYS D 282 -31.46 18.31 -20.44
N ASN D 283 -30.94 18.15 -21.65
CA ASN D 283 -29.72 17.40 -21.93
C ASN D 283 -28.44 18.25 -21.94
N ILE D 284 -28.59 19.56 -21.79
CA ILE D 284 -27.46 20.50 -21.75
C ILE D 284 -26.79 20.38 -20.37
N LYS D 285 -25.49 20.08 -20.38
CA LYS D 285 -24.72 19.80 -19.16
C LYS D 285 -24.43 21.06 -18.35
N ILE D 286 -24.80 21.06 -17.07
CA ILE D 286 -24.55 22.21 -16.21
C ILE D 286 -23.25 21.99 -15.43
N ILE D 287 -22.25 22.82 -15.75
CA ILE D 287 -20.95 22.79 -15.11
C ILE D 287 -20.90 23.99 -14.17
N SER D 288 -20.85 23.73 -12.86
CA SER D 288 -20.85 24.80 -11.87
C SER D 288 -19.45 25.40 -11.72
N LYS D 289 -19.34 26.70 -11.91
CA LYS D 289 -18.10 27.42 -11.64
C LYS D 289 -18.07 27.76 -10.15
N ILE D 290 -17.10 27.18 -9.43
CA ILE D 290 -16.88 27.49 -8.03
C ILE D 290 -15.93 28.68 -7.94
N GLU D 291 -16.43 29.80 -7.43
CA GLU D 291 -15.75 31.10 -7.49
C GLU D 291 -15.39 31.74 -6.15
N ASN D 292 -15.82 31.13 -5.04
CA ASN D 292 -15.69 31.75 -3.70
C ASN D 292 -15.60 30.76 -2.55
N HIS D 293 -15.44 31.31 -1.35
CA HIS D 293 -15.39 30.61 -0.05
C HIS D 293 -16.56 29.66 0.25
N GLU D 294 -17.77 30.11 -0.05
CA GLU D 294 -19.01 29.37 0.26
C GLU D 294 -19.22 28.18 -0.66
N GLY D 295 -18.85 28.34 -1.94
CA GLY D 295 -18.89 27.26 -2.92
C GLY D 295 -17.86 26.17 -2.65
N VAL D 296 -16.70 26.58 -2.12
CA VAL D 296 -15.66 25.64 -1.67
C VAL D 296 -16.11 24.84 -0.43
N ARG D 297 -16.67 25.54 0.56
CA ARG D 297 -17.28 24.96 1.77
C ARG D 297 -18.40 23.95 1.50
N ARG D 298 -19.32 24.34 0.62
CA ARG D 298 -20.51 23.54 0.32
C ARG D 298 -20.37 22.84 -1.03
N PHE D 299 -19.20 22.24 -1.26
CA PHE D 299 -18.82 21.68 -2.57
C PHE D 299 -19.55 20.37 -2.93
N ASP D 300 -19.72 19.50 -1.93
CA ASP D 300 -20.29 18.17 -2.12
C ASP D 300 -21.74 18.17 -2.59
N GLU D 301 -22.54 19.08 -2.01
CA GLU D 301 -23.93 19.27 -2.43
C GLU D 301 -24.05 19.89 -3.83
N ILE D 302 -23.11 20.77 -4.19
CA ILE D 302 -23.01 21.36 -5.54
C ILE D 302 -22.69 20.28 -6.58
N LEU D 303 -21.67 19.47 -6.29
CA LEU D 303 -21.19 18.40 -7.16
C LEU D 303 -22.23 17.31 -7.43
N GLU D 304 -22.99 16.95 -6.40
CA GLU D 304 -24.09 15.98 -6.58
C GLU D 304 -25.31 16.57 -7.31
N ALA D 305 -25.44 17.90 -7.31
CA ALA D 305 -26.45 18.60 -8.11
C ALA D 305 -26.02 18.86 -9.55
N SER D 306 -24.73 19.13 -9.76
CA SER D 306 -24.21 19.53 -11.08
C SER D 306 -23.79 18.36 -11.97
N ASP D 307 -23.75 18.59 -13.29
CA ASP D 307 -23.22 17.61 -14.23
C ASP D 307 -21.68 17.68 -14.30
N GLY D 308 -21.09 18.77 -13.83
CA GLY D 308 -19.63 18.92 -13.75
C GLY D 308 -19.21 20.15 -12.95
N ILE D 309 -17.90 20.39 -12.82
CA ILE D 309 -17.34 21.50 -12.01
C ILE D 309 -16.29 22.27 -12.84
N MET D 310 -16.24 23.60 -12.69
CA MET D 310 -15.06 24.38 -13.11
C MET D 310 -14.35 24.93 -11.87
N VAL D 311 -13.05 24.69 -11.78
CA VAL D 311 -12.19 25.35 -10.79
C VAL D 311 -11.88 26.74 -11.36
N ALA D 312 -12.73 27.71 -11.04
CA ALA D 312 -12.68 29.04 -11.64
C ALA D 312 -11.69 29.91 -10.88
N ARG D 313 -10.40 29.69 -11.18
CA ARG D 313 -9.28 30.12 -10.34
C ARG D 313 -9.01 31.62 -10.19
N GLY D 314 -9.40 32.40 -11.21
CA GLY D 314 -9.27 33.85 -11.19
C GLY D 314 -10.13 34.55 -10.18
N ASP D 315 -11.42 34.21 -10.17
CA ASP D 315 -12.39 34.73 -9.20
C ASP D 315 -12.14 34.16 -7.80
N LEU D 316 -11.69 32.90 -7.76
CA LEU D 316 -11.34 32.20 -6.53
C LEU D 316 -10.10 32.82 -5.88
N GLY D 317 -9.13 33.22 -6.71
CA GLY D 317 -7.91 33.91 -6.26
C GLY D 317 -8.11 35.32 -5.74
N ILE D 318 -9.17 35.99 -6.20
CA ILE D 318 -9.63 37.25 -5.60
C ILE D 318 -10.33 36.95 -4.27
N GLU D 319 -11.27 35.99 -4.28
CA GLU D 319 -12.14 35.69 -3.12
C GLU D 319 -11.45 35.05 -1.92
N ILE D 320 -10.64 34.01 -2.15
CA ILE D 320 -9.88 33.34 -1.08
C ILE D 320 -8.43 33.87 -1.14
N PRO D 321 -7.60 33.65 -0.08
CA PRO D 321 -6.14 33.91 -0.21
C PRO D 321 -5.46 33.17 -1.36
N ALA D 322 -4.60 33.88 -2.09
CA ALA D 322 -3.97 33.40 -3.34
C ALA D 322 -3.01 32.23 -3.14
N GLU D 323 -2.37 32.21 -1.97
CA GLU D 323 -1.62 31.04 -1.48
C GLU D 323 -2.42 29.74 -1.29
N LYS D 324 -3.74 29.85 -1.09
CA LYS D 324 -4.63 28.71 -0.84
C LYS D 324 -5.39 28.11 -2.06
N VAL D 325 -5.15 28.63 -3.27
CA VAL D 325 -5.92 28.25 -4.48
C VAL D 325 -5.67 26.80 -4.97
N PHE D 326 -4.41 26.35 -4.89
CA PHE D 326 -4.01 24.96 -5.20
C PHE D 326 -4.63 23.89 -4.27
N LEU D 327 -4.93 24.26 -3.02
CA LEU D 327 -5.57 23.38 -2.04
C LEU D 327 -6.99 23.11 -2.47
N ALA D 328 -7.67 24.19 -2.87
CA ALA D 328 -9.00 24.13 -3.43
C ALA D 328 -9.02 23.47 -4.81
N GLN D 329 -7.93 23.60 -5.58
CA GLN D 329 -7.80 22.93 -6.89
C GLN D 329 -7.77 21.40 -6.76
N LYS D 330 -6.85 20.89 -5.94
CA LYS D 330 -6.69 19.45 -5.75
C LYS D 330 -7.82 18.76 -4.94
N MET D 331 -8.53 19.54 -4.12
CA MET D 331 -9.76 19.08 -3.45
C MET D 331 -10.87 18.81 -4.46
N MET D 332 -11.15 19.83 -5.27
CA MET D 332 -12.22 19.80 -6.25
C MET D 332 -11.94 18.82 -7.38
N ILE D 333 -10.69 18.70 -7.80
CA ILE D 333 -10.31 17.76 -8.86
C ILE D 333 -10.39 16.28 -8.39
N GLY D 334 -9.90 16.03 -7.18
CA GLY D 334 -9.93 14.71 -6.56
C GLY D 334 -11.32 14.18 -6.25
N ARG D 335 -12.21 15.07 -5.78
CA ARG D 335 -13.60 14.71 -5.46
C ARG D 335 -14.46 14.46 -6.70
N CYS D 336 -14.18 15.19 -7.77
CA CYS D 336 -14.79 14.96 -9.07
C CYS D 336 -14.28 13.68 -9.71
N ASN D 337 -13.02 13.35 -9.46
CA ASN D 337 -12.43 12.09 -9.92
C ASN D 337 -12.98 10.90 -9.14
N ARG D 338 -13.29 11.15 -7.87
CA ARG D 338 -13.97 10.19 -6.98
C ARG D 338 -15.41 9.97 -7.46
N ALA D 339 -16.12 11.06 -7.71
CA ALA D 339 -17.51 11.01 -8.17
C ALA D 339 -17.68 10.63 -9.65
N GLY D 340 -16.63 10.77 -10.46
CA GLY D 340 -16.72 10.49 -11.89
C GLY D 340 -17.33 11.56 -12.78
N LYS D 341 -17.52 12.76 -12.23
CA LYS D 341 -18.05 13.91 -12.96
C LYS D 341 -16.85 14.72 -13.49
N PRO D 342 -17.01 15.46 -14.64
CA PRO D 342 -15.90 16.29 -15.16
C PRO D 342 -15.44 17.46 -14.30
N VAL D 343 -14.17 17.81 -14.46
CA VAL D 343 -13.61 18.97 -13.80
C VAL D 343 -12.70 19.75 -14.78
N ILE D 344 -12.89 21.07 -14.81
CA ILE D 344 -12.16 21.96 -15.71
C ILE D 344 -11.24 22.87 -14.89
N CYS D 345 -9.94 22.81 -15.16
CA CYS D 345 -9.01 23.81 -14.64
C CYS D 345 -9.10 25.04 -15.54
N ALA D 346 -8.99 26.22 -14.94
CA ALA D 346 -9.24 27.48 -15.64
C ALA D 346 -8.31 28.60 -15.17
N THR D 347 -8.24 29.65 -16.01
CA THR D 347 -7.61 30.96 -15.75
C THR D 347 -6.08 30.99 -15.68
N GLN D 348 -5.48 31.79 -16.59
CA GLN D 348 -4.07 32.21 -16.62
C GLN D 348 -3.03 31.10 -16.80
N MET D 349 -3.44 29.99 -17.44
CA MET D 349 -2.63 28.77 -17.54
C MET D 349 -1.44 28.91 -18.47
N LEU D 350 -1.61 29.66 -19.57
CA LEU D 350 -0.51 30.07 -20.44
C LEU D 350 -0.61 31.57 -20.72
N GLU D 351 -0.73 32.36 -19.64
CA GLU D 351 -1.04 33.82 -19.63
C GLU D 351 -0.10 34.74 -20.43
N SER D 352 1.19 34.42 -20.41
CA SER D 352 2.19 35.16 -21.20
C SER D 352 2.16 34.92 -22.72
N MET D 353 1.37 33.93 -23.19
CA MET D 353 1.12 33.72 -24.62
C MET D 353 0.05 34.62 -25.26
N ILE D 354 -0.49 35.58 -24.49
CA ILE D 354 -1.19 36.75 -25.02
C ILE D 354 -0.17 37.60 -25.82
N LYS D 355 1.03 37.77 -25.27
CA LYS D 355 2.04 38.65 -25.86
C LYS D 355 3.31 37.97 -26.45
N LYS D 356 3.59 36.71 -26.09
CA LYS D 356 4.88 36.04 -26.43
C LYS D 356 4.70 34.63 -27.05
N PRO D 357 5.59 34.20 -27.99
CA PRO D 357 5.37 32.88 -28.65
C PRO D 357 5.66 31.60 -27.85
N ARG D 358 6.41 31.71 -26.75
CA ARG D 358 6.66 30.59 -25.81
C ARG D 358 6.00 30.94 -24.47
N PRO D 359 5.61 29.93 -23.67
CA PRO D 359 5.11 30.29 -22.33
C PRO D 359 6.24 30.31 -21.31
N THR D 360 5.92 30.64 -20.05
CA THR D 360 6.90 30.58 -18.97
C THR D 360 7.03 29.15 -18.43
N ARG D 361 8.00 28.92 -17.56
CA ARG D 361 8.20 27.60 -16.94
C ARG D 361 7.15 27.32 -15.86
N ALA D 362 6.65 28.40 -15.23
CA ALA D 362 5.52 28.32 -14.32
C ALA D 362 4.24 27.94 -15.02
N GLU D 363 4.03 28.52 -16.19
CA GLU D 363 2.89 28.25 -17.04
C GLU D 363 2.92 26.84 -17.62
N GLY D 364 4.12 26.36 -17.94
CA GLY D 364 4.31 25.01 -18.47
C GLY D 364 4.05 23.91 -17.46
N SER D 365 4.49 24.12 -16.21
CA SER D 365 4.32 23.12 -15.16
C SER D 365 2.88 23.08 -14.63
N ASP D 366 2.20 24.22 -14.66
CA ASP D 366 0.78 24.38 -14.25
C ASP D 366 -0.21 23.55 -15.07
N VAL D 367 -0.03 23.61 -16.40
CA VAL D 367 -0.80 22.81 -17.37
C VAL D 367 -0.49 21.31 -17.20
N ALA D 368 0.77 21.00 -16.96
CA ALA D 368 1.21 19.63 -16.68
C ALA D 368 0.67 19.06 -15.38
N ASN D 369 0.81 19.83 -14.30
CA ASN D 369 0.29 19.44 -12.98
C ASN D 369 -1.22 19.36 -12.88
N ALA D 370 -1.96 20.17 -13.67
CA ALA D 370 -3.43 20.07 -13.77
C ALA D 370 -3.89 18.74 -14.38
N VAL D 371 -3.22 18.34 -15.47
CA VAL D 371 -3.48 17.07 -16.16
C VAL D 371 -3.05 15.90 -15.25
N LEU D 372 -1.91 16.06 -14.59
CA LEU D 372 -1.46 15.10 -13.57
C LEU D 372 -2.36 14.99 -12.35
N ASP D 373 -2.88 16.11 -11.82
CA ASP D 373 -3.91 16.12 -10.73
C ASP D 373 -5.20 15.35 -11.09
N GLY D 374 -5.62 15.47 -12.35
CA GLY D 374 -6.77 14.74 -12.88
C GLY D 374 -7.85 15.64 -13.44
N ALA D 375 -7.45 16.79 -14.02
CA ALA D 375 -8.41 17.68 -14.66
C ALA D 375 -8.82 17.06 -15.99
N ASP D 376 -10.14 16.92 -16.15
CA ASP D 376 -10.72 16.35 -17.35
C ASP D 376 -10.55 17.28 -18.56
N CYS D 377 -10.63 18.58 -18.29
CA CYS D 377 -10.39 19.61 -19.29
C CYS D 377 -9.50 20.75 -18.80
N ILE D 378 -8.90 21.44 -19.76
CA ILE D 378 -8.08 22.63 -19.51
C ILE D 378 -8.52 23.78 -20.42
N MET D 379 -8.47 24.99 -19.88
CA MET D 379 -9.06 26.15 -20.52
C MET D 379 -8.00 27.17 -20.90
N LEU D 380 -8.33 27.97 -21.90
CA LEU D 380 -7.58 29.16 -22.31
C LEU D 380 -8.62 30.28 -22.35
N SER D 381 -8.32 31.40 -21.68
CA SER D 381 -9.20 32.57 -21.65
C SER D 381 -8.69 33.62 -22.63
N GLY D 382 -7.92 34.60 -22.15
CA GLY D 382 -7.39 35.70 -22.98
C GLY D 382 -6.34 35.33 -24.01
N GLU D 383 -5.70 34.18 -23.78
CA GLU D 383 -4.80 33.46 -24.72
C GLU D 383 -5.40 33.20 -26.10
N THR D 384 -6.67 32.80 -26.11
CA THR D 384 -7.41 32.55 -27.34
C THR D 384 -8.46 33.61 -27.67
N ALA D 385 -8.92 34.38 -26.69
CA ALA D 385 -9.92 35.43 -26.93
C ALA D 385 -9.34 36.68 -27.59
N LYS D 386 -8.30 37.26 -26.99
CA LYS D 386 -7.70 38.51 -27.51
C LYS D 386 -6.20 38.46 -27.87
N GLY D 387 -5.52 37.35 -27.57
CA GLY D 387 -4.05 37.27 -27.66
C GLY D 387 -3.44 37.20 -29.05
N ASP D 388 -2.14 37.49 -29.12
CA ASP D 388 -1.40 37.49 -30.40
C ASP D 388 -0.99 36.10 -30.88
N TYR D 389 -0.95 35.13 -29.96
CA TYR D 389 -0.58 33.75 -30.32
C TYR D 389 -1.64 32.71 -29.89
N PRO D 390 -2.85 32.71 -30.54
CA PRO D 390 -3.84 31.72 -30.10
C PRO D 390 -3.62 30.29 -30.60
N LEU D 391 -3.12 30.12 -31.83
CA LEU D 391 -2.84 28.81 -32.43
C LEU D 391 -1.65 28.10 -31.80
N GLU D 392 -0.68 28.88 -31.33
CA GLU D 392 0.51 28.35 -30.65
C GLU D 392 0.15 27.87 -29.24
N ALA D 393 -0.70 28.63 -28.54
CA ALA D 393 -1.22 28.27 -27.20
C ALA D 393 -2.10 27.02 -27.12
N VAL D 394 -2.95 26.80 -28.15
CA VAL D 394 -3.81 25.61 -28.26
C VAL D 394 -2.95 24.36 -28.48
N ARG D 395 -1.97 24.51 -29.35
CA ARG D 395 -0.97 23.50 -29.62
C ARG D 395 -0.06 23.20 -28.42
N MET D 396 0.27 24.24 -27.64
CA MET D 396 1.12 24.10 -26.46
C MET D 396 0.39 23.38 -25.32
N GLN D 397 -0.92 23.63 -25.17
CA GLN D 397 -1.73 22.83 -24.22
C GLN D 397 -1.88 21.36 -24.62
N HIS D 398 -1.98 21.10 -25.93
CA HIS D 398 -1.97 19.75 -26.52
C HIS D 398 -0.66 19.00 -26.30
N LEU D 399 0.47 19.69 -26.46
CA LEU D 399 1.79 19.10 -26.27
C LEU D 399 2.14 18.82 -24.81
N ILE D 400 1.70 19.70 -23.90
CA ILE D 400 1.94 19.55 -22.46
C ILE D 400 1.07 18.43 -21.85
N ALA D 401 -0.21 18.38 -22.23
CA ALA D 401 -1.17 17.38 -21.73
C ALA D 401 -0.83 15.94 -22.08
N ARG D 402 -0.42 15.73 -23.34
CA ARG D 402 -0.03 14.43 -23.89
C ARG D 402 1.20 13.82 -23.20
N GLU D 403 2.16 14.68 -22.83
CA GLU D 403 3.32 14.27 -22.03
C GLU D 403 2.92 13.93 -20.59
N ALA D 404 1.96 14.70 -20.06
CA ALA D 404 1.47 14.51 -18.69
C ALA D 404 0.60 13.28 -18.48
N GLU D 405 -0.16 12.93 -19.52
CA GLU D 405 -1.00 11.73 -19.53
C GLU D 405 -0.18 10.44 -19.48
N ALA D 406 0.96 10.44 -20.17
CA ALA D 406 1.96 9.37 -20.08
C ALA D 406 2.65 9.32 -18.70
N ALA D 407 2.83 10.50 -18.08
CA ALA D 407 3.51 10.62 -16.77
C ALA D 407 2.64 10.35 -15.54
N ILE D 408 1.38 10.00 -15.74
CA ILE D 408 0.47 9.53 -14.69
C ILE D 408 0.96 8.16 -14.15
N TYR D 409 1.02 8.03 -12.83
CA TYR D 409 1.24 6.75 -12.17
C TYR D 409 -0.07 5.95 -12.15
N HIS D 410 -0.34 5.24 -13.24
CA HIS D 410 -1.57 4.49 -13.44
C HIS D 410 -1.75 3.28 -12.52
N LEU D 411 -0.64 2.74 -12.01
CA LEU D 411 -0.63 1.57 -11.15
C LEU D 411 -1.26 1.86 -9.78
N GLN D 412 -0.85 2.97 -9.14
CA GLN D 412 -1.48 3.43 -7.90
C GLN D 412 -2.87 4.00 -8.15
N LEU D 413 -3.03 4.80 -9.22
CA LEU D 413 -4.29 5.50 -9.53
C LEU D 413 -5.49 4.59 -9.77
N PHE D 414 -5.29 3.52 -10.54
CA PHE D 414 -6.34 2.54 -10.79
C PHE D 414 -6.64 1.70 -9.55
N GLU D 415 -5.59 1.34 -8.78
CA GLU D 415 -5.70 0.65 -7.48
C GLU D 415 -6.53 1.38 -6.42
N GLU D 416 -6.36 2.69 -6.37
CA GLU D 416 -7.12 3.51 -5.44
C GLU D 416 -8.56 3.76 -5.92
N LEU D 417 -8.78 3.83 -7.23
CA LEU D 417 -10.15 3.92 -7.79
C LEU D 417 -10.93 2.60 -7.68
N ARG D 418 -10.24 1.47 -7.88
CA ARG D 418 -10.77 0.08 -7.69
C ARG D 418 -11.30 -0.13 -6.26
N ARG D 419 -10.45 0.22 -5.28
CA ARG D 419 -10.74 0.19 -3.83
C ARG D 419 -11.88 1.11 -3.38
N LEU D 420 -11.86 2.36 -3.85
CA LEU D 420 -12.89 3.35 -3.49
C LEU D 420 -14.26 3.17 -4.16
N ALA D 421 -14.33 2.34 -5.20
CA ALA D 421 -15.59 2.02 -5.88
C ALA D 421 -16.51 1.15 -5.00
N PRO D 422 -17.76 1.61 -4.77
CA PRO D 422 -18.71 0.81 -3.96
C PRO D 422 -19.20 -0.39 -4.75
N ILE D 423 -19.44 -1.50 -4.07
CA ILE D 423 -19.91 -2.67 -4.78
C ILE D 423 -21.43 -2.59 -5.06
N THR D 424 -21.76 -2.28 -6.32
CA THR D 424 -23.14 -2.06 -6.77
C THR D 424 -23.76 -3.32 -7.38
N SER D 425 -24.92 -3.16 -8.02
CA SER D 425 -25.54 -4.22 -8.84
C SER D 425 -25.74 -3.77 -10.31
N ASP D 426 -25.11 -2.66 -10.69
CA ASP D 426 -25.18 -2.07 -12.02
C ASP D 426 -24.28 -2.91 -12.94
N PRO D 427 -24.84 -3.45 -14.06
CA PRO D 427 -24.03 -4.23 -15.01
C PRO D 427 -23.01 -3.41 -15.82
N THR D 428 -23.39 -2.20 -16.21
CA THR D 428 -22.56 -1.24 -16.94
C THR D 428 -21.27 -0.84 -16.21
N GLU D 429 -21.37 -0.65 -14.89
CA GLU D 429 -20.23 -0.29 -14.03
C GLU D 429 -19.22 -1.42 -13.90
N ALA D 430 -19.73 -2.64 -13.75
CA ALA D 430 -18.92 -3.87 -13.66
C ALA D 430 -18.20 -4.18 -14.97
N THR D 431 -18.90 -3.96 -16.08
CA THR D 431 -18.33 -4.06 -17.42
C THR D 431 -17.26 -2.99 -17.68
N ALA D 432 -17.50 -1.77 -17.22
CA ALA D 432 -16.57 -0.65 -17.40
C ALA D 432 -15.24 -0.84 -16.67
N VAL D 433 -15.33 -1.30 -15.43
CA VAL D 433 -14.14 -1.52 -14.61
C VAL D 433 -13.38 -2.79 -15.06
N GLY D 434 -14.10 -3.76 -15.64
CA GLY D 434 -13.49 -4.94 -16.24
C GLY D 434 -12.77 -4.63 -17.55
N ALA D 435 -13.30 -3.66 -18.31
CA ALA D 435 -12.69 -3.19 -19.55
C ALA D 435 -11.42 -2.39 -19.36
N VAL D 436 -11.41 -1.52 -18.33
CA VAL D 436 -10.24 -0.70 -17.97
C VAL D 436 -9.12 -1.61 -17.46
N GLU D 437 -9.49 -2.60 -16.65
CA GLU D 437 -8.60 -3.66 -16.17
C GLU D 437 -7.95 -4.48 -17.27
N ALA D 438 -8.77 -4.88 -18.25
CA ALA D 438 -8.31 -5.64 -19.42
C ALA D 438 -7.43 -4.83 -20.36
N SER D 439 -7.63 -3.50 -20.41
CA SER D 439 -6.76 -2.61 -21.16
C SER D 439 -5.37 -2.50 -20.53
N PHE D 440 -5.31 -2.53 -19.20
CA PHE D 440 -4.03 -2.50 -18.48
C PHE D 440 -3.23 -3.79 -18.59
N LYS D 441 -3.93 -4.93 -18.68
CA LYS D 441 -3.30 -6.25 -18.70
C LYS D 441 -2.56 -6.53 -20.02
N CYS D 442 -3.20 -6.20 -21.13
CA CYS D 442 -2.62 -6.42 -22.46
C CYS D 442 -2.00 -5.18 -23.12
N CYS D 443 -2.00 -4.05 -22.40
CA CYS D 443 -1.47 -2.73 -22.83
C CYS D 443 -2.08 -2.26 -24.16
N SER D 444 -3.40 -2.20 -24.18
CA SER D 444 -4.18 -2.12 -25.42
C SER D 444 -4.10 -0.76 -26.08
N GLY D 445 -4.32 -0.75 -27.39
CA GLY D 445 -4.26 0.46 -28.21
C GLY D 445 -5.40 1.43 -27.96
N ALA D 446 -6.59 0.89 -27.63
CA ALA D 446 -7.79 1.67 -27.30
C ALA D 446 -8.84 0.86 -26.51
N ILE D 447 -9.87 1.59 -26.05
CA ILE D 447 -11.13 1.00 -25.55
C ILE D 447 -12.29 1.52 -26.43
N ILE D 448 -12.78 0.67 -27.33
CA ILE D 448 -13.91 1.05 -28.20
C ILE D 448 -15.21 0.88 -27.40
N VAL D 449 -16.01 1.95 -27.29
CA VAL D 449 -17.30 1.91 -26.58
C VAL D 449 -18.41 2.42 -27.51
N LEU D 450 -19.40 1.57 -27.82
CA LEU D 450 -20.62 2.06 -28.46
C LEU D 450 -21.49 2.71 -27.40
N THR D 451 -21.89 3.95 -27.62
CA THR D 451 -22.80 4.65 -26.68
C THR D 451 -23.81 5.58 -27.38
N LYS D 452 -25.00 5.72 -26.77
CA LYS D 452 -26.03 6.62 -27.28
C LYS D 452 -26.02 7.95 -26.52
N SER D 453 -26.10 7.86 -25.19
CA SER D 453 -26.12 9.03 -24.32
C SER D 453 -24.74 9.58 -24.01
N GLY D 454 -23.73 8.70 -23.97
CA GLY D 454 -22.43 9.04 -23.40
C GLY D 454 -22.06 8.17 -22.20
N ARG D 455 -23.08 7.72 -21.44
CA ARG D 455 -22.94 7.17 -20.06
C ARG D 455 -21.99 5.96 -19.91
N SER D 456 -22.01 5.05 -20.88
CA SER D 456 -21.11 3.89 -20.89
C SER D 456 -19.66 4.26 -21.12
N ALA D 457 -19.42 5.25 -22.00
CA ALA D 457 -18.09 5.79 -22.22
C ALA D 457 -17.59 6.63 -21.03
N HIS D 458 -18.54 7.31 -20.33
CA HIS D 458 -18.26 8.08 -19.11
C HIS D 458 -17.81 7.18 -17.95
N GLN D 459 -18.44 6.01 -17.84
CA GLN D 459 -18.10 4.99 -16.83
C GLN D 459 -16.73 4.36 -17.04
N VAL D 460 -16.28 4.28 -18.29
CA VAL D 460 -14.92 3.82 -18.62
C VAL D 460 -13.90 4.91 -18.22
N ALA D 461 -14.24 6.17 -18.48
CA ALA D 461 -13.41 7.35 -18.21
C ALA D 461 -13.02 7.59 -16.74
N ARG D 462 -13.96 7.29 -15.81
CA ARG D 462 -13.77 7.56 -14.38
C ARG D 462 -12.73 6.66 -13.67
N TYR D 463 -12.46 5.50 -14.26
CA TYR D 463 -11.39 4.61 -13.79
C TYR D 463 -9.99 4.91 -14.38
N ARG D 464 -9.91 5.99 -15.18
CA ARG D 464 -8.69 6.54 -15.80
C ARG D 464 -7.78 5.56 -16.56
N PRO D 465 -8.24 5.04 -17.72
CA PRO D 465 -7.34 4.15 -18.46
C PRO D 465 -6.23 4.90 -19.19
N ARG D 466 -5.09 4.22 -19.38
CA ARG D 466 -3.99 4.70 -20.21
C ARG D 466 -4.42 4.76 -21.66
N ALA D 467 -5.11 3.71 -22.10
CA ALA D 467 -5.65 3.58 -23.47
C ALA D 467 -6.77 4.61 -23.77
N PRO D 468 -6.74 5.25 -24.96
CA PRO D 468 -7.77 6.20 -25.38
C PRO D 468 -9.11 5.54 -25.60
N ILE D 469 -10.17 6.22 -25.16
CA ILE D 469 -11.52 5.69 -25.31
C ILE D 469 -12.08 6.25 -26.61
N ILE D 470 -12.39 5.37 -27.55
CA ILE D 470 -12.96 5.79 -28.82
C ILE D 470 -14.46 5.53 -28.72
N ALA D 471 -15.21 6.59 -28.39
CA ALA D 471 -16.65 6.48 -28.22
C ALA D 471 -17.42 6.64 -29.52
N VAL D 472 -18.05 5.54 -29.95
CA VAL D 472 -18.85 5.50 -31.19
C VAL D 472 -20.30 5.87 -30.89
N THR D 473 -20.84 6.80 -31.68
CA THR D 473 -22.19 7.33 -31.46
C THR D 473 -22.84 7.79 -32.77
N ARG D 474 -24.17 7.70 -32.85
CA ARG D 474 -24.94 8.34 -33.93
C ARG D 474 -25.60 9.63 -33.44
N ASN D 475 -25.66 9.80 -32.12
CA ASN D 475 -26.09 11.06 -31.50
C ASN D 475 -24.97 12.10 -31.69
N PRO D 476 -25.30 13.25 -32.32
CA PRO D 476 -24.28 14.29 -32.48
C PRO D 476 -24.01 15.13 -31.22
N GLN D 477 -25.01 15.28 -30.34
CA GLN D 477 -24.87 16.01 -29.06
C GLN D 477 -23.96 15.26 -28.07
N THR D 478 -24.07 13.93 -28.07
CA THR D 478 -23.21 13.02 -27.30
C THR D 478 -21.73 13.16 -27.69
N ALA D 479 -21.46 13.15 -28.99
CA ALA D 479 -20.13 13.41 -29.58
C ALA D 479 -19.54 14.77 -29.22
N ARG D 480 -20.39 15.80 -29.14
CA ARG D 480 -19.95 17.11 -28.68
C ARG D 480 -19.72 17.13 -27.15
N GLN D 481 -20.65 16.56 -26.38
CA GLN D 481 -20.54 16.53 -24.90
C GLN D 481 -19.49 15.56 -24.32
N ALA D 482 -19.01 14.60 -25.13
CA ALA D 482 -17.99 13.63 -24.70
C ALA D 482 -16.57 14.20 -24.49
N HIS D 483 -16.29 15.37 -25.06
CA HIS D 483 -15.01 16.08 -24.88
C HIS D 483 -14.75 16.57 -23.46
N LEU D 484 -15.82 16.80 -22.70
CA LEU D 484 -15.80 17.02 -21.24
C LEU D 484 -15.07 16.02 -20.35
N TYR D 485 -14.94 14.76 -20.81
CA TYR D 485 -14.39 13.66 -20.03
C TYR D 485 -12.99 13.26 -20.54
N ARG D 486 -12.13 12.88 -19.62
CA ARG D 486 -10.75 12.46 -19.90
C ARG D 486 -10.72 11.09 -20.56
N GLY D 487 -10.02 10.97 -21.68
CA GLY D 487 -9.84 9.70 -22.35
C GLY D 487 -10.68 9.56 -23.59
N ILE D 488 -11.78 10.31 -23.66
CA ILE D 488 -12.80 10.08 -24.68
C ILE D 488 -12.48 10.82 -25.98
N PHE D 489 -12.35 10.04 -27.05
CA PHE D 489 -12.16 10.54 -28.40
C PHE D 489 -13.45 10.21 -29.11
N PRO D 490 -14.37 11.18 -29.19
CA PRO D 490 -15.70 10.95 -29.77
C PRO D 490 -15.70 10.91 -31.29
N VAL D 491 -16.33 9.87 -31.84
CA VAL D 491 -16.44 9.67 -33.29
C VAL D 491 -17.93 9.57 -33.67
N LEU D 492 -18.30 10.23 -34.77
CA LEU D 492 -19.69 10.32 -35.19
C LEU D 492 -19.95 9.45 -36.42
N CYS D 493 -20.70 8.37 -36.23
CA CYS D 493 -21.05 7.45 -37.31
C CYS D 493 -22.16 8.04 -38.17
N LYS D 494 -21.82 8.33 -39.43
CA LYS D 494 -22.75 8.88 -40.42
C LYS D 494 -23.22 7.84 -41.45
N ASP D 495 -22.86 6.57 -41.24
CA ASP D 495 -23.21 5.45 -42.11
C ASP D 495 -24.71 5.08 -41.95
N PRO D 496 -25.32 4.44 -42.98
CA PRO D 496 -26.70 3.92 -42.82
C PRO D 496 -26.87 2.82 -41.77
N VAL D 497 -28.06 2.74 -41.19
CA VAL D 497 -28.40 1.72 -40.18
C VAL D 497 -28.62 0.39 -40.90
N GLN D 498 -27.80 -0.61 -40.55
CA GLN D 498 -27.78 -1.91 -41.25
C GLN D 498 -28.98 -2.80 -40.89
N GLU D 499 -29.14 -3.86 -41.68
CA GLU D 499 -30.32 -4.74 -41.66
C GLU D 499 -30.47 -5.55 -40.37
N ALA D 500 -29.40 -6.26 -40.02
CA ALA D 500 -29.32 -6.95 -38.73
C ALA D 500 -28.77 -5.96 -37.70
N TRP D 501 -29.17 -6.12 -36.45
CA TRP D 501 -28.67 -5.28 -35.35
C TRP D 501 -27.21 -5.59 -35.02
N ALA D 502 -26.84 -6.87 -35.10
CA ALA D 502 -25.46 -7.34 -34.86
C ALA D 502 -24.47 -6.85 -35.92
N GLU D 503 -24.90 -6.81 -37.19
CA GLU D 503 -24.05 -6.32 -38.28
C GLU D 503 -23.96 -4.77 -38.26
N ASP D 504 -24.98 -4.11 -37.73
CA ASP D 504 -24.92 -2.66 -37.46
C ASP D 504 -23.99 -2.33 -36.31
N VAL D 505 -23.97 -3.22 -35.31
CA VAL D 505 -23.04 -3.17 -34.18
C VAL D 505 -21.58 -3.36 -34.64
N ASP D 506 -21.34 -4.37 -35.49
CA ASP D 506 -19.99 -4.67 -36.00
C ASP D 506 -19.43 -3.62 -36.96
N LEU D 507 -20.32 -2.93 -37.69
CA LEU D 507 -19.93 -1.82 -38.57
C LEU D 507 -19.47 -0.61 -37.78
N ARG D 508 -20.16 -0.33 -36.68
CA ARG D 508 -19.80 0.76 -35.75
C ARG D 508 -18.51 0.49 -34.97
N VAL D 509 -18.22 -0.80 -34.72
CA VAL D 509 -16.93 -1.24 -34.16
C VAL D 509 -15.82 -1.03 -35.20
N ASN D 510 -16.07 -1.51 -36.44
CA ASN D 510 -15.13 -1.43 -37.57
C ASN D 510 -14.79 0.00 -38.03
N PHE D 511 -15.75 0.92 -37.85
CA PHE D 511 -15.57 2.35 -38.05
C PHE D 511 -14.54 2.93 -37.08
N ALA D 512 -14.65 2.53 -35.81
CA ALA D 512 -13.68 2.92 -34.77
C ALA D 512 -12.30 2.31 -34.92
N MET D 513 -12.24 1.11 -35.54
CA MET D 513 -10.97 0.50 -35.96
C MET D 513 -10.32 1.33 -37.06
N ASN D 514 -11.15 1.80 -38.00
CA ASN D 514 -10.70 2.66 -39.10
C ASN D 514 -10.29 4.07 -38.68
N VAL D 515 -10.91 4.61 -37.62
CA VAL D 515 -10.52 5.92 -37.07
C VAL D 515 -9.13 5.87 -36.42
N GLY D 516 -8.96 4.93 -35.50
CA GLY D 516 -7.71 4.77 -34.73
C GLY D 516 -6.47 4.36 -35.51
N LYS D 517 -6.68 3.62 -36.61
CA LYS D 517 -5.61 3.36 -37.58
C LYS D 517 -5.24 4.62 -38.35
N ALA D 518 -6.24 5.42 -38.72
CA ALA D 518 -6.01 6.65 -39.50
C ALA D 518 -5.43 7.78 -38.68
N ARG D 519 -5.86 7.89 -37.42
CA ARG D 519 -5.36 8.93 -36.50
C ARG D 519 -4.05 8.53 -35.78
N GLY D 520 -3.61 7.28 -35.96
CA GLY D 520 -2.32 6.79 -35.45
C GLY D 520 -2.33 6.21 -34.04
N PHE D 521 -3.49 5.78 -33.56
CA PHE D 521 -3.64 5.29 -32.19
C PHE D 521 -3.20 3.84 -32.07
N PHE D 522 -3.43 3.07 -33.14
CA PHE D 522 -2.94 1.71 -33.27
C PHE D 522 -2.64 1.41 -34.73
N LYS D 523 -2.04 0.25 -34.98
CA LYS D 523 -1.92 -0.30 -36.34
C LYS D 523 -2.68 -1.63 -36.41
N LYS D 524 -2.63 -2.28 -37.58
CA LYS D 524 -3.25 -3.58 -37.83
C LYS D 524 -2.58 -4.68 -37.02
N GLY D 525 -3.38 -5.48 -36.31
CA GLY D 525 -2.88 -6.57 -35.49
C GLY D 525 -2.63 -6.23 -34.03
N ASP D 526 -2.75 -4.94 -33.68
CA ASP D 526 -2.70 -4.47 -32.28
C ASP D 526 -3.95 -4.92 -31.51
N VAL D 527 -3.84 -5.03 -30.20
CA VAL D 527 -4.93 -5.51 -29.36
C VAL D 527 -5.75 -4.30 -28.87
N VAL D 528 -7.08 -4.40 -28.97
CA VAL D 528 -8.00 -3.39 -28.42
C VAL D 528 -9.13 -4.02 -27.61
N ILE D 529 -9.75 -3.22 -26.73
CA ILE D 529 -10.88 -3.64 -25.91
C ILE D 529 -12.12 -3.06 -26.58
N VAL D 530 -13.18 -3.87 -26.72
CA VAL D 530 -14.43 -3.42 -27.35
C VAL D 530 -15.63 -3.58 -26.41
N LEU D 531 -16.31 -2.46 -26.10
CA LEU D 531 -17.56 -2.46 -25.34
C LEU D 531 -18.79 -2.30 -26.22
N THR D 532 -19.70 -3.28 -26.15
CA THR D 532 -21.02 -3.25 -26.78
C THR D 532 -22.04 -3.67 -25.72
N GLY D 533 -23.30 -3.85 -26.15
CA GLY D 533 -24.36 -4.40 -25.28
C GLY D 533 -25.07 -5.60 -25.88
N TRP D 534 -26.14 -6.05 -25.21
CA TRP D 534 -26.87 -7.27 -25.62
C TRP D 534 -28.21 -7.01 -26.34
N ARG D 535 -28.68 -5.76 -26.33
CA ARG D 535 -29.92 -5.35 -26.99
C ARG D 535 -29.79 -3.85 -27.33
N PRO D 536 -30.58 -3.32 -28.29
CA PRO D 536 -30.50 -1.87 -28.56
C PRO D 536 -31.10 -0.97 -27.46
N GLY D 537 -30.68 0.30 -27.46
CA GLY D 537 -31.12 1.28 -26.46
C GLY D 537 -30.16 1.37 -25.30
N SER D 538 -30.21 2.48 -24.58
CA SER D 538 -29.26 2.79 -23.49
C SER D 538 -29.40 1.92 -22.24
N GLY D 539 -28.28 1.79 -21.51
CA GLY D 539 -28.26 1.11 -20.22
C GLY D 539 -28.20 -0.41 -20.23
N PHE D 540 -27.75 -1.00 -21.35
CA PHE D 540 -27.58 -2.45 -21.49
C PHE D 540 -26.17 -2.88 -21.93
N THR D 541 -25.16 -2.02 -21.76
CA THR D 541 -23.75 -2.37 -22.01
C THR D 541 -23.28 -3.40 -20.98
N ASN D 542 -23.05 -4.62 -21.48
CA ASN D 542 -22.66 -5.76 -20.66
C ASN D 542 -21.47 -6.53 -21.23
N THR D 543 -21.15 -6.31 -22.50
CA THR D 543 -20.21 -7.14 -23.27
C THR D 543 -18.84 -6.47 -23.39
N MET D 544 -17.77 -7.19 -23.03
CA MET D 544 -16.40 -6.71 -23.17
C MET D 544 -15.67 -7.75 -24.03
N ARG D 545 -15.15 -7.33 -25.19
CA ARG D 545 -14.44 -8.22 -26.11
C ARG D 545 -13.01 -7.77 -26.38
N VAL D 546 -12.08 -8.73 -26.38
CA VAL D 546 -10.65 -8.48 -26.64
C VAL D 546 -10.32 -9.00 -28.04
N VAL D 547 -10.14 -8.09 -29.00
CA VAL D 547 -9.90 -8.45 -30.41
C VAL D 547 -8.65 -7.78 -31.01
N PRO D 548 -7.95 -8.49 -31.92
CA PRO D 548 -6.97 -7.82 -32.78
C PRO D 548 -7.64 -6.90 -33.79
N VAL D 549 -6.96 -5.79 -34.09
CA VAL D 549 -7.41 -4.81 -35.09
C VAL D 549 -7.23 -5.38 -36.51
N PRO D 550 -8.31 -5.42 -37.33
CA PRO D 550 -8.20 -5.84 -38.73
C PRO D 550 -7.52 -4.78 -39.63
P1 FBP E . 14.11 3.56 38.50
O1P FBP E . 14.06 2.05 38.64
O2P FBP E . 15.51 4.13 38.47
O3P FBP E . 13.12 4.32 39.35
O1 FBP E . 13.54 3.81 37.01
C1 FBP E . 14.34 3.68 35.85
C2 FBP E . 13.41 3.90 34.66
O2 FBP E . 14.15 3.71 33.43
C3 FBP E . 12.84 5.31 34.68
O3 FBP E . 13.76 6.19 34.05
C4 FBP E . 11.50 5.14 33.99
O4 FBP E . 10.58 6.16 34.35
C5 FBP E . 11.07 3.77 34.53
O5 FBP E . 12.28 3.01 34.70
C6 FBP E . 10.06 3.05 33.63
O6 FBP E . 9.20 2.25 34.45
P2 FBP E . 7.74 1.78 33.98
O4P FBP E . 7.96 0.95 32.76
O5P FBP E . 6.96 3.04 33.71
O6P FBP E . 7.25 0.98 35.16
C1 7Y0 F . -2.22 -15.49 0.51
C2 7Y0 F . -0.53 -10.74 11.52
C3 7Y0 F . -3.32 -15.31 1.31
C4 7Y0 F . 0.54 -11.33 10.88
C5 7Y0 F . -1.59 -14.41 -0.05
C6 7Y0 F . -1.00 -9.53 11.09
C7 7Y0 F . -4.20 -15.21 4.54
C8 7Y0 F . 1.15 -13.72 8.68
C9 7Y0 F . -5.86 -13.73 4.78
C10 7Y0 F . 3.06 -13.21 7.62
C11 7Y0 F . -3.78 -14.03 1.58
C12 7Y0 F . 1.10 -10.73 9.78
C13 7Y0 F . -4.99 -14.26 3.84
C14 7Y0 F . 2.14 -12.71 8.51
C15 7Y0 F . -2.08 -13.14 0.19
C16 7Y0 F . -0.42 -8.90 10.02
C17 7Y0 F . -3.17 -12.94 1.01
C18 7Y0 F . 0.64 -9.50 9.34
C19 7Y0 F . -4.59 -15.25 5.86
C20 7Y0 F . 1.47 -14.81 7.89
C21 7Y0 F . -5.01 -13.86 2.42
C22 7Y0 F . 2.29 -11.38 9.12
C23 7Y0 F . -4.02 -16.09 6.92
C24 7Y0 F . 0.72 -16.07 7.78
C25 7Y0 F . -6.34 -13.95 7.19
C26 7Y0 F . 3.42 -15.26 6.31
C27 7Y0 F . -2.13 -17.55 7.31
C28 7Y0 F . -1.36 -17.08 8.52
N29 7Y0 F . -5.61 -14.31 5.98
N30 7Y0 F . 2.66 -14.46 7.25
N31 7Y0 F . -2.72 -16.43 6.64
N32 7Y0 F . -0.59 -15.90 8.19
O33 7Y0 F . -6.02 -13.44 1.89
O34 7Y0 F . 3.37 -10.82 9.19
O35 7Y0 F . -4.63 -16.52 7.89
O36 7Y0 F . 1.18 -17.14 7.44
CL1 7Y0 F . -1.27 -11.81 -0.54
CL2 7Y0 F . -1.02 -7.39 9.50
CL3 7Y0 F . -3.72 -11.32 1.28
CL4 7Y0 F . 1.36 -8.70 8.00
P1 FBP G . -16.73 -24.96 -28.52
O1P FBP G . -15.74 -25.46 -29.54
O2P FBP G . -16.66 -25.68 -27.19
O3P FBP G . -18.13 -24.76 -29.07
O1 FBP G . -16.21 -23.46 -28.22
C1 FBP G . -16.68 -22.67 -27.11
C2 FBP G . -15.55 -21.83 -26.50
O2 FBP G . -16.13 -20.75 -25.76
C3 FBP G . -14.57 -21.24 -27.52
O3 FBP G . -15.08 -20.07 -28.12
C4 FBP G . -13.32 -21.04 -26.68
O4 FBP G . -12.14 -20.94 -27.48
C5 FBP G . -13.34 -22.33 -25.88
O5 FBP G . -14.73 -22.60 -25.61
C6 FBP G . -12.48 -22.29 -24.62
O6 FBP G . -11.74 -23.51 -24.52
P2 FBP G . -10.27 -23.59 -23.87
O4P FBP G . -9.90 -25.02 -24.15
O5P FBP G . -9.44 -22.53 -24.57
O6P FBP G . -10.44 -23.38 -22.40
C1 7Y0 H . -4.00 11.69 -8.95
C2 7Y0 H . 6.73 13.32 -3.55
C3 7Y0 H . -2.85 11.54 -9.69
C4 7Y0 H . 5.61 13.88 -2.99
C5 7Y0 H . -4.33 10.75 -8.00
C6 7Y0 H . 6.93 11.96 -3.47
C7 7Y0 H . 0.28 12.68 -9.83
C8 7Y0 H . 2.54 14.81 -3.98
C9 7Y0 H . 1.50 11.09 -10.85
C10 7Y0 H . 1.42 15.08 -2.06
C11 7Y0 H . -2.01 10.48 -9.45
C12 7Y0 H . 4.66 13.08 -2.39
C13 7Y0 H . 0.27 11.33 -10.29
C14 7Y0 H . 2.53 14.49 -2.60
C15 7Y0 H . -3.49 9.67 -7.79
C16 7Y0 H . 6.00 11.17 -2.85
C17 7Y0 H . -2.33 9.52 -8.51
C18 7Y0 H . 4.86 11.71 -2.30
C19 7Y0 H . 1.52 13.23 -10.10
C20 7Y0 H . 1.44 15.60 -4.26
C21 7Y0 H . -0.79 10.31 -10.29
C22 7Y0 H . 3.46 13.71 -1.76
C23 7Y0 H . 1.98 14.61 -9.81
C24 7Y0 H . 1.05 16.16 -5.56
C25 7Y0 H . 3.61 12.28 -11.23
C26 7Y0 H . -0.48 16.47 -2.79
C27 7Y0 H . 1.24 16.67 -8.77
C28 7Y0 H . 2.12 17.10 -7.59
N29 7Y0 H . 2.25 12.22 -10.73
N30 7Y0 H . 0.76 15.74 -3.04
N31 7Y0 H . 1.19 15.22 -8.87
N32 7Y0 H . 2.08 16.13 -6.49
O33 7Y0 H . -0.73 9.36 -11.05
O34 7Y0 H . 3.32 13.65 -0.55
O35 7Y0 H . 2.90 15.19 -10.36
O36 7Y0 H . -0.08 16.58 -5.82
CL1 7Y0 H . -3.93 8.50 -6.61
CL2 7Y0 H . 6.27 9.47 -2.77
CL3 7Y0 H . -1.32 8.15 -8.20
CL4 7Y0 H . 3.73 10.67 -1.53
P1 FBP I . 29.63 19.27 20.66
O1P FBP I . 31.09 18.93 20.46
O2P FBP I . 29.21 19.54 22.09
O3P FBP I . 29.08 20.28 19.67
O1 FBP I . 28.88 17.92 20.25
C1 FBP I . 27.47 17.77 20.44
C2 FBP I . 26.91 16.72 19.48
O2 FBP I . 25.52 16.52 19.77
C3 FBP I . 27.65 15.40 19.55
O3 FBP I . 27.02 14.56 20.52
C4 FBP I . 27.50 14.86 18.15
O4 FBP I . 28.58 14.00 17.80
C5 FBP I . 27.56 16.13 17.32
O5 FBP I . 27.02 17.19 18.13
C6 FBP I . 26.84 16.02 15.99
O6 FBP I . 27.63 16.65 15.00
P2 FBP I . 27.64 16.10 13.49
O4P FBP I . 28.21 14.70 13.54
O5P FBP I . 26.21 16.19 13.03
O6P FBP I . 28.55 17.08 12.81
P1 FBP J . -28.07 0.92 -30.31
O1P FBP J . -27.92 -0.17 -31.35
O2P FBP J . -27.36 2.21 -30.65
O3P FBP J . -29.47 1.12 -29.78
O1 FBP J . -27.31 0.36 -29.01
C1 FBP J . -25.90 0.19 -28.95
C2 FBP J . -25.46 0.03 -27.51
O2 FBP J . -24.17 -0.58 -27.48
C3 FBP J . -26.44 -0.78 -26.66
O3 FBP J . -26.29 -2.17 -26.89
C4 FBP J . -26.10 -0.31 -25.27
O4 FBP J . -27.15 -0.62 -24.37
C5 FBP J . -25.96 1.18 -25.53
O5 FBP J . -25.41 1.31 -26.84
C6 FBP J . -25.14 1.94 -24.50
O6 FBP J . -25.46 3.33 -24.58
P2 FBP J . -25.51 4.32 -23.32
O4P FBP J . -24.08 4.69 -23.05
O5P FBP J . -26.31 5.48 -23.86
O6P FBP J . -26.15 3.57 -22.19
#